data_6TI3
#
_entry.id   6TI3
#
_cell.length_a   200.393
_cell.length_b   113.692
_cell.length_c   133.147
_cell.angle_alpha   90.000
_cell.angle_beta   94.510
_cell.angle_gamma   90.000
#
_symmetry.space_group_name_H-M   'C 1 2 1'
#
loop_
_entity.id
_entity.type
_entity.pdbx_description
1 polymer 'Serine hydroxymethyltransferase'
2 non-polymer GLYCEROL
3 non-polymer D-THREONINE
4 non-polymer 'SODIUM ION'
5 water water
#
_entity_poly.entity_id   1
_entity_poly.type   'polypeptide(L)'
_entity_poly.pdbx_seq_one_letter_code
;MIFDKEDYKAFDPELWNAIDAEAERQQNNIELIASENVVSKAVMAAQGTLLTNKSAEGYPGKRYYGGTAVIDVVETLAIE
RAKKLFGAKFANVQPHSGSQANAAVYMSLIQPGDTVMGMDLSAGGHLTHGAPVSFSGKTYNFVSYNVDKESELLDYDAIL
AQAKEVRPKLIVAGASAYSRIIDFAKFREIADAVGAYLMVDMAHIAGLVASGHHPSPVPYAHVTTTTTHKTLRGPRGGLI
LTDDEDIAKKLNSAVFPGLQGGPLEHVIAAKAVALKEALDPAFKEYGENVIKNAAAMADVFNQHPDFRVISGGTNNHLFL
VDVTKVVENGKVAQNVLEEVNITLNKNSIPYEQLSPFKTSGIRVGSPAITSRGMGEAESRQIAEWMVEALENHDKPEVLE
RIRGDVKVLTDAFPLY
;
_entity_poly.pdbx_strand_id   A,C,B,D
#
# COMPACT_ATOMS: atom_id res chain seq x y z
N ASP A 7 -5.21 -23.58 -15.36
CA ASP A 7 -3.79 -23.20 -15.07
C ASP A 7 -3.79 -21.69 -14.86
N TYR A 8 -3.33 -20.90 -15.84
CA TYR A 8 -3.23 -19.44 -15.58
C TYR A 8 -4.60 -18.82 -15.37
N LYS A 9 -5.70 -19.49 -15.75
CA LYS A 9 -7.00 -18.82 -15.67
C LYS A 9 -7.64 -18.98 -14.30
N ALA A 10 -7.16 -19.99 -13.59
CA ALA A 10 -7.67 -20.28 -12.26
C ALA A 10 -7.29 -19.12 -11.34
N PHE A 11 -6.16 -18.48 -11.62
CA PHE A 11 -5.71 -17.36 -10.80
C PHE A 11 -6.62 -16.12 -10.96
N ASP A 12 -7.23 -15.88 -12.13
CA ASP A 12 -8.06 -14.63 -12.33
C ASP A 12 -9.39 -14.98 -13.07
N PRO A 13 -10.28 -15.70 -12.41
CA PRO A 13 -11.54 -16.04 -12.97
C PRO A 13 -12.38 -14.79 -13.33
N GLU A 14 -12.24 -13.70 -12.63
CA GLU A 14 -13.07 -12.59 -13.00
C GLU A 14 -12.71 -12.10 -14.43
N LEU A 15 -11.43 -12.02 -14.76
CA LEU A 15 -11.02 -11.51 -16.06
C LEU A 15 -11.33 -12.59 -17.11
N TRP A 16 -10.85 -13.81 -16.92
CA TRP A 16 -11.07 -14.88 -17.88
C TRP A 16 -12.55 -15.24 -18.10
N ASN A 17 -13.42 -15.09 -17.13
CA ASN A 17 -14.81 -15.29 -17.38
C ASN A 17 -15.32 -14.15 -18.26
N ALA A 18 -14.86 -12.94 -18.06
CA ALA A 18 -15.37 -11.83 -18.83
C ALA A 18 -14.97 -12.01 -20.31
N ILE A 19 -13.84 -12.65 -20.55
CA ILE A 19 -13.38 -12.90 -21.89
C ILE A 19 -14.23 -14.01 -22.50
N ASP A 20 -14.56 -15.05 -21.74
CA ASP A 20 -15.53 -16.03 -22.26
C ASP A 20 -16.87 -15.35 -22.57
N ALA A 21 -17.30 -14.43 -21.74
CA ALA A 21 -18.57 -13.81 -22.02
C ALA A 21 -18.49 -13.01 -23.32
N GLU A 22 -17.32 -12.44 -23.63
CA GLU A 22 -17.26 -11.58 -24.79
C GLU A 22 -17.21 -12.47 -26.04
N ALA A 23 -16.48 -13.59 -26.00
CA ALA A 23 -16.54 -14.58 -27.03
C ALA A 23 -17.99 -15.02 -27.33
N GLU A 24 -18.78 -15.34 -26.33
CA GLU A 24 -20.17 -15.76 -26.50
C GLU A 24 -20.98 -14.59 -27.06
N ARG A 25 -20.77 -13.37 -26.56
CA ARG A 25 -21.50 -12.19 -27.03
C ARG A 25 -21.27 -11.98 -28.53
N GLN A 26 -20.02 -12.16 -28.98
CA GLN A 26 -19.61 -11.97 -30.39
C GLN A 26 -20.27 -13.06 -31.23
N GLN A 27 -20.30 -14.30 -30.70
CA GLN A 27 -21.00 -15.39 -31.38
C GLN A 27 -22.49 -15.04 -31.58
N ASN A 28 -23.17 -14.50 -30.59
CA ASN A 28 -24.65 -14.31 -30.64
C ASN A 28 -25.05 -12.96 -31.27
N ASN A 29 -24.09 -12.23 -31.82
CA ASN A 29 -24.39 -10.89 -32.31
C ASN A 29 -24.25 -10.89 -33.83
N ILE A 30 -25.05 -10.02 -34.45
CA ILE A 30 -24.93 -9.78 -35.86
C ILE A 30 -24.22 -8.44 -35.92
N GLU A 31 -22.95 -8.52 -36.34
CA GLU A 31 -22.13 -7.30 -36.32
C GLU A 31 -22.18 -6.60 -37.69
N LEU A 32 -22.85 -5.46 -37.79
CA LEU A 32 -22.88 -4.67 -39.04
C LEU A 32 -22.13 -3.33 -38.88
N ILE A 33 -21.43 -3.08 -37.75
CA ILE A 33 -20.59 -1.87 -37.64
C ILE A 33 -19.51 -2.01 -38.73
N ALA A 34 -19.49 -1.05 -39.63
CA ALA A 34 -18.77 -1.20 -40.93
C ALA A 34 -17.22 -1.27 -40.74
N SER A 35 -16.74 -0.78 -39.60
CA SER A 35 -15.31 -0.77 -39.21
C SER A 35 -14.88 -2.11 -38.61
N GLU A 36 -15.79 -3.06 -38.33
CA GLU A 36 -15.44 -4.25 -37.58
C GLU A 36 -15.15 -5.38 -38.53
N ASN A 37 -14.34 -6.29 -38.00
CA ASN A 37 -14.10 -7.54 -38.69
C ASN A 37 -13.82 -8.67 -37.69
N VAL A 38 -13.41 -9.80 -38.22
CA VAL A 38 -13.19 -11.01 -37.48
C VAL A 38 -11.84 -11.54 -37.87
N VAL A 39 -10.82 -11.38 -37.02
CA VAL A 39 -9.50 -11.76 -37.47
C VAL A 39 -9.32 -13.27 -37.36
N SER A 40 -8.31 -13.76 -38.05
CA SER A 40 -8.02 -15.18 -38.01
C SER A 40 -7.41 -15.61 -36.68
N LYS A 41 -7.29 -16.94 -36.52
CA LYS A 41 -6.72 -17.49 -35.31
C LYS A 41 -5.24 -17.16 -35.30
N ALA A 42 -4.62 -17.19 -36.46
CA ALA A 42 -3.19 -16.91 -36.58
C ALA A 42 -2.84 -15.47 -36.20
N VAL A 43 -3.73 -14.53 -36.51
CA VAL A 43 -3.44 -13.12 -36.20
C VAL A 43 -3.52 -12.96 -34.70
N MET A 44 -4.53 -13.56 -34.07
CA MET A 44 -4.61 -13.54 -32.60
C MET A 44 -3.40 -14.20 -31.93
N ALA A 45 -2.95 -15.32 -32.44
CA ALA A 45 -1.84 -16.02 -31.83
C ALA A 45 -0.58 -15.21 -31.97
N ALA A 46 -0.41 -14.51 -33.09
CA ALA A 46 0.83 -13.74 -33.26
C ALA A 46 0.94 -12.70 -32.14
N GLN A 47 -0.19 -12.16 -31.78
CA GLN A 47 -0.20 -11.05 -30.88
C GLN A 47 -0.01 -11.56 -29.47
N GLY A 48 -0.32 -12.83 -29.26
CA GLY A 48 -0.10 -13.47 -28.00
C GLY A 48 1.26 -14.14 -27.85
N THR A 49 2.32 -13.65 -28.49
CA THR A 49 3.63 -14.31 -28.40
C THR A 49 4.64 -13.50 -27.52
N LEU A 50 5.80 -14.07 -27.25
CA LEU A 50 6.82 -13.41 -26.39
C LEU A 50 7.58 -12.34 -27.15
N LEU A 51 7.16 -11.97 -28.36
CA LEU A 51 7.82 -10.77 -28.93
C LEU A 51 7.45 -9.52 -28.12
N THR A 52 6.41 -9.57 -27.32
CA THR A 52 6.07 -8.45 -26.45
C THR A 52 7.23 -8.16 -25.46
N ASN A 53 8.11 -9.15 -25.19
CA ASN A 53 9.14 -8.92 -24.19
C ASN A 53 10.23 -8.08 -24.80
N LYS A 54 10.33 -7.94 -26.14
CA LYS A 54 11.56 -7.36 -26.66
C LYS A 54 11.28 -5.95 -27.19
N SER A 55 12.03 -4.97 -26.66
CA SER A 55 11.99 -3.59 -27.05
C SER A 55 12.81 -3.39 -28.32
N ALA A 56 12.27 -2.65 -29.29
CA ALA A 56 12.87 -2.63 -30.59
C ALA A 56 13.00 -1.20 -31.09
N GLU A 57 13.16 -0.28 -30.17
CA GLU A 57 13.37 1.12 -30.56
C GLU A 57 14.29 1.17 -31.79
N GLY A 58 13.88 1.96 -32.78
CA GLY A 58 14.57 2.16 -34.04
C GLY A 58 13.92 1.36 -35.15
N TYR A 59 14.69 1.06 -36.19
CA TYR A 59 14.21 0.39 -37.38
C TYR A 59 15.14 -0.79 -37.73
N PRO A 60 14.72 -1.72 -38.57
CA PRO A 60 15.56 -2.91 -38.92
C PRO A 60 16.99 -2.49 -39.30
N GLY A 61 18.01 -3.15 -38.69
CA GLY A 61 19.41 -2.83 -39.03
C GLY A 61 19.86 -1.53 -38.39
N LYS A 62 18.96 -0.80 -37.69
CA LYS A 62 19.32 0.50 -37.03
C LYS A 62 18.61 0.64 -35.68
N ARG A 63 18.76 -0.37 -34.85
CA ARG A 63 18.13 -0.47 -33.56
C ARG A 63 18.97 0.19 -32.47
N TYR A 64 18.32 0.60 -31.40
CA TYR A 64 19.04 1.13 -30.23
C TYR A 64 19.73 -0.01 -29.46
N TYR A 65 19.10 -1.17 -29.45
CA TYR A 65 19.43 -2.30 -28.63
C TYR A 65 19.87 -3.48 -29.49
N GLY A 66 20.83 -4.27 -29.01
CA GLY A 66 21.20 -5.53 -29.59
C GLY A 66 20.18 -6.59 -29.22
N GLY A 67 20.36 -7.81 -29.69
CA GLY A 67 19.41 -8.88 -29.49
C GLY A 67 18.20 -8.74 -30.44
N THR A 68 18.36 -7.97 -31.48
CA THR A 68 17.26 -7.56 -32.33
C THR A 68 17.33 -8.14 -33.73
N ALA A 69 18.20 -9.12 -34.00
CA ALA A 69 18.33 -9.70 -35.36
C ALA A 69 17.02 -10.37 -35.79
N VAL A 70 16.39 -11.09 -34.89
CA VAL A 70 15.20 -11.81 -35.24
C VAL A 70 13.97 -10.88 -35.35
N ILE A 71 13.80 -9.95 -34.41
CA ILE A 71 12.79 -8.88 -34.47
C ILE A 71 12.86 -8.25 -35.85
N ASP A 72 14.09 -7.96 -36.33
CA ASP A 72 14.36 -7.42 -37.62
C ASP A 72 13.82 -8.26 -38.79
N VAL A 73 13.93 -9.57 -38.68
CA VAL A 73 13.39 -10.43 -39.73
C VAL A 73 11.86 -10.27 -39.71
N VAL A 74 11.23 -10.25 -38.53
CA VAL A 74 9.78 -10.21 -38.39
C VAL A 74 9.27 -8.86 -38.88
N GLU A 75 9.96 -7.77 -38.53
CA GLU A 75 9.49 -6.43 -38.97
C GLU A 75 9.68 -6.27 -40.49
N THR A 76 10.84 -6.68 -41.02
CA THR A 76 11.14 -6.75 -42.44
C THR A 76 10.06 -7.56 -43.18
N LEU A 77 9.65 -8.70 -42.70
CA LEU A 77 8.64 -9.41 -43.34
C LEU A 77 7.37 -8.53 -43.45
N ALA A 78 6.96 -7.87 -42.36
CA ALA A 78 5.76 -6.97 -42.44
C ALA A 78 5.93 -5.89 -43.48
N ILE A 79 7.06 -5.22 -43.49
CA ILE A 79 7.33 -4.14 -44.38
C ILE A 79 7.30 -4.66 -45.82
N GLU A 80 7.91 -5.83 -46.10
CA GLU A 80 8.05 -6.32 -47.46
C GLU A 80 6.68 -6.79 -47.97
N ARG A 81 5.87 -7.37 -47.12
CA ARG A 81 4.59 -7.84 -47.50
C ARG A 81 3.66 -6.63 -47.75
N ALA A 82 3.76 -5.59 -46.94
CA ALA A 82 2.92 -4.34 -47.19
C ALA A 82 3.32 -3.74 -48.53
N LYS A 83 4.62 -3.66 -48.78
CA LYS A 83 5.09 -3.15 -50.02
C LYS A 83 4.62 -3.98 -51.20
N LYS A 84 4.61 -5.29 -51.07
CA LYS A 84 4.21 -6.08 -52.14
C LYS A 84 2.69 -6.01 -52.35
N LEU A 85 1.93 -6.09 -51.30
CA LEU A 85 0.50 -6.13 -51.37
C LEU A 85 0.00 -4.81 -51.93
N PHE A 86 0.62 -3.69 -51.59
CA PHE A 86 0.02 -2.44 -51.97
C PHE A 86 0.81 -1.75 -53.08
N GLY A 87 1.97 -2.30 -53.44
CA GLY A 87 2.70 -1.82 -54.64
C GLY A 87 3.44 -0.55 -54.30
N ALA A 88 3.82 -0.37 -53.06
CA ALA A 88 4.51 0.85 -52.64
C ALA A 88 6.01 0.59 -52.47
N LYS A 89 6.86 1.61 -52.64
CA LYS A 89 8.30 1.31 -52.49
C LYS A 89 8.78 1.41 -51.04
N PHE A 90 8.03 2.09 -50.14
CA PHE A 90 8.44 2.16 -48.69
C PHE A 90 7.21 1.95 -47.79
N ALA A 91 7.36 1.29 -46.67
CA ALA A 91 6.33 1.05 -45.73
C ALA A 91 6.91 1.22 -44.32
N ASN A 92 6.06 1.67 -43.40
CA ASN A 92 6.41 1.76 -41.95
C ASN A 92 5.29 1.07 -41.22
N VAL A 93 5.60 0.03 -40.47
CA VAL A 93 4.62 -0.81 -39.87
C VAL A 93 4.57 -0.53 -38.38
N GLN A 94 5.28 0.49 -37.94
CA GLN A 94 5.28 0.78 -36.43
C GLN A 94 4.08 1.59 -35.86
N PRO A 95 3.29 2.32 -36.63
CA PRO A 95 2.34 3.17 -35.89
C PRO A 95 1.40 2.34 -35.03
N HIS A 96 1.09 2.74 -33.80
CA HIS A 96 0.27 1.95 -32.92
C HIS A 96 -1.22 1.97 -33.32
N SER A 97 -1.60 2.96 -34.10
CA SER A 97 -2.97 3.12 -34.51
C SER A 97 -3.03 3.91 -35.81
N GLY A 98 -4.24 4.01 -36.37
CA GLY A 98 -4.44 4.90 -37.49
C GLY A 98 -4.32 6.34 -37.10
N SER A 99 -4.63 6.72 -35.88
CA SER A 99 -4.43 8.10 -35.44
C SER A 99 -2.96 8.47 -35.41
N GLN A 100 -2.12 7.53 -34.88
CA GLN A 100 -0.66 7.78 -34.85
C GLN A 100 -0.12 7.85 -36.29
N ALA A 101 -0.61 6.96 -37.18
CA ALA A 101 -0.12 7.02 -38.53
C ALA A 101 -0.41 8.37 -39.16
N ASN A 102 -1.64 8.85 -38.98
CA ASN A 102 -2.04 10.14 -39.59
C ASN A 102 -1.22 11.27 -38.99
N ALA A 103 -1.08 11.24 -37.64
CA ALA A 103 -0.31 12.30 -36.96
C ALA A 103 1.11 12.31 -37.51
N ALA A 104 1.67 11.11 -37.81
CA ALA A 104 3.07 11.08 -38.30
C ALA A 104 3.13 11.73 -39.66
N VAL A 105 2.11 11.50 -40.46
CA VAL A 105 2.15 12.08 -41.79
C VAL A 105 2.01 13.61 -41.70
N TYR A 106 1.10 14.11 -40.87
CA TYR A 106 1.02 15.63 -40.80
C TYR A 106 2.37 16.21 -40.32
N MET A 107 2.94 15.54 -39.36
CA MET A 107 4.24 15.98 -38.80
C MET A 107 5.31 15.97 -39.87
N SER A 108 5.25 15.08 -40.88
CA SER A 108 6.28 14.94 -41.90
C SER A 108 6.08 15.92 -43.04
N LEU A 109 4.85 16.30 -43.38
CA LEU A 109 4.61 17.07 -44.61
C LEU A 109 4.25 18.54 -44.35
N ILE A 110 3.71 18.92 -43.21
CA ILE A 110 3.20 20.29 -43.05
C ILE A 110 3.63 20.81 -41.67
N GLN A 111 3.37 22.09 -41.41
N GLN A 111 3.44 22.13 -41.46
CA GLN A 111 3.74 22.74 -40.14
CA GLN A 111 3.67 22.82 -40.14
C GLN A 111 2.46 23.08 -39.34
C GLN A 111 2.39 22.85 -39.30
N PRO A 112 2.52 23.02 -37.98
CA PRO A 112 1.44 23.53 -37.12
C PRO A 112 0.82 24.82 -37.71
N GLY A 113 -0.49 24.91 -37.76
CA GLY A 113 -1.12 26.16 -38.39
C GLY A 113 -1.38 26.04 -39.90
N ASP A 114 -0.84 25.05 -40.64
CA ASP A 114 -1.01 25.03 -42.13
C ASP A 114 -2.42 24.58 -42.37
N THR A 115 -3.01 24.98 -43.47
CA THR A 115 -4.31 24.55 -43.89
C THR A 115 -4.32 23.13 -44.52
N VAL A 116 -5.28 22.32 -44.07
CA VAL A 116 -5.51 20.98 -44.55
C VAL A 116 -6.96 20.87 -44.96
N MET A 117 -7.21 20.37 -46.16
CA MET A 117 -8.55 20.08 -46.53
C MET A 117 -8.89 18.61 -46.33
N GLY A 118 -10.01 18.32 -45.72
CA GLY A 118 -10.38 16.94 -45.46
C GLY A 118 -11.86 16.72 -45.71
N MET A 119 -12.33 15.46 -45.73
CA MET A 119 -13.75 15.26 -46.06
C MET A 119 -14.63 15.56 -44.83
N ASP A 120 -15.77 16.20 -45.08
CA ASP A 120 -16.64 16.74 -43.99
C ASP A 120 -17.02 15.55 -43.14
N LEU A 121 -16.83 15.70 -41.86
CA LEU A 121 -17.19 14.72 -40.78
C LEU A 121 -18.65 14.22 -40.92
N SER A 122 -19.59 15.04 -41.43
CA SER A 122 -21.00 14.59 -41.73
C SER A 122 -21.09 13.72 -42.98
N ALA A 123 -20.10 13.84 -43.88
CA ALA A 123 -20.18 13.10 -45.20
C ALA A 123 -19.27 11.87 -45.15
N GLY A 124 -18.56 11.62 -44.04
CA GLY A 124 -17.55 10.49 -44.11
C GLY A 124 -16.17 10.84 -43.52
N GLY A 125 -15.91 12.07 -43.16
CA GLY A 125 -14.58 12.38 -42.64
C GLY A 125 -14.34 11.73 -41.28
N HIS A 126 -13.10 11.29 -41.04
CA HIS A 126 -12.67 10.66 -39.77
C HIS A 126 -12.41 11.78 -38.76
N LEU A 127 -12.46 11.43 -37.47
CA LEU A 127 -12.09 12.37 -36.33
C LEU A 127 -10.70 13.00 -36.56
N THR A 128 -9.72 12.18 -37.06
CA THR A 128 -8.31 12.59 -37.22
C THR A 128 -8.10 13.45 -38.48
N HIS A 129 -9.20 13.66 -39.22
CA HIS A 129 -9.21 14.54 -40.37
C HIS A 129 -9.81 15.89 -39.96
N GLY A 130 -9.59 16.29 -38.71
CA GLY A 130 -9.75 17.69 -38.35
C GLY A 130 -10.89 18.00 -37.39
N ALA A 131 -11.49 17.01 -36.73
CA ALA A 131 -12.46 17.33 -35.63
C ALA A 131 -11.80 18.29 -34.61
N PRO A 132 -12.57 19.31 -34.12
CA PRO A 132 -11.99 20.26 -33.14
C PRO A 132 -11.57 19.58 -31.83
N VAL A 133 -12.14 18.41 -31.57
CA VAL A 133 -11.84 17.64 -30.36
C VAL A 133 -10.60 16.76 -30.56
N SER A 134 -10.06 16.69 -31.80
CA SER A 134 -8.89 15.85 -32.22
C SER A 134 -7.65 16.70 -32.14
N PHE A 135 -6.47 16.13 -31.84
CA PHE A 135 -5.19 16.88 -32.03
C PHE A 135 -5.09 17.46 -33.46
N SER A 136 -5.75 16.77 -34.42
CA SER A 136 -5.72 17.16 -35.84
C SER A 136 -6.29 18.58 -35.97
N GLY A 137 -7.49 18.74 -35.47
CA GLY A 137 -8.16 20.00 -35.49
C GLY A 137 -7.47 21.03 -34.63
N LYS A 138 -6.84 20.64 -33.53
CA LYS A 138 -6.27 21.62 -32.65
C LYS A 138 -4.96 22.15 -33.23
N THR A 139 -4.21 21.36 -33.99
CA THR A 139 -2.83 21.77 -34.39
C THR A 139 -2.78 22.42 -35.78
N TYR A 140 -3.68 21.98 -36.66
CA TYR A 140 -3.62 22.44 -38.05
C TYR A 140 -4.94 23.20 -38.30
N ASN A 141 -5.00 23.91 -39.41
CA ASN A 141 -6.26 24.57 -39.87
C ASN A 141 -7.04 23.67 -40.83
N PHE A 142 -7.97 22.85 -40.35
CA PHE A 142 -8.73 21.98 -41.21
C PHE A 142 -9.92 22.70 -41.83
N VAL A 143 -10.12 22.48 -43.10
CA VAL A 143 -11.27 23.03 -43.80
C VAL A 143 -11.93 21.87 -44.52
N SER A 144 -13.21 21.69 -44.39
CA SER A 144 -13.79 20.45 -44.86
C SER A 144 -14.41 20.64 -46.25
N TYR A 145 -14.38 19.57 -47.06
CA TYR A 145 -15.16 19.55 -48.32
C TYR A 145 -16.25 18.52 -48.08
N ASN A 146 -17.26 18.62 -48.87
CA ASN A 146 -18.45 17.82 -48.70
C ASN A 146 -18.73 17.09 -50.03
N VAL A 147 -19.80 16.34 -50.10
CA VAL A 147 -20.36 15.86 -51.32
C VAL A 147 -21.39 16.88 -51.86
N ASP A 148 -21.77 16.71 -53.08
CA ASP A 148 -22.84 17.45 -53.66
C ASP A 148 -24.18 17.17 -52.98
N LYS A 149 -24.94 18.24 -52.71
CA LYS A 149 -26.19 18.17 -51.98
C LYS A 149 -27.19 17.26 -52.70
N GLU A 150 -27.25 17.37 -54.02
CA GLU A 150 -28.29 16.66 -54.76
C GLU A 150 -27.84 15.23 -55.05
N SER A 151 -26.62 14.97 -55.53
CA SER A 151 -26.22 13.54 -55.92
C SER A 151 -25.73 12.73 -54.73
N GLU A 152 -25.27 13.45 -53.72
CA GLU A 152 -24.49 12.95 -52.59
C GLU A 152 -23.21 12.28 -53.10
N LEU A 153 -22.64 12.72 -54.22
CA LEU A 153 -21.36 12.21 -54.68
C LEU A 153 -20.32 13.31 -54.55
N LEU A 154 -19.05 12.93 -54.47
CA LEU A 154 -17.96 13.88 -54.53
C LEU A 154 -18.04 14.59 -55.85
N ASP A 155 -17.79 15.92 -55.88
CA ASP A 155 -17.89 16.68 -57.09
C ASP A 155 -16.55 17.28 -57.21
N TYR A 156 -15.72 16.75 -58.10
CA TYR A 156 -14.32 17.10 -58.16
C TYR A 156 -14.16 18.54 -58.65
N ASP A 157 -15.02 19.03 -59.49
CA ASP A 157 -14.98 20.47 -59.87
C ASP A 157 -15.23 21.40 -58.67
N ALA A 158 -16.19 21.07 -57.81
CA ALA A 158 -16.46 21.88 -56.58
C ALA A 158 -15.30 21.77 -55.61
N ILE A 159 -14.66 20.58 -55.50
CA ILE A 159 -13.56 20.44 -54.58
C ILE A 159 -12.40 21.28 -55.11
N LEU A 160 -12.16 21.24 -56.43
CA LEU A 160 -11.06 22.08 -57.00
C LEU A 160 -11.34 23.59 -56.74
N ALA A 161 -12.54 24.05 -56.99
CA ALA A 161 -12.88 25.49 -56.76
C ALA A 161 -12.65 25.82 -55.28
N GLN A 162 -13.05 24.96 -54.33
CA GLN A 162 -12.70 25.26 -52.92
C GLN A 162 -11.19 25.23 -52.69
N ALA A 163 -10.44 24.27 -53.27
CA ALA A 163 -9.02 24.22 -53.01
C ALA A 163 -8.33 25.49 -53.55
N LYS A 164 -8.80 26.02 -54.67
CA LYS A 164 -8.22 27.28 -55.17
C LYS A 164 -8.48 28.46 -54.21
N GLU A 165 -9.62 28.52 -53.53
CA GLU A 165 -9.95 29.57 -52.49
C GLU A 165 -9.12 29.39 -51.24
N VAL A 166 -8.97 28.14 -50.81
CA VAL A 166 -8.42 27.85 -49.46
C VAL A 166 -6.92 27.60 -49.52
N ARG A 167 -6.39 27.21 -50.68
CA ARG A 167 -4.97 26.93 -50.89
C ARG A 167 -4.40 26.05 -49.77
N PRO A 168 -4.90 24.82 -49.67
CA PRO A 168 -4.34 23.97 -48.61
C PRO A 168 -2.89 23.58 -48.89
N LYS A 169 -2.18 23.30 -47.84
CA LYS A 169 -0.88 22.68 -48.02
C LYS A 169 -0.99 21.15 -48.23
N LEU A 170 -2.06 20.59 -47.71
CA LEU A 170 -2.26 19.13 -47.73
C LEU A 170 -3.74 18.88 -47.97
N ILE A 171 -4.05 17.99 -48.90
CA ILE A 171 -5.45 17.52 -49.05
C ILE A 171 -5.50 16.08 -48.56
N VAL A 172 -6.49 15.74 -47.71
CA VAL A 172 -6.77 14.40 -47.25
C VAL A 172 -8.00 13.86 -47.95
N ALA A 173 -7.88 12.66 -48.53
CA ALA A 173 -9.04 11.96 -49.09
C ALA A 173 -9.19 10.64 -48.35
N GLY A 174 -10.40 10.12 -48.34
CA GLY A 174 -10.77 8.95 -47.56
C GLY A 174 -11.88 9.29 -46.55
N ALA A 175 -12.64 8.27 -46.19
CA ALA A 175 -13.94 8.46 -45.56
C ALA A 175 -14.36 7.19 -44.83
N SER A 176 -15.17 7.38 -43.83
CA SER A 176 -15.68 6.25 -43.04
C SER A 176 -17.15 6.01 -43.36
N ALA A 177 -17.74 6.81 -44.25
CA ALA A 177 -19.21 6.64 -44.51
C ALA A 177 -19.57 6.99 -45.97
N TYR A 178 -18.62 7.04 -46.89
CA TYR A 178 -18.84 7.22 -48.27
C TYR A 178 -18.87 5.85 -48.92
N SER A 179 -19.94 5.63 -49.66
CA SER A 179 -20.22 4.31 -50.28
C SER A 179 -19.68 4.18 -51.72
N ARG A 180 -19.15 5.21 -52.33
CA ARG A 180 -18.85 5.14 -53.75
C ARG A 180 -17.33 5.14 -54.01
N ILE A 181 -16.99 4.79 -55.24
CA ILE A 181 -15.59 4.69 -55.68
C ILE A 181 -14.98 6.08 -55.68
N ILE A 182 -13.86 6.22 -54.96
CA ILE A 182 -13.15 7.48 -55.00
C ILE A 182 -12.19 7.50 -56.16
N ASP A 183 -12.15 8.64 -56.87
CA ASP A 183 -11.26 8.80 -58.04
C ASP A 183 -9.99 9.44 -57.52
N PHE A 184 -9.01 8.61 -57.22
CA PHE A 184 -7.84 9.13 -56.63
C PHE A 184 -7.02 9.93 -57.60
N ALA A 185 -7.07 9.59 -58.87
CA ALA A 185 -6.30 10.35 -59.82
C ALA A 185 -6.81 11.78 -59.86
N LYS A 186 -8.11 11.99 -59.79
CA LYS A 186 -8.65 13.38 -59.73
C LYS A 186 -8.23 14.08 -58.46
N PHE A 187 -8.18 13.37 -57.32
CA PHE A 187 -7.69 14.05 -56.16
C PHE A 187 -6.25 14.51 -56.37
N ARG A 188 -5.41 13.70 -56.96
CA ARG A 188 -3.99 14.10 -57.15
C ARG A 188 -3.90 15.26 -58.18
N GLU A 189 -4.73 15.26 -59.22
CA GLU A 189 -4.84 16.38 -60.15
C GLU A 189 -5.24 17.66 -59.36
N ILE A 190 -6.24 17.61 -58.49
CA ILE A 190 -6.60 18.79 -57.67
C ILE A 190 -5.41 19.22 -56.81
N ALA A 191 -4.75 18.29 -56.15
CA ALA A 191 -3.65 18.65 -55.30
C ALA A 191 -2.59 19.36 -56.13
N ASP A 192 -2.26 18.74 -57.25
CA ASP A 192 -1.33 19.33 -58.18
C ASP A 192 -1.70 20.70 -58.69
N ALA A 193 -2.93 20.94 -59.06
CA ALA A 193 -3.35 22.25 -59.50
C ALA A 193 -3.15 23.35 -58.41
N VAL A 194 -3.08 23.05 -57.13
CA VAL A 194 -2.89 24.08 -56.09
C VAL A 194 -1.56 23.88 -55.38
N GLY A 195 -0.71 22.95 -55.82
CA GLY A 195 0.58 22.78 -55.18
C GLY A 195 0.45 22.21 -53.77
N ALA A 196 -0.58 21.41 -53.48
CA ALA A 196 -0.67 20.67 -52.23
C ALA A 196 -0.11 19.22 -52.33
N TYR A 197 0.32 18.67 -51.20
CA TYR A 197 0.44 17.23 -50.99
C TYR A 197 -0.96 16.59 -50.92
N LEU A 198 -1.06 15.35 -51.36
CA LEU A 198 -2.21 14.48 -51.20
C LEU A 198 -1.86 13.35 -50.26
N MET A 199 -2.65 13.23 -49.20
CA MET A 199 -2.59 12.09 -48.32
C MET A 199 -3.91 11.34 -48.50
N VAL A 200 -3.86 10.06 -48.64
CA VAL A 200 -5.09 9.31 -48.63
C VAL A 200 -5.06 8.44 -47.38
N ASP A 201 -6.12 8.54 -46.61
CA ASP A 201 -6.41 7.57 -45.50
C ASP A 201 -7.39 6.50 -46.01
N MET A 202 -6.85 5.32 -46.30
CA MET A 202 -7.61 4.21 -46.88
C MET A 202 -8.08 3.21 -45.83
N ALA A 203 -8.05 3.58 -44.56
CA ALA A 203 -8.31 2.64 -43.48
C ALA A 203 -9.59 1.84 -43.75
N HIS A 204 -10.69 2.52 -44.10
CA HIS A 204 -11.96 1.79 -44.24
C HIS A 204 -11.94 0.85 -45.45
N ILE A 205 -11.24 1.23 -46.54
CA ILE A 205 -11.33 0.48 -47.76
C ILE A 205 -10.10 -0.38 -48.04
N ALA A 206 -9.15 -0.44 -47.12
CA ALA A 206 -7.84 -1.00 -47.48
C ALA A 206 -7.96 -2.45 -47.93
N GLY A 207 -8.81 -3.25 -47.31
CA GLY A 207 -9.01 -4.63 -47.71
C GLY A 207 -9.59 -4.75 -49.12
N LEU A 208 -10.41 -3.79 -49.57
CA LEU A 208 -10.97 -3.82 -50.94
C LEU A 208 -9.89 -3.32 -51.91
N VAL A 209 -9.05 -2.44 -51.41
CA VAL A 209 -7.91 -2.11 -52.24
C VAL A 209 -7.00 -3.36 -52.38
N ALA A 210 -6.70 -4.04 -51.32
CA ALA A 210 -5.86 -5.26 -51.45
C ALA A 210 -6.53 -6.34 -52.33
N SER A 211 -7.83 -6.49 -52.15
CA SER A 211 -8.60 -7.49 -52.87
C SER A 211 -8.76 -7.18 -54.37
N GLY A 212 -8.40 -5.99 -54.83
CA GLY A 212 -8.61 -5.56 -56.23
C GLY A 212 -9.96 -4.89 -56.47
N HIS A 213 -10.88 -4.76 -55.53
CA HIS A 213 -12.21 -4.20 -55.76
C HIS A 213 -12.30 -2.70 -55.57
N HIS A 214 -11.29 -2.01 -55.05
CA HIS A 214 -11.32 -0.56 -55.09
C HIS A 214 -10.00 -0.12 -55.70
N PRO A 215 -10.03 0.84 -56.60
CA PRO A 215 -8.83 1.46 -57.15
C PRO A 215 -7.85 1.80 -56.02
N SER A 216 -6.56 1.78 -56.33
CA SER A 216 -5.54 1.99 -55.27
C SER A 216 -5.21 3.46 -55.18
N PRO A 217 -5.05 3.99 -53.99
CA PRO A 217 -4.55 5.35 -53.98
C PRO A 217 -3.03 5.48 -54.08
N VAL A 218 -2.36 4.34 -54.00
CA VAL A 218 -0.90 4.35 -53.73
C VAL A 218 -0.12 5.00 -54.88
N PRO A 219 -0.54 4.82 -56.12
CA PRO A 219 0.17 5.53 -57.18
C PRO A 219 -0.07 7.04 -57.23
N TYR A 220 -1.08 7.54 -56.52
CA TYR A 220 -1.52 8.94 -56.66
C TYR A 220 -1.26 9.74 -55.39
N ALA A 221 -1.32 9.12 -54.24
CA ALA A 221 -1.16 9.86 -53.02
C ALA A 221 0.34 10.03 -52.76
N HIS A 222 0.79 11.18 -52.24
CA HIS A 222 2.18 11.30 -51.76
C HIS A 222 2.41 10.31 -50.64
N VAL A 223 1.38 10.15 -49.79
CA VAL A 223 1.47 9.27 -48.69
C VAL A 223 0.12 8.64 -48.49
N THR A 224 0.12 7.30 -48.30
CA THR A 224 -1.11 6.55 -47.97
C THR A 224 -1.04 6.04 -46.56
N THR A 225 -2.07 6.32 -45.78
CA THR A 225 -2.11 5.65 -44.44
C THR A 225 -3.26 4.64 -44.39
N THR A 226 -3.19 3.75 -43.41
CA THR A 226 -4.29 2.85 -43.20
C THR A 226 -4.18 2.29 -41.79
N THR A 227 -5.30 1.73 -41.29
CA THR A 227 -5.27 0.80 -40.21
C THR A 227 -5.00 -0.58 -40.77
N THR A 228 -4.46 -1.46 -39.96
CA THR A 228 -4.31 -2.81 -40.41
C THR A 228 -5.54 -3.58 -40.02
N HIS A 229 -6.34 -3.04 -39.14
CA HIS A 229 -7.62 -3.66 -38.94
C HIS A 229 -8.68 -3.02 -39.89
N LYS A 230 -9.91 -3.49 -39.80
CA LYS A 230 -11.16 -3.07 -40.62
C LYS A 230 -11.22 -3.99 -41.82
N THR A 231 -11.37 -3.49 -43.04
CA THR A 231 -11.58 -4.44 -44.14
C THR A 231 -10.33 -5.29 -44.35
N LEU A 232 -9.16 -4.80 -44.02
CA LEU A 232 -7.90 -5.60 -44.30
C LEU A 232 -7.77 -6.80 -43.38
N ARG A 233 -8.56 -6.76 -42.32
CA ARG A 233 -8.84 -7.89 -41.47
C ARG A 233 -7.59 -8.27 -40.64
N GLY A 234 -6.78 -7.28 -40.32
CA GLY A 234 -5.60 -7.48 -39.49
C GLY A 234 -5.77 -7.11 -38.04
N PRO A 235 -4.65 -7.16 -37.30
CA PRO A 235 -4.64 -6.69 -35.89
C PRO A 235 -4.84 -5.20 -35.86
N ARG A 236 -5.21 -4.67 -34.71
CA ARG A 236 -5.43 -3.23 -34.60
C ARG A 236 -4.06 -2.55 -34.54
N GLY A 237 -3.92 -1.50 -35.36
CA GLY A 237 -2.62 -0.91 -35.58
C GLY A 237 -2.62 -0.02 -36.81
N GLY A 238 -1.47 0.65 -37.10
CA GLY A 238 -1.38 1.52 -38.29
C GLY A 238 -0.32 1.09 -39.29
N LEU A 239 -0.31 1.74 -40.43
CA LEU A 239 0.58 1.45 -41.52
C LEU A 239 0.67 2.70 -42.35
N ILE A 240 1.88 3.08 -42.79
CA ILE A 240 2.06 4.16 -43.70
C ILE A 240 2.86 3.70 -44.95
N LEU A 241 2.45 4.15 -46.14
CA LEU A 241 3.07 3.81 -47.41
C LEU A 241 3.41 5.05 -48.18
N THR A 242 4.54 4.97 -48.90
CA THR A 242 4.95 6.06 -49.81
C THR A 242 5.85 5.49 -50.92
N ASP A 243 5.97 6.21 -52.02
CA ASP A 243 6.93 5.89 -53.07
C ASP A 243 8.14 6.86 -53.04
N ASP A 244 8.11 7.89 -52.18
CA ASP A 244 9.08 8.96 -52.25
C ASP A 244 10.07 8.77 -51.12
N GLU A 245 11.34 8.65 -51.49
CA GLU A 245 12.32 8.18 -50.48
C GLU A 245 12.64 9.27 -49.43
N ASP A 246 12.59 10.52 -49.82
CA ASP A 246 12.78 11.61 -48.90
C ASP A 246 11.60 11.74 -47.97
N ILE A 247 10.40 11.50 -48.48
CA ILE A 247 9.27 11.48 -47.60
C ILE A 247 9.38 10.31 -46.66
N ALA A 248 9.83 9.16 -47.16
CA ALA A 248 9.87 7.98 -46.27
C ALA A 248 10.78 8.25 -45.06
N LYS A 249 11.86 8.94 -45.29
CA LYS A 249 12.80 9.18 -44.19
C LYS A 249 12.16 10.13 -43.17
N LYS A 250 11.37 11.10 -43.60
CA LYS A 250 10.66 11.98 -42.62
C LYS A 250 9.60 11.20 -41.87
N LEU A 251 8.88 10.33 -42.58
CA LEU A 251 7.87 9.52 -41.90
C LEU A 251 8.53 8.69 -40.83
N ASN A 252 9.64 8.00 -41.17
CA ASN A 252 10.30 7.15 -40.21
C ASN A 252 10.65 7.95 -38.94
N SER A 253 11.26 9.09 -39.08
CA SER A 253 11.63 9.91 -37.90
C SER A 253 10.35 10.40 -37.16
N ALA A 254 9.24 10.70 -37.87
CA ALA A 254 8.06 11.26 -37.21
C ALA A 254 7.44 10.16 -36.34
N VAL A 255 7.48 8.91 -36.84
CA VAL A 255 6.89 7.83 -36.07
C VAL A 255 7.75 7.57 -34.83
N PHE A 256 9.05 7.47 -35.04
CA PHE A 256 9.96 7.19 -33.91
C PHE A 256 11.28 7.93 -34.19
N PRO A 257 11.77 8.82 -33.31
CA PRO A 257 11.28 9.18 -32.01
C PRO A 257 10.28 10.35 -31.96
N GLY A 258 9.68 10.76 -33.08
CA GLY A 258 8.73 11.89 -33.07
C GLY A 258 7.48 11.65 -32.23
N LEU A 259 6.79 10.51 -32.33
CA LEU A 259 5.49 10.34 -31.70
C LEU A 259 5.41 9.13 -30.83
N GLN A 260 6.24 8.16 -31.12
CA GLN A 260 6.13 6.92 -30.33
C GLN A 260 7.51 6.61 -29.72
N GLY A 261 7.54 5.65 -28.85
CA GLY A 261 8.79 5.00 -28.45
C GLY A 261 8.96 3.72 -29.29
N GLY A 262 9.09 2.62 -28.60
CA GLY A 262 9.31 1.39 -29.31
C GLY A 262 7.98 0.82 -29.80
N PRO A 263 8.04 0.04 -30.88
CA PRO A 263 6.86 -0.54 -31.50
C PRO A 263 6.37 -1.78 -30.75
N LEU A 264 5.17 -2.19 -31.08
CA LEU A 264 4.65 -3.39 -30.49
C LEU A 264 5.02 -4.56 -31.42
N GLU A 265 6.09 -5.33 -31.16
CA GLU A 265 6.60 -6.20 -32.21
C GLU A 265 5.71 -7.42 -32.34
N HIS A 266 5.05 -7.81 -31.26
CA HIS A 266 4.07 -8.87 -31.37
C HIS A 266 2.88 -8.47 -32.26
N VAL A 267 2.52 -7.18 -32.28
CA VAL A 267 1.39 -6.72 -33.17
C VAL A 267 1.94 -6.65 -34.59
N ILE A 268 3.19 -6.24 -34.74
CA ILE A 268 3.80 -6.20 -36.04
C ILE A 268 3.91 -7.63 -36.63
N ALA A 269 4.17 -8.65 -35.80
CA ALA A 269 4.12 -10.04 -36.28
C ALA A 269 2.69 -10.33 -36.77
N ALA A 270 1.69 -9.89 -36.08
CA ALA A 270 0.32 -10.11 -36.48
C ALA A 270 -0.01 -9.32 -37.76
N LYS A 271 0.61 -8.15 -37.96
CA LYS A 271 0.48 -7.49 -39.22
C LYS A 271 1.13 -8.33 -40.33
N ALA A 272 2.34 -8.92 -40.13
CA ALA A 272 2.93 -9.77 -41.14
C ALA A 272 1.97 -10.90 -41.50
N VAL A 273 1.35 -11.48 -40.52
CA VAL A 273 0.46 -12.65 -40.77
C VAL A 273 -0.72 -12.19 -41.63
N ALA A 274 -1.38 -11.08 -41.24
CA ALA A 274 -2.56 -10.54 -41.90
C ALA A 274 -2.23 -10.14 -43.33
N LEU A 275 -1.04 -9.56 -43.56
CA LEU A 275 -0.73 -9.18 -44.90
C LEU A 275 -0.51 -10.42 -45.80
N LYS A 276 0.14 -11.48 -45.33
CA LYS A 276 0.21 -12.67 -46.13
C LYS A 276 -1.20 -13.25 -46.38
N GLU A 277 -2.05 -13.29 -45.39
CA GLU A 277 -3.52 -13.66 -45.67
C GLU A 277 -4.08 -12.82 -46.82
N ALA A 278 -3.77 -11.55 -46.90
CA ALA A 278 -4.40 -10.65 -47.88
C ALA A 278 -3.75 -10.85 -49.25
N LEU A 279 -2.55 -11.37 -49.27
CA LEU A 279 -1.87 -11.61 -50.53
C LEU A 279 -2.33 -12.93 -51.13
N ASP A 280 -3.06 -13.72 -50.39
CA ASP A 280 -3.55 -15.01 -50.93
C ASP A 280 -4.80 -14.85 -51.84
N PRO A 281 -4.90 -15.69 -52.86
CA PRO A 281 -6.09 -15.61 -53.77
C PRO A 281 -7.46 -15.70 -53.08
N ALA A 282 -7.61 -16.38 -51.94
CA ALA A 282 -8.86 -16.40 -51.25
C ALA A 282 -9.22 -14.99 -50.78
N PHE A 283 -8.25 -14.12 -50.58
CA PHE A 283 -8.67 -12.79 -50.06
C PHE A 283 -9.47 -12.04 -51.16
N LYS A 284 -9.14 -12.24 -52.42
CA LYS A 284 -9.95 -11.65 -53.52
C LYS A 284 -11.40 -12.08 -53.49
N GLU A 285 -11.61 -13.37 -53.20
CA GLU A 285 -12.97 -13.87 -53.04
C GLU A 285 -13.66 -13.22 -51.88
N TYR A 286 -12.93 -13.07 -50.77
CA TYR A 286 -13.47 -12.37 -49.62
C TYR A 286 -13.93 -10.97 -50.06
N GLY A 287 -13.08 -10.27 -50.74
CA GLY A 287 -13.46 -8.90 -51.12
C GLY A 287 -14.69 -8.89 -52.05
N GLU A 288 -14.85 -9.88 -52.91
CA GLU A 288 -16.05 -9.95 -53.81
C GLU A 288 -17.31 -10.16 -53.00
N ASN A 289 -17.19 -10.98 -51.97
CA ASN A 289 -18.35 -11.22 -51.13
C ASN A 289 -18.65 -10.02 -50.25
N VAL A 290 -17.62 -9.28 -49.81
CA VAL A 290 -17.94 -8.08 -49.08
C VAL A 290 -18.85 -7.20 -49.98
N ILE A 291 -18.46 -7.05 -51.25
CA ILE A 291 -19.11 -6.10 -52.12
C ILE A 291 -20.56 -6.56 -52.33
N LYS A 292 -20.70 -7.85 -52.63
CA LYS A 292 -22.08 -8.46 -52.95
C LYS A 292 -22.96 -8.45 -51.72
N ASN A 293 -22.35 -8.68 -50.55
CA ASN A 293 -23.21 -8.68 -49.32
C ASN A 293 -23.66 -7.27 -49.06
N ALA A 294 -22.75 -6.32 -49.21
CA ALA A 294 -23.23 -5.00 -48.89
C ALA A 294 -24.35 -4.58 -49.86
N ALA A 295 -24.21 -4.93 -51.12
CA ALA A 295 -25.15 -4.52 -52.20
C ALA A 295 -26.53 -5.16 -51.99
N ALA A 296 -26.54 -6.41 -51.55
CA ALA A 296 -27.79 -7.14 -51.17
C ALA A 296 -28.49 -6.41 -50.02
N MET A 297 -27.77 -5.99 -48.97
CA MET A 297 -28.48 -5.27 -47.94
C MET A 297 -28.94 -3.90 -48.44
N ALA A 298 -28.13 -3.18 -49.22
CA ALA A 298 -28.55 -1.85 -49.60
C ALA A 298 -29.79 -1.98 -50.52
N ASP A 299 -29.94 -3.08 -51.18
CA ASP A 299 -31.05 -3.24 -52.13
C ASP A 299 -32.44 -3.31 -51.41
N VAL A 300 -32.44 -3.99 -50.24
CA VAL A 300 -33.63 -4.07 -49.38
C VAL A 300 -34.03 -2.64 -49.01
N PHE A 301 -33.11 -1.78 -48.60
CA PHE A 301 -33.54 -0.49 -48.22
C PHE A 301 -33.93 0.33 -49.45
N ASN A 302 -33.22 0.12 -50.56
CA ASN A 302 -33.53 0.91 -51.77
C ASN A 302 -35.02 0.67 -52.16
N GLN A 303 -35.43 -0.61 -52.27
CA GLN A 303 -36.78 -1.03 -52.66
C GLN A 303 -37.85 -0.46 -51.73
N HIS A 304 -37.53 -0.33 -50.47
CA HIS A 304 -38.52 0.02 -49.56
C HIS A 304 -38.77 1.54 -49.62
N PRO A 305 -40.08 1.90 -49.60
CA PRO A 305 -40.54 3.25 -49.80
C PRO A 305 -40.19 4.14 -48.60
N ASP A 306 -40.02 3.57 -47.45
CA ASP A 306 -39.87 4.44 -46.30
C ASP A 306 -38.38 4.70 -45.94
N PHE A 307 -37.45 4.10 -46.70
CA PHE A 307 -36.01 4.27 -46.49
C PHE A 307 -35.36 4.77 -47.77
N ARG A 308 -34.45 5.73 -47.63
CA ARG A 308 -33.55 6.15 -48.70
C ARG A 308 -32.06 5.81 -48.38
N VAL A 309 -31.38 5.15 -49.32
CA VAL A 309 -29.90 4.89 -49.22
C VAL A 309 -29.16 6.12 -49.71
N ILE A 310 -28.22 6.62 -48.92
CA ILE A 310 -27.46 7.79 -49.36
C ILE A 310 -26.74 7.41 -50.67
N SER A 311 -26.86 8.31 -51.68
CA SER A 311 -26.20 8.18 -53.01
C SER A 311 -26.91 7.09 -53.82
N GLY A 312 -27.90 6.46 -53.20
CA GLY A 312 -28.74 5.48 -53.97
C GLY A 312 -28.20 4.07 -53.95
N GLY A 313 -27.16 3.78 -53.15
CA GLY A 313 -26.53 2.47 -53.31
C GLY A 313 -25.09 2.48 -52.76
N THR A 314 -24.32 1.48 -53.16
CA THR A 314 -22.89 1.36 -52.75
C THR A 314 -22.13 0.56 -53.79
N ASN A 315 -20.81 0.83 -53.83
CA ASN A 315 -19.82 0.05 -54.56
C ASN A 315 -18.66 -0.34 -53.60
N ASN A 316 -18.86 -0.23 -52.28
CA ASN A 316 -17.87 -0.73 -51.28
C ASN A 316 -18.61 -1.58 -50.23
N HIS A 317 -18.13 -1.58 -48.99
CA HIS A 317 -18.50 -2.52 -47.97
C HIS A 317 -19.63 -1.94 -47.11
N LEU A 318 -20.01 -0.71 -47.37
CA LEU A 318 -20.93 -0.05 -46.49
C LEU A 318 -21.95 0.82 -47.26
N PHE A 319 -22.94 1.27 -46.50
CA PHE A 319 -23.94 2.28 -46.93
C PHE A 319 -24.62 2.92 -45.71
N LEU A 320 -25.17 4.14 -45.93
CA LEU A 320 -25.96 4.86 -44.99
C LEU A 320 -27.45 4.81 -45.42
N VAL A 321 -28.37 4.80 -44.43
CA VAL A 321 -29.83 4.84 -44.66
C VAL A 321 -30.44 5.99 -43.84
N ASP A 322 -31.23 6.82 -44.50
CA ASP A 322 -32.03 7.88 -43.84
C ASP A 322 -33.24 7.09 -43.29
N VAL A 323 -33.33 6.99 -41.96
CA VAL A 323 -34.38 6.22 -41.27
C VAL A 323 -35.50 7.18 -40.79
N THR A 324 -35.42 8.50 -40.98
CA THR A 324 -36.25 9.41 -40.23
C THR A 324 -37.74 9.34 -40.62
N LYS A 325 -38.15 8.59 -41.62
CA LYS A 325 -39.58 8.48 -41.92
C LYS A 325 -40.16 7.36 -41.11
N VAL A 326 -39.30 6.59 -40.44
CA VAL A 326 -39.78 5.43 -39.77
C VAL A 326 -39.51 5.54 -38.27
N VAL A 327 -38.33 5.96 -37.83
CA VAL A 327 -38.14 6.24 -36.41
C VAL A 327 -37.62 7.67 -36.33
N GLU A 328 -37.55 8.21 -35.14
CA GLU A 328 -37.29 9.64 -35.01
C GLU A 328 -35.86 10.00 -35.47
N ASN A 329 -34.88 9.12 -35.24
CA ASN A 329 -33.46 9.49 -35.53
C ASN A 329 -32.60 8.24 -35.53
N GLY A 330 -31.32 8.40 -35.90
CA GLY A 330 -30.54 7.19 -36.06
C GLY A 330 -30.24 6.58 -34.71
N LYS A 331 -30.10 7.48 -33.73
CA LYS A 331 -29.87 6.96 -32.33
C LYS A 331 -30.98 5.97 -31.97
N VAL A 332 -32.23 6.35 -32.25
CA VAL A 332 -33.33 5.41 -31.90
C VAL A 332 -33.17 4.11 -32.68
N ALA A 333 -32.84 4.23 -33.98
CA ALA A 333 -32.73 3.00 -34.82
C ALA A 333 -31.66 2.06 -34.25
N GLN A 334 -30.52 2.69 -33.91
CA GLN A 334 -29.42 1.88 -33.29
C GLN A 334 -29.96 1.16 -32.03
N ASN A 335 -30.73 1.90 -31.20
CA ASN A 335 -31.22 1.25 -29.92
C ASN A 335 -32.16 0.08 -30.21
N VAL A 336 -33.02 0.25 -31.21
CA VAL A 336 -34.00 -0.81 -31.50
C VAL A 336 -33.30 -2.05 -31.98
N LEU A 337 -32.35 -1.85 -32.89
CA LEU A 337 -31.69 -3.03 -33.49
C LEU A 337 -30.79 -3.75 -32.46
N GLU A 338 -30.24 -2.97 -31.54
CA GLU A 338 -29.48 -3.63 -30.42
C GLU A 338 -30.43 -4.60 -29.71
N GLU A 339 -31.75 -4.25 -29.60
CA GLU A 339 -32.71 -5.20 -28.90
C GLU A 339 -32.87 -6.49 -29.67
N VAL A 340 -32.50 -6.57 -30.96
CA VAL A 340 -32.62 -7.86 -31.66
C VAL A 340 -31.25 -8.50 -31.97
N ASN A 341 -30.17 -8.08 -31.29
CA ASN A 341 -28.81 -8.70 -31.52
C ASN A 341 -28.20 -8.31 -32.89
N ILE A 342 -28.38 -7.04 -33.23
CA ILE A 342 -27.81 -6.47 -34.44
C ILE A 342 -27.17 -5.15 -34.03
N THR A 343 -25.83 -5.06 -34.16
CA THR A 343 -25.15 -3.81 -33.79
C THR A 343 -24.80 -3.06 -35.08
N LEU A 344 -25.10 -1.75 -35.11
CA LEU A 344 -24.67 -0.87 -36.19
C LEU A 344 -24.53 0.45 -35.50
N ASN A 345 -24.23 1.53 -36.19
CA ASN A 345 -24.08 2.79 -35.49
C ASN A 345 -24.98 3.77 -36.19
N LYS A 346 -25.62 4.61 -35.43
CA LYS A 346 -26.24 5.79 -36.01
C LYS A 346 -25.14 6.59 -36.68
N ASN A 347 -25.48 7.52 -37.54
CA ASN A 347 -24.53 8.15 -38.41
C ASN A 347 -25.20 9.32 -39.09
N SER A 348 -24.57 10.47 -38.96
CA SER A 348 -24.90 11.64 -39.72
C SER A 348 -24.94 11.30 -41.20
N ILE A 349 -25.82 11.99 -41.92
CA ILE A 349 -25.96 11.83 -43.34
C ILE A 349 -25.50 13.14 -43.96
N PRO A 350 -25.22 13.14 -45.25
CA PRO A 350 -24.78 14.44 -45.74
C PRO A 350 -25.80 15.55 -45.47
N TYR A 351 -25.37 16.75 -45.13
CA TYR A 351 -26.25 17.92 -44.91
C TYR A 351 -27.21 17.61 -43.75
N GLU A 352 -26.69 16.86 -42.81
CA GLU A 352 -27.44 16.34 -41.62
C GLU A 352 -28.15 17.52 -40.95
N GLN A 353 -29.46 17.41 -40.75
CA GLN A 353 -30.26 18.47 -40.06
C GLN A 353 -30.29 18.27 -38.54
N LEU A 354 -30.40 17.04 -38.06
CA LEU A 354 -30.55 16.79 -36.64
C LEU A 354 -29.19 16.97 -35.97
N SER A 355 -29.19 16.87 -34.65
CA SER A 355 -28.00 17.01 -33.89
C SER A 355 -27.11 15.77 -34.13
N PRO A 356 -25.80 15.95 -33.99
CA PRO A 356 -24.82 14.87 -34.05
C PRO A 356 -25.12 13.71 -33.10
N PHE A 357 -25.84 13.93 -32.00
CA PHE A 357 -26.05 12.83 -31.03
C PHE A 357 -27.27 12.00 -31.43
N LYS A 358 -28.03 12.55 -32.38
CA LYS A 358 -29.25 11.88 -32.87
C LYS A 358 -29.03 11.33 -34.30
N THR A 359 -28.71 12.23 -35.21
CA THR A 359 -28.48 11.91 -36.64
C THR A 359 -29.76 11.42 -37.30
N SER A 360 -29.77 11.51 -38.63
CA SER A 360 -30.94 11.02 -39.37
C SER A 360 -30.72 9.61 -39.86
N GLY A 361 -29.59 8.97 -39.53
CA GLY A 361 -29.17 7.79 -40.33
C GLY A 361 -28.54 6.67 -39.53
N ILE A 362 -28.46 5.53 -40.20
CA ILE A 362 -27.65 4.42 -39.76
C ILE A 362 -26.58 4.13 -40.83
N ARG A 363 -25.45 3.56 -40.42
CA ARG A 363 -24.44 3.03 -41.33
C ARG A 363 -24.39 1.53 -41.14
N VAL A 364 -24.28 0.83 -42.24
CA VAL A 364 -24.33 -0.60 -42.27
C VAL A 364 -23.14 -1.09 -43.07
N GLY A 365 -22.44 -2.12 -42.58
CA GLY A 365 -21.39 -2.66 -43.34
C GLY A 365 -21.45 -4.16 -43.38
N SER A 366 -20.79 -4.77 -44.39
CA SER A 366 -20.82 -6.21 -44.56
C SER A 366 -19.55 -6.97 -44.17
N PRO A 367 -18.44 -6.31 -43.83
CA PRO A 367 -17.25 -7.18 -43.67
C PRO A 367 -17.30 -8.23 -42.57
N ALA A 368 -17.84 -7.91 -41.43
CA ALA A 368 -17.87 -8.95 -40.32
C ALA A 368 -18.76 -10.14 -40.68
N ILE A 369 -19.97 -9.89 -41.21
CA ILE A 369 -20.82 -11.07 -41.51
C ILE A 369 -20.23 -11.86 -42.65
N THR A 370 -19.50 -11.18 -43.53
CA THR A 370 -18.90 -11.88 -44.61
C THR A 370 -17.78 -12.75 -44.11
N SER A 371 -16.99 -12.26 -43.11
CA SER A 371 -15.89 -13.07 -42.63
C SER A 371 -16.48 -14.28 -41.87
N ARG A 372 -17.70 -14.19 -41.34
CA ARG A 372 -18.34 -15.45 -40.71
C ARG A 372 -18.91 -16.40 -41.77
N GLY A 373 -18.88 -16.04 -43.06
CA GLY A 373 -19.30 -16.97 -44.12
C GLY A 373 -20.68 -16.65 -44.67
N MET A 374 -21.34 -15.62 -44.19
CA MET A 374 -22.63 -15.30 -44.68
C MET A 374 -22.57 -14.79 -46.15
N GLY A 375 -23.62 -15.06 -46.92
CA GLY A 375 -23.74 -14.75 -48.29
C GLY A 375 -24.86 -13.76 -48.53
N GLU A 376 -25.23 -13.68 -49.81
CA GLU A 376 -26.23 -12.67 -50.22
C GLU A 376 -27.58 -12.98 -49.59
N ALA A 377 -27.91 -14.27 -49.54
CA ALA A 377 -29.27 -14.65 -48.99
C ALA A 377 -29.40 -14.22 -47.52
N GLU A 378 -28.39 -14.54 -46.77
CA GLU A 378 -28.34 -14.11 -45.34
C GLU A 378 -28.37 -12.60 -45.16
N SER A 379 -27.57 -11.92 -46.02
CA SER A 379 -27.46 -10.49 -45.98
C SER A 379 -28.82 -9.85 -46.25
N ARG A 380 -29.50 -10.30 -47.31
CA ARG A 380 -30.85 -9.79 -47.59
C ARG A 380 -31.75 -10.03 -46.38
N GLN A 381 -31.70 -11.21 -45.85
CA GLN A 381 -32.54 -11.53 -44.65
C GLN A 381 -32.24 -10.57 -43.49
N ILE A 382 -30.94 -10.33 -43.22
CA ILE A 382 -30.64 -9.44 -42.10
C ILE A 382 -31.26 -8.09 -42.33
N ALA A 383 -31.09 -7.53 -43.54
CA ALA A 383 -31.69 -6.20 -43.76
C ALA A 383 -33.23 -6.26 -43.68
N GLU A 384 -33.84 -7.38 -44.08
CA GLU A 384 -35.35 -7.48 -43.95
C GLU A 384 -35.73 -7.41 -42.47
N TRP A 385 -34.94 -8.11 -41.65
CA TRP A 385 -35.14 -8.05 -40.19
C TRP A 385 -34.97 -6.62 -39.70
N MET A 386 -34.06 -5.86 -40.29
CA MET A 386 -33.86 -4.53 -39.78
C MET A 386 -35.09 -3.68 -40.15
N VAL A 387 -35.58 -3.84 -41.38
CA VAL A 387 -36.76 -3.08 -41.81
C VAL A 387 -37.91 -3.39 -40.84
N GLU A 388 -38.15 -4.69 -40.62
CA GLU A 388 -39.24 -5.15 -39.70
C GLU A 388 -39.13 -4.50 -38.31
N ALA A 389 -37.94 -4.65 -37.67
CA ALA A 389 -37.75 -4.19 -36.31
C ALA A 389 -37.95 -2.67 -36.23
N LEU A 390 -37.52 -1.92 -37.24
CA LEU A 390 -37.62 -0.46 -37.13
C LEU A 390 -39.10 -0.05 -37.33
N GLU A 391 -39.81 -0.77 -38.20
CA GLU A 391 -41.22 -0.40 -38.49
C GLU A 391 -42.14 -0.80 -37.32
N ASN A 392 -41.63 -1.64 -36.41
CA ASN A 392 -42.35 -2.31 -35.31
C ASN A 392 -41.62 -2.07 -33.99
N HIS A 393 -40.98 -0.90 -33.86
CA HIS A 393 -40.05 -0.70 -32.72
C HIS A 393 -40.82 -0.66 -31.40
N ASP A 394 -42.04 -0.15 -31.42
CA ASP A 394 -42.87 -0.20 -30.23
C ASP A 394 -43.77 -1.44 -30.20
N LYS A 395 -43.34 -2.57 -30.73
CA LYS A 395 -44.06 -3.81 -30.52
C LYS A 395 -43.13 -4.92 -30.04
N PRO A 396 -42.83 -4.95 -28.71
CA PRO A 396 -42.08 -5.98 -28.00
C PRO A 396 -42.33 -7.42 -28.46
N GLU A 397 -43.55 -7.77 -28.83
CA GLU A 397 -43.82 -9.13 -29.35
C GLU A 397 -42.90 -9.38 -30.56
N VAL A 398 -42.77 -8.36 -31.42
CA VAL A 398 -42.15 -8.54 -32.80
C VAL A 398 -40.62 -8.69 -32.64
N LEU A 399 -40.03 -7.69 -31.97
CA LEU A 399 -38.55 -7.62 -31.62
C LEU A 399 -38.15 -8.98 -31.05
N GLU A 400 -38.95 -9.46 -30.09
CA GLU A 400 -38.70 -10.78 -29.51
C GLU A 400 -38.64 -11.86 -30.60
N ARG A 401 -39.55 -11.86 -31.55
CA ARG A 401 -39.51 -12.94 -32.56
C ARG A 401 -38.32 -12.75 -33.53
N ILE A 402 -38.04 -11.49 -33.87
CA ILE A 402 -36.82 -11.19 -34.74
C ILE A 402 -35.57 -11.67 -33.96
N ARG A 403 -35.53 -11.38 -32.64
CA ARG A 403 -34.38 -11.84 -31.81
C ARG A 403 -34.21 -13.34 -31.98
N GLY A 404 -35.32 -14.09 -31.89
CA GLY A 404 -35.22 -15.55 -31.98
C GLY A 404 -34.81 -15.98 -33.37
N ASP A 405 -35.33 -15.27 -34.37
CA ASP A 405 -34.85 -15.54 -35.77
C ASP A 405 -33.32 -15.29 -35.95
N VAL A 406 -32.89 -14.20 -35.35
CA VAL A 406 -31.45 -13.83 -35.46
C VAL A 406 -30.58 -14.92 -34.85
N LYS A 407 -31.04 -15.50 -33.73
CA LYS A 407 -30.31 -16.51 -33.05
C LYS A 407 -30.18 -17.78 -33.87
N VAL A 408 -31.21 -18.11 -34.66
CA VAL A 408 -31.08 -19.28 -35.58
C VAL A 408 -29.98 -19.01 -36.60
N LEU A 409 -29.97 -17.77 -37.09
CA LEU A 409 -28.89 -17.45 -38.10
C LEU A 409 -27.50 -17.54 -37.44
N THR A 410 -27.36 -16.89 -36.29
CA THR A 410 -25.98 -16.88 -35.65
C THR A 410 -25.55 -18.30 -35.31
N ASP A 411 -26.49 -19.09 -34.81
CA ASP A 411 -26.21 -20.50 -34.59
C ASP A 411 -25.68 -21.20 -35.81
N ALA A 412 -26.19 -20.86 -37.01
CA ALA A 412 -25.82 -21.53 -38.27
C ALA A 412 -24.48 -21.04 -38.80
N PHE A 413 -24.06 -19.81 -38.43
CA PHE A 413 -22.71 -19.31 -38.87
C PHE A 413 -21.79 -19.03 -37.65
N PRO A 414 -21.19 -20.09 -37.13
CA PRO A 414 -20.31 -20.03 -35.97
C PRO A 414 -19.17 -19.04 -36.22
N LEU A 415 -18.86 -18.20 -35.24
CA LEU A 415 -17.82 -17.16 -35.38
C LEU A 415 -16.45 -17.83 -35.57
N TYR A 416 -16.09 -18.68 -34.64
CA TYR A 416 -14.88 -19.47 -34.78
C TYR A 416 -15.35 -20.93 -34.68
N ASP B 7 -4.32 -25.81 -37.64
CA ASP B 7 -2.92 -25.71 -38.16
C ASP B 7 -2.65 -24.42 -38.98
N TYR B 8 -2.60 -23.27 -38.31
CA TYR B 8 -2.36 -21.97 -39.00
C TYR B 8 -0.87 -21.78 -39.31
N LYS B 9 0.05 -22.42 -38.59
CA LYS B 9 1.45 -22.09 -38.78
C LYS B 9 1.93 -22.64 -40.12
N ALA B 10 1.25 -23.65 -40.61
CA ALA B 10 1.75 -24.28 -41.85
C ALA B 10 1.50 -23.33 -43.01
N PHE B 11 0.51 -22.47 -42.84
CA PHE B 11 0.25 -21.43 -43.91
C PHE B 11 1.40 -20.43 -44.01
N ASP B 12 2.07 -20.09 -42.88
CA ASP B 12 3.13 -19.02 -42.92
C ASP B 12 4.34 -19.45 -42.11
N PRO B 13 5.13 -20.35 -42.67
CA PRO B 13 6.23 -20.91 -41.95
C PRO B 13 7.33 -19.86 -41.76
N GLU B 14 7.44 -18.93 -42.68
CA GLU B 14 8.48 -17.92 -42.58
C GLU B 14 8.22 -17.02 -41.35
N LEU B 15 6.97 -16.77 -41.00
CA LEU B 15 6.69 -15.87 -39.90
C LEU B 15 6.81 -16.70 -38.63
N TRP B 16 6.20 -17.89 -38.62
CA TRP B 16 6.20 -18.73 -37.42
C TRP B 16 7.59 -19.32 -37.10
N ASN B 17 8.44 -19.57 -38.10
CA ASN B 17 9.80 -19.98 -37.85
C ASN B 17 10.57 -18.83 -37.18
N ALA B 18 10.28 -17.60 -37.56
CA ALA B 18 10.96 -16.44 -37.01
C ALA B 18 10.54 -16.24 -35.54
N ILE B 19 9.31 -16.54 -35.21
CA ILE B 19 8.88 -16.49 -33.82
C ILE B 19 9.55 -17.59 -32.99
N ASP B 20 9.74 -18.79 -33.53
CA ASP B 20 10.41 -19.84 -32.75
C ASP B 20 11.85 -19.36 -32.61
N ALA B 21 12.43 -18.74 -33.62
CA ALA B 21 13.80 -18.27 -33.42
C ALA B 21 13.90 -17.22 -32.31
N GLU B 22 12.88 -16.36 -32.14
CA GLU B 22 13.07 -15.30 -31.14
C GLU B 22 12.88 -15.92 -29.77
N ALA B 23 11.97 -16.88 -29.63
CA ALA B 23 11.83 -17.57 -28.37
C ALA B 23 13.17 -18.25 -28.02
N GLU B 24 13.84 -18.87 -28.97
CA GLU B 24 15.10 -19.51 -28.66
C GLU B 24 16.13 -18.43 -28.34
N ARG B 25 16.06 -17.29 -29.01
CA ARG B 25 17.16 -16.25 -28.83
C ARG B 25 16.99 -15.68 -27.41
N GLN B 26 15.74 -15.51 -26.97
CA GLN B 26 15.44 -14.98 -25.63
C GLN B 26 15.95 -16.01 -24.60
N GLN B 27 15.74 -17.29 -24.83
CA GLN B 27 16.22 -18.33 -23.93
C GLN B 27 17.75 -18.23 -23.79
N ASN B 28 18.48 -18.02 -24.89
CA ASN B 28 19.97 -18.05 -24.85
C ASN B 28 20.57 -16.70 -24.53
N ASN B 29 19.73 -15.72 -24.21
CA ASN B 29 20.25 -14.40 -23.97
C ASN B 29 20.15 -14.10 -22.47
C ASN B 29 20.15 -14.10 -22.47
N ILE B 30 21.11 -13.28 -21.97
CA ILE B 30 21.05 -12.77 -20.60
C ILE B 30 20.63 -11.33 -20.80
N GLU B 31 19.39 -11.05 -20.48
CA GLU B 31 18.86 -9.68 -20.80
C GLU B 31 19.11 -8.71 -19.66
N LEU B 32 19.99 -7.73 -19.79
CA LEU B 32 20.15 -6.76 -18.64
C LEU B 32 19.65 -5.36 -19.06
N ILE B 33 18.94 -5.21 -20.18
CA ILE B 33 18.38 -3.91 -20.54
C ILE B 33 17.30 -3.61 -19.48
N ALA B 34 17.46 -2.48 -18.81
CA ALA B 34 16.77 -2.18 -17.53
C ALA B 34 15.25 -2.01 -17.72
N SER B 35 14.82 -1.75 -18.96
CA SER B 35 13.42 -1.58 -19.36
C SER B 35 12.78 -2.93 -19.62
N GLU B 36 13.50 -4.06 -19.66
CA GLU B 36 12.89 -5.24 -20.25
C GLU B 36 12.33 -6.07 -19.15
N ASN B 37 11.44 -6.99 -19.50
CA ASN B 37 10.91 -7.93 -18.52
C ASN B 37 10.43 -9.16 -19.25
N VAL B 38 9.86 -10.09 -18.50
CA VAL B 38 9.42 -11.36 -19.01
C VAL B 38 8.01 -11.57 -18.55
N VAL B 39 7.00 -11.33 -19.43
CA VAL B 39 5.64 -11.32 -18.94
C VAL B 39 5.16 -12.75 -18.73
N SER B 40 4.14 -12.88 -17.93
CA SER B 40 3.54 -14.17 -17.72
C SER B 40 2.82 -14.68 -18.97
N LYS B 41 2.50 -15.98 -18.93
CA LYS B 41 1.74 -16.63 -19.96
C LYS B 41 0.31 -16.07 -20.02
N ALA B 42 -0.25 -15.73 -18.88
CA ALA B 42 -1.58 -15.16 -18.80
C ALA B 42 -1.59 -13.80 -19.52
N VAL B 43 -0.55 -13.00 -19.40
CA VAL B 43 -0.58 -11.66 -20.00
C VAL B 43 -0.54 -11.81 -21.53
N MET B 44 0.34 -12.66 -22.04
CA MET B 44 0.43 -13.00 -23.46
C MET B 44 -0.88 -13.57 -23.97
N ALA B 45 -1.47 -14.52 -23.25
CA ALA B 45 -2.71 -15.12 -23.70
C ALA B 45 -3.81 -14.07 -23.82
N ALA B 46 -3.89 -13.17 -22.86
CA ALA B 46 -4.94 -12.13 -22.87
C ALA B 46 -4.85 -11.28 -24.14
N GLN B 47 -3.64 -11.04 -24.58
CA GLN B 47 -3.45 -10.12 -25.73
C GLN B 47 -3.78 -10.87 -27.02
N GLY B 48 -3.73 -12.16 -26.95
CA GLY B 48 -4.08 -13.02 -28.05
C GLY B 48 -5.57 -13.43 -28.08
N THR B 49 -6.49 -12.66 -27.57
CA THR B 49 -7.88 -13.04 -27.56
C THR B 49 -8.71 -12.24 -28.62
N LEU B 50 -9.97 -12.61 -28.79
CA LEU B 50 -10.86 -12.00 -29.77
C LEU B 50 -11.35 -10.63 -29.32
N LEU B 51 -10.90 -10.12 -28.17
CA LEU B 51 -11.27 -8.77 -27.84
C LEU B 51 -10.70 -7.77 -28.89
N THR B 52 -9.71 -8.18 -29.67
CA THR B 52 -9.19 -7.33 -30.74
C THR B 52 -10.27 -6.97 -31.80
N ASN B 53 -11.28 -7.82 -31.91
CA ASN B 53 -12.33 -7.59 -32.86
C ASN B 53 -13.20 -6.43 -32.46
N LYS B 54 -13.31 -6.04 -31.19
CA LYS B 54 -14.38 -5.12 -30.82
C LYS B 54 -13.89 -3.67 -30.63
N SER B 55 -14.48 -2.76 -31.40
CA SER B 55 -14.15 -1.38 -31.33
C SER B 55 -14.85 -0.75 -30.11
N ALA B 56 -14.11 -0.03 -29.28
CA ALA B 56 -14.66 0.40 -28.01
C ALA B 56 -14.45 1.90 -27.85
N GLU B 57 -14.54 2.66 -28.92
CA GLU B 57 -14.41 4.11 -28.79
C GLU B 57 -15.24 4.59 -27.61
N GLY B 58 -14.66 5.52 -26.85
CA GLY B 58 -15.26 6.16 -25.65
C GLY B 58 -14.77 5.47 -24.39
N TYR B 59 -15.56 5.47 -23.31
CA TYR B 59 -15.21 4.99 -21.93
C TYR B 59 -16.35 4.12 -21.39
N PRO B 60 -16.11 3.29 -20.37
CA PRO B 60 -17.17 2.39 -19.90
C PRO B 60 -18.48 3.14 -19.61
N GLY B 61 -19.60 2.53 -20.03
CA GLY B 61 -20.91 3.17 -19.93
C GLY B 61 -21.07 4.41 -20.80
N LYS B 62 -20.07 4.80 -21.60
CA LYS B 62 -20.20 5.99 -22.42
C LYS B 62 -19.49 5.77 -23.77
N ARG B 63 -19.78 4.67 -24.38
CA ARG B 63 -19.23 4.23 -25.63
C ARG B 63 -19.98 4.82 -26.84
N TYR B 64 -19.27 5.00 -27.94
CA TYR B 64 -19.88 5.32 -29.24
C TYR B 64 -20.81 4.19 -29.71
N TYR B 65 -20.47 2.94 -29.47
CA TYR B 65 -21.14 1.82 -30.04
C TYR B 65 -21.77 0.89 -28.98
N GLY B 66 -22.86 0.19 -29.33
CA GLY B 66 -23.40 -0.92 -28.51
C GLY B 66 -22.61 -2.21 -28.64
N GLY B 67 -23.13 -3.28 -27.99
CA GLY B 67 -22.43 -4.55 -27.88
C GLY B 67 -21.18 -4.42 -26.98
N THR B 68 -21.12 -3.37 -26.18
CA THR B 68 -19.91 -3.10 -25.42
C THR B 68 -20.03 -3.35 -23.91
N ALA B 69 -21.10 -4.02 -23.42
CA ALA B 69 -21.30 -4.23 -21.99
C ALA B 69 -20.17 -5.09 -21.38
N VAL B 70 -19.72 -6.10 -22.05
CA VAL B 70 -18.71 -6.96 -21.55
C VAL B 70 -17.32 -6.31 -21.64
N ILE B 71 -17.01 -5.64 -22.76
CA ILE B 71 -15.83 -4.84 -22.88
C ILE B 71 -15.77 -3.89 -21.68
N ASP B 72 -16.91 -3.29 -21.34
CA ASP B 72 -16.98 -2.42 -20.17
C ASP B 72 -16.53 -3.07 -18.81
N VAL B 73 -16.88 -4.33 -18.62
CA VAL B 73 -16.46 -5.10 -17.46
C VAL B 73 -14.94 -5.28 -17.53
N VAL B 74 -14.39 -5.60 -18.69
CA VAL B 74 -12.95 -5.81 -18.79
C VAL B 74 -12.22 -4.50 -18.54
N GLU B 75 -12.63 -3.43 -19.17
CA GLU B 75 -11.88 -2.19 -18.94
C GLU B 75 -12.07 -1.70 -17.50
N THR B 76 -13.26 -1.86 -16.93
CA THR B 76 -13.55 -1.47 -15.56
C THR B 76 -12.66 -2.26 -14.60
N LEU B 77 -12.44 -3.54 -14.83
CA LEU B 77 -11.55 -4.31 -13.99
C LEU B 77 -10.15 -3.68 -14.02
N ALA B 78 -9.64 -3.36 -15.22
CA ALA B 78 -8.30 -2.79 -15.30
C ALA B 78 -8.25 -1.50 -14.53
N ILE B 79 -9.23 -0.65 -14.76
CA ILE B 79 -9.25 0.67 -14.12
C ILE B 79 -9.29 0.49 -12.59
N GLU B 80 -10.12 -0.42 -12.11
CA GLU B 80 -10.32 -0.60 -10.67
C GLU B 80 -9.05 -1.19 -10.04
N ARG B 81 -8.41 -2.13 -10.73
CA ARG B 81 -7.21 -2.78 -10.23
C ARG B 81 -6.06 -1.76 -10.20
N ALA B 82 -6.02 -0.86 -11.19
CA ALA B 82 -4.98 0.17 -11.21
C ALA B 82 -5.17 1.11 -10.02
N LYS B 83 -6.42 1.51 -9.83
CA LYS B 83 -6.76 2.41 -8.72
C LYS B 83 -6.36 1.82 -7.36
N LYS B 84 -6.71 0.59 -7.15
CA LYS B 84 -6.46 -0.10 -5.95
C LYS B 84 -4.96 -0.36 -5.79
N LEU B 85 -4.27 -0.85 -6.80
CA LEU B 85 -2.80 -1.11 -6.71
C LEU B 85 -2.11 0.19 -6.37
N PHE B 86 -2.46 1.28 -7.01
CA PHE B 86 -1.63 2.46 -6.82
C PHE B 86 -2.27 3.47 -5.88
N GLY B 87 -3.46 3.17 -5.41
CA GLY B 87 -4.10 4.14 -4.47
C GLY B 87 -4.58 5.44 -5.13
N ALA B 88 -5.04 5.36 -6.36
CA ALA B 88 -5.44 6.62 -7.05
C ALA B 88 -6.97 6.62 -7.21
N LYS B 89 -7.56 7.78 -7.19
CA LYS B 89 -9.02 7.89 -7.31
C LYS B 89 -9.47 7.75 -8.77
N PHE B 90 -8.61 8.11 -9.75
CA PHE B 90 -8.98 7.94 -11.18
C PHE B 90 -7.82 7.26 -11.95
N ALA B 91 -8.20 6.41 -12.90
CA ALA B 91 -7.27 5.82 -13.78
C ALA B 91 -7.84 5.79 -15.21
N ASN B 92 -6.98 5.86 -16.18
CA ASN B 92 -7.26 5.71 -17.61
C ASN B 92 -6.26 4.71 -18.15
N VAL B 93 -6.77 3.56 -18.62
CA VAL B 93 -5.97 2.45 -19.06
C VAL B 93 -5.92 2.43 -20.59
N GLN B 94 -6.41 3.47 -21.27
CA GLN B 94 -6.47 3.33 -22.78
C GLN B 94 -5.19 3.77 -23.51
N PRO B 95 -4.32 4.60 -22.93
CA PRO B 95 -3.14 4.93 -23.78
C PRO B 95 -2.33 3.75 -24.36
N HIS B 96 -1.97 3.87 -25.64
CA HIS B 96 -1.33 2.79 -26.40
C HIS B 96 0.13 2.63 -25.95
N SER B 97 0.72 3.67 -25.39
CA SER B 97 2.10 3.58 -24.97
C SER B 97 2.33 4.61 -23.88
N GLY B 98 3.53 4.59 -23.34
CA GLY B 98 3.93 5.60 -22.42
C GLY B 98 4.07 6.96 -23.10
N SER B 99 4.40 7.00 -24.37
CA SER B 99 4.54 8.26 -25.10
C SER B 99 3.17 8.96 -25.22
N GLN B 100 2.15 8.19 -25.52
CA GLN B 100 0.76 8.72 -25.68
C GLN B 100 0.25 9.12 -24.28
N ALA B 101 0.60 8.34 -23.23
CA ALA B 101 0.21 8.77 -21.88
C ALA B 101 0.76 10.13 -21.55
N ASN B 102 2.05 10.29 -21.78
CA ASN B 102 2.65 11.54 -21.45
C ASN B 102 2.05 12.63 -22.35
N ALA B 103 1.92 12.38 -23.64
CA ALA B 103 1.33 13.43 -24.53
C ALA B 103 -0.04 13.90 -24.01
N ALA B 104 -0.86 12.94 -23.53
CA ALA B 104 -2.20 13.25 -23.03
C ALA B 104 -2.12 14.15 -21.80
N VAL B 105 -1.12 13.93 -20.97
CA VAL B 105 -0.99 14.76 -19.77
C VAL B 105 -0.59 16.17 -20.16
N TYR B 106 0.38 16.30 -21.07
CA TYR B 106 0.82 17.63 -21.46
C TYR B 106 -0.37 18.40 -22.10
N MET B 107 -1.13 17.71 -22.94
CA MET B 107 -2.34 18.29 -23.63
C MET B 107 -3.37 18.75 -22.58
N SER B 108 -3.50 18.01 -21.44
CA SER B 108 -4.45 18.31 -20.39
C SER B 108 -3.99 19.47 -19.50
N LEU B 109 -2.71 19.66 -19.29
CA LEU B 109 -2.29 20.55 -18.23
C LEU B 109 -1.69 21.83 -18.78
N ILE B 110 -1.10 21.80 -19.98
CA ILE B 110 -0.36 23.02 -20.41
C ILE B 110 -0.73 23.32 -21.87
N GLN B 111 -0.15 24.38 -22.43
CA GLN B 111 -0.43 24.79 -23.78
C GLN B 111 0.87 24.72 -24.58
N PRO B 112 0.74 24.62 -25.90
CA PRO B 112 1.85 24.67 -26.77
C PRO B 112 2.70 25.92 -26.48
N GLY B 113 4.01 25.75 -26.40
CA GLY B 113 4.93 26.85 -26.07
C GLY B 113 5.20 27.02 -24.58
N ASP B 114 4.38 26.48 -23.68
CA ASP B 114 4.70 26.66 -22.25
C ASP B 114 6.04 26.01 -21.83
N THR B 115 6.66 26.54 -20.78
CA THR B 115 7.90 26.03 -20.22
C THR B 115 7.67 24.88 -19.25
N VAL B 116 8.50 23.85 -19.41
CA VAL B 116 8.41 22.61 -18.71
C VAL B 116 9.82 22.26 -18.22
N MET B 117 9.93 21.85 -16.99
CA MET B 117 11.23 21.41 -16.49
C MET B 117 11.17 19.89 -16.38
N GLY B 118 12.22 19.23 -16.85
CA GLY B 118 12.31 17.79 -16.80
C GLY B 118 13.73 17.35 -16.51
N MET B 119 13.91 16.09 -16.19
CA MET B 119 15.26 15.65 -15.79
C MET B 119 16.11 15.59 -17.06
N ASP B 120 17.30 16.16 -16.99
CA ASP B 120 18.29 16.15 -18.08
C ASP B 120 18.43 14.73 -18.68
N LEU B 121 18.45 14.68 -20.00
CA LEU B 121 18.49 13.49 -20.83
C LEU B 121 19.82 12.74 -20.57
N SER B 122 20.90 13.37 -20.06
CA SER B 122 22.17 12.66 -19.74
C SER B 122 22.13 11.98 -18.36
N ALA B 123 21.25 12.49 -17.49
CA ALA B 123 21.09 11.97 -16.11
C ALA B 123 19.86 11.08 -15.97
N GLY B 124 19.10 10.85 -17.07
CA GLY B 124 17.98 9.90 -16.97
C GLY B 124 16.63 10.44 -17.42
N GLY B 125 16.53 11.67 -17.85
CA GLY B 125 15.21 12.12 -18.37
C GLY B 125 14.85 11.32 -19.62
N HIS B 126 13.59 11.00 -19.83
CA HIS B 126 13.12 10.18 -21.00
C HIS B 126 13.05 11.07 -22.25
N LEU B 127 12.97 10.44 -23.44
CA LEU B 127 12.83 11.17 -24.75
C LEU B 127 11.60 12.08 -24.69
N THR B 128 10.52 11.59 -24.06
CA THR B 128 9.21 12.33 -24.09
C THR B 128 9.13 13.39 -22.99
N HIS B 129 10.28 13.63 -22.33
CA HIS B 129 10.43 14.71 -21.38
C HIS B 129 11.33 15.77 -22.04
N GLY B 130 11.18 15.96 -23.34
CA GLY B 130 11.72 17.14 -23.91
C GLY B 130 12.81 16.97 -24.95
N ALA B 131 13.10 15.74 -25.43
CA ALA B 131 14.14 15.64 -26.48
C ALA B 131 13.65 16.46 -27.68
N PRO B 132 14.54 17.22 -28.32
CA PRO B 132 14.16 18.01 -29.52
C PRO B 132 13.68 17.13 -30.70
N VAL B 133 14.07 15.85 -30.69
CA VAL B 133 13.62 14.90 -31.74
C VAL B 133 12.20 14.40 -31.45
N SER B 134 11.70 14.62 -30.21
CA SER B 134 10.36 14.18 -29.73
C SER B 134 9.32 15.27 -30.01
N PHE B 135 8.08 14.84 -30.15
CA PHE B 135 6.93 15.78 -30.12
C PHE B 135 6.96 16.66 -28.84
N SER B 136 7.47 16.12 -27.74
CA SER B 136 7.52 16.82 -26.48
C SER B 136 8.35 18.11 -26.63
N GLY B 137 9.52 17.94 -27.25
CA GLY B 137 10.54 18.97 -27.30
C GLY B 137 10.19 19.97 -28.36
N LYS B 138 9.48 19.50 -29.38
CA LYS B 138 9.07 20.36 -30.47
C LYS B 138 7.86 21.21 -30.06
N THR B 139 6.96 20.73 -29.20
CA THR B 139 5.70 21.45 -28.92
C THR B 139 5.84 22.41 -27.71
N TYR B 140 6.67 22.05 -26.75
CA TYR B 140 6.79 22.79 -25.46
C TYR B 140 8.23 23.27 -25.31
N ASN B 141 8.43 24.21 -24.41
CA ASN B 141 9.78 24.69 -24.16
C ASN B 141 10.38 23.95 -22.94
N PHE B 142 11.23 22.96 -23.16
CA PHE B 142 11.71 22.11 -22.08
C PHE B 142 13.02 22.69 -21.57
N VAL B 143 13.18 22.81 -20.27
CA VAL B 143 14.41 23.23 -19.70
C VAL B 143 14.82 22.11 -18.73
N SER B 144 16.03 21.64 -18.72
CA SER B 144 16.25 20.44 -17.93
C SER B 144 16.88 20.83 -16.59
N TYR B 145 16.61 20.02 -15.58
CA TYR B 145 17.41 20.08 -14.35
C TYR B 145 18.34 18.85 -14.34
N ASN B 146 19.37 18.95 -13.60
CA ASN B 146 20.36 17.89 -13.52
C ASN B 146 20.48 17.32 -12.09
N VAL B 147 21.37 16.36 -11.91
CA VAL B 147 21.85 15.94 -10.59
C VAL B 147 23.07 16.79 -10.18
N ASP B 148 23.40 16.80 -8.89
CA ASP B 148 24.61 17.49 -8.46
C ASP B 148 25.83 16.82 -9.09
N LYS B 149 26.78 17.59 -9.57
CA LYS B 149 27.93 17.07 -10.24
C LYS B 149 28.79 16.16 -9.35
N GLU B 150 28.97 16.48 -8.09
CA GLU B 150 29.89 15.75 -7.24
C GLU B 150 29.21 14.48 -6.70
N SER B 151 27.97 14.56 -6.24
CA SER B 151 27.26 13.42 -5.55
C SER B 151 26.51 12.55 -6.56
N GLU B 152 26.21 13.13 -7.72
CA GLU B 152 25.32 12.54 -8.73
C GLU B 152 23.94 12.28 -8.11
N LEU B 153 23.56 13.04 -7.12
CA LEU B 153 22.22 12.88 -6.56
C LEU B 153 21.37 14.09 -6.95
N LEU B 154 20.06 13.94 -6.94
CA LEU B 154 19.19 15.09 -7.08
C LEU B 154 19.44 16.03 -5.91
N ASP B 155 19.65 17.33 -6.13
CA ASP B 155 19.77 18.30 -5.08
C ASP B 155 18.49 19.19 -5.13
N TYR B 156 17.57 18.96 -4.21
CA TYR B 156 16.29 19.58 -4.21
C TYR B 156 16.37 21.07 -3.94
N ASP B 157 17.37 21.53 -3.22
CA ASP B 157 17.62 22.94 -3.11
C ASP B 157 18.00 23.58 -4.44
N ALA B 158 18.90 22.93 -5.17
CA ALA B 158 19.39 23.48 -6.46
C ALA B 158 18.23 23.47 -7.47
N ILE B 159 17.34 22.46 -7.40
CA ILE B 159 16.24 22.40 -8.31
C ILE B 159 15.21 23.49 -7.98
N LEU B 160 14.95 23.75 -6.70
CA LEU B 160 14.08 24.84 -6.32
C LEU B 160 14.63 26.15 -6.86
N ALA B 161 15.93 26.41 -6.66
CA ALA B 161 16.50 27.68 -7.10
C ALA B 161 16.34 27.81 -8.62
N GLN B 162 16.49 26.72 -9.36
CA GLN B 162 16.36 26.85 -10.80
C GLN B 162 14.90 27.11 -11.17
N ALA B 163 14.00 26.43 -10.51
CA ALA B 163 12.61 26.51 -10.81
C ALA B 163 12.09 27.93 -10.58
N LYS B 164 12.66 28.58 -9.56
CA LYS B 164 12.28 29.94 -9.24
C LYS B 164 12.68 30.93 -10.35
N GLU B 165 13.81 30.71 -10.97
CA GLU B 165 14.28 31.44 -12.14
C GLU B 165 13.47 31.09 -13.39
N VAL B 166 13.30 29.81 -13.69
CA VAL B 166 12.71 29.40 -14.95
C VAL B 166 11.21 29.64 -14.94
N ARG B 167 10.55 29.39 -13.81
CA ARG B 167 9.11 29.45 -13.65
C ARG B 167 8.38 28.57 -14.66
N PRO B 168 8.54 27.27 -14.50
CA PRO B 168 7.82 26.41 -15.39
C PRO B 168 6.34 26.30 -15.04
N LYS B 169 5.50 25.96 -16.01
CA LYS B 169 4.14 25.63 -15.73
C LYS B 169 4.01 24.19 -15.25
N LEU B 170 4.99 23.36 -15.61
CA LEU B 170 4.93 21.90 -15.34
C LEU B 170 6.36 21.46 -15.03
N ILE B 171 6.47 20.70 -13.95
CA ILE B 171 7.73 19.99 -13.61
C ILE B 171 7.47 18.51 -13.79
N VAL B 172 8.33 17.88 -14.58
CA VAL B 172 8.27 16.40 -14.78
C VAL B 172 9.38 15.75 -13.94
N ALA B 173 9.03 14.78 -13.11
CA ALA B 173 10.02 13.99 -12.38
C ALA B 173 9.91 12.55 -12.86
N GLY B 174 10.98 11.76 -12.67
CA GLY B 174 11.08 10.40 -13.24
C GLY B 174 12.24 10.31 -14.21
N ALA B 175 12.85 9.12 -14.26
CA ALA B 175 14.13 8.92 -14.91
C ALA B 175 14.26 7.48 -15.40
N SER B 176 14.99 7.35 -16.49
CA SER B 176 15.29 6.04 -17.05
C SER B 176 16.67 5.53 -16.61
N ALA B 177 17.48 6.35 -15.92
CA ALA B 177 18.82 5.94 -15.55
C ALA B 177 19.21 6.49 -14.18
N TYR B 178 18.31 6.83 -13.29
CA TYR B 178 18.67 7.32 -11.96
C TYR B 178 18.42 6.15 -11.03
N SER B 179 19.43 5.82 -10.24
CA SER B 179 19.47 4.63 -9.39
C SER B 179 18.97 4.88 -7.95
N ARG B 180 18.69 6.10 -7.56
CA ARG B 180 18.40 6.35 -6.13
C ARG B 180 16.92 6.77 -5.94
N ILE B 181 16.50 6.76 -4.69
CA ILE B 181 15.12 6.91 -4.32
C ILE B 181 14.79 8.37 -4.59
N ILE B 182 13.71 8.59 -5.33
CA ILE B 182 13.25 9.97 -5.56
C ILE B 182 12.32 10.41 -4.43
N ASP B 183 12.48 11.65 -3.95
CA ASP B 183 11.66 12.22 -2.89
C ASP B 183 10.51 13.01 -3.59
N PHE B 184 9.41 12.35 -3.77
CA PHE B 184 8.35 12.98 -4.56
C PHE B 184 7.67 14.08 -3.76
N ALA B 185 7.64 13.95 -2.43
CA ALA B 185 7.16 15.00 -1.61
C ALA B 185 7.93 16.27 -1.82
N LYS B 186 9.24 16.21 -1.94
CA LYS B 186 10.00 17.43 -2.20
C LYS B 186 9.74 17.95 -3.61
N PHE B 187 9.61 17.07 -4.61
CA PHE B 187 9.26 17.55 -5.92
C PHE B 187 7.92 18.35 -5.89
N ARG B 188 6.95 17.89 -5.18
CA ARG B 188 5.68 18.59 -5.10
C ARG B 188 5.81 19.89 -4.28
N GLU B 189 6.60 19.90 -3.23
CA GLU B 189 6.87 21.13 -2.48
C GLU B 189 7.50 22.11 -3.47
N ILE B 190 8.44 21.69 -4.33
CA ILE B 190 9.05 22.61 -5.30
C ILE B 190 7.99 23.13 -6.29
N ALA B 191 7.19 22.26 -6.81
CA ALA B 191 6.20 22.64 -7.75
C ALA B 191 5.27 23.66 -7.08
N ASP B 192 4.75 23.30 -5.89
CA ASP B 192 3.87 24.23 -5.08
C ASP B 192 4.51 25.58 -4.84
N ALA B 193 5.80 25.62 -4.54
CA ALA B 193 6.49 26.89 -4.33
C ALA B 193 6.55 27.74 -5.61
N VAL B 194 6.53 27.19 -6.81
CA VAL B 194 6.61 28.11 -7.99
C VAL B 194 5.28 28.15 -8.78
N GLY B 195 4.21 27.50 -8.33
CA GLY B 195 2.95 27.45 -9.01
C GLY B 195 2.91 26.51 -10.20
N ALA B 196 3.77 25.50 -10.27
CA ALA B 196 3.75 24.55 -11.36
C ALA B 196 2.90 23.33 -10.99
N TYR B 197 2.33 22.69 -12.01
CA TYR B 197 1.90 21.31 -11.85
C TYR B 197 3.11 20.36 -11.69
N LEU B 198 2.91 19.17 -11.07
CA LEU B 198 3.92 18.13 -11.02
C LEU B 198 3.35 16.92 -11.74
N MET B 199 4.08 16.45 -12.73
CA MET B 199 3.76 15.16 -13.34
C MET B 199 4.91 14.19 -12.98
N VAL B 200 4.59 12.97 -12.61
CA VAL B 200 5.61 12.02 -12.42
C VAL B 200 5.43 10.93 -13.47
N ASP B 201 6.51 10.70 -14.21
CA ASP B 201 6.56 9.52 -15.10
C ASP B 201 7.27 8.41 -14.34
N MET B 202 6.54 7.46 -13.83
CA MET B 202 7.10 6.44 -13.04
C MET B 202 7.29 5.16 -13.84
N ALA B 203 7.36 5.23 -15.16
CA ALA B 203 7.41 4.02 -15.99
C ALA B 203 8.54 3.07 -15.54
N HIS B 204 9.75 3.54 -15.31
CA HIS B 204 10.84 2.60 -14.94
C HIS B 204 10.63 1.94 -13.57
N ILE B 205 10.01 2.66 -12.60
CA ILE B 205 9.94 2.20 -11.21
C ILE B 205 8.55 1.70 -10.79
N ALA B 206 7.62 1.62 -11.72
CA ALA B 206 6.21 1.39 -11.34
C ALA B 206 6.04 0.07 -10.60
N GLY B 207 6.77 -0.95 -11.10
CA GLY B 207 6.73 -2.24 -10.40
C GLY B 207 7.28 -2.19 -8.97
N LEU B 208 8.25 -1.33 -8.71
CA LEU B 208 8.84 -1.20 -7.39
C LEU B 208 7.87 -0.36 -6.55
N VAL B 209 7.20 0.59 -7.21
CA VAL B 209 6.15 1.30 -6.45
C VAL B 209 5.11 0.30 -6.03
N ALA B 210 4.72 -0.49 -6.98
CA ALA B 210 3.68 -1.50 -6.69
C ALA B 210 4.12 -2.49 -5.62
N SER B 211 5.40 -2.92 -5.66
CA SER B 211 5.86 -3.94 -4.72
C SER B 211 6.07 -3.34 -3.32
N GLY B 212 6.00 -2.05 -3.12
CA GLY B 212 6.34 -1.47 -1.77
C GLY B 212 7.77 -0.98 -1.70
N HIS B 213 8.61 -1.22 -2.70
CA HIS B 213 10.03 -0.91 -2.59
C HIS B 213 10.37 0.51 -3.00
N HIS B 214 9.54 1.25 -3.73
CA HIS B 214 9.93 2.63 -3.99
C HIS B 214 8.74 3.47 -3.47
N PRO B 215 8.98 4.59 -2.83
CA PRO B 215 7.89 5.51 -2.43
C PRO B 215 7.01 5.88 -3.63
N SER B 216 5.73 5.98 -3.38
CA SER B 216 4.73 6.24 -4.44
C SER B 216 4.71 7.71 -4.75
N PRO B 217 4.70 8.03 -6.01
CA PRO B 217 4.48 9.42 -6.38
C PRO B 217 3.00 9.83 -6.39
N VAL B 218 2.10 8.89 -6.27
CA VAL B 218 0.73 9.09 -6.61
C VAL B 218 0.09 10.14 -5.67
N PRO B 219 0.45 10.15 -4.33
CA PRO B 219 -0.12 11.17 -3.45
C PRO B 219 0.41 12.57 -3.66
N TYR B 220 1.50 12.71 -4.42
CA TYR B 220 2.18 13.98 -4.56
C TYR B 220 2.07 14.54 -5.97
N ALA B 221 2.05 13.69 -6.98
CA ALA B 221 2.01 14.24 -8.32
C ALA B 221 0.56 14.66 -8.63
N HIS B 222 0.38 15.76 -9.34
CA HIS B 222 -0.99 16.04 -9.87
C HIS B 222 -1.45 14.93 -10.80
N VAL B 223 -0.51 14.45 -11.64
CA VAL B 223 -0.78 13.35 -12.52
C VAL B 223 0.44 12.43 -12.55
N THR B 224 0.20 11.13 -12.49
CA THR B 224 1.22 10.12 -12.56
C THR B 224 1.02 9.34 -13.86
N THR B 225 2.03 9.20 -14.70
CA THR B 225 1.97 8.29 -15.87
C THR B 225 2.91 7.10 -15.68
N THR B 226 2.62 5.99 -16.37
CA THR B 226 3.53 4.88 -16.40
C THR B 226 3.26 4.08 -17.67
N THR B 227 4.22 3.25 -18.03
CA THR B 227 3.95 2.12 -18.89
C THR B 227 3.45 1.00 -18.00
N THR B 228 2.75 0.06 -18.64
CA THR B 228 2.36 -1.14 -17.98
C THR B 228 3.44 -2.24 -18.14
N HIS B 229 4.30 -2.10 -19.12
CA HIS B 229 5.47 -2.96 -19.21
C HIS B 229 6.59 -2.31 -18.38
N LYS B 230 7.71 -3.04 -18.34
CA LYS B 230 9.00 -2.69 -17.61
C LYS B 230 8.86 -3.30 -16.24
N THR B 231 9.19 -2.57 -15.20
CA THR B 231 9.20 -3.28 -13.86
C THR B 231 7.82 -3.80 -13.48
N LEU B 232 6.76 -3.19 -14.00
CA LEU B 232 5.43 -3.62 -13.63
C LEU B 232 5.11 -4.96 -14.28
N ARG B 233 5.85 -5.41 -15.30
CA ARG B 233 5.82 -6.76 -15.86
C ARG B 233 4.48 -7.00 -16.60
N GLY B 234 3.89 -5.93 -17.14
CA GLY B 234 2.63 -6.11 -17.91
C GLY B 234 2.85 -6.06 -19.40
N PRO B 235 1.74 -5.94 -20.15
CA PRO B 235 1.88 -5.80 -21.60
C PRO B 235 2.33 -4.39 -21.96
N ARG B 236 2.73 -4.16 -23.22
CA ARG B 236 3.17 -2.88 -23.61
C ARG B 236 1.93 -1.97 -23.80
N GLY B 237 1.99 -0.81 -23.20
CA GLY B 237 0.95 0.18 -23.20
C GLY B 237 1.16 1.19 -22.08
N GLY B 238 0.20 2.10 -21.92
CA GLY B 238 0.26 3.19 -20.96
C GLY B 238 -0.87 3.20 -19.95
N LEU B 239 -0.70 4.06 -18.97
CA LEU B 239 -1.59 4.18 -17.84
C LEU B 239 -1.43 5.59 -17.27
N ILE B 240 -2.54 6.28 -16.95
CA ILE B 240 -2.49 7.57 -16.27
C ILE B 240 -3.30 7.47 -14.97
N LEU B 241 -2.84 8.11 -13.90
CA LEU B 241 -3.49 8.12 -12.57
C LEU B 241 -3.57 9.56 -12.14
N THR B 242 -4.65 9.90 -11.47
CA THR B 242 -4.75 11.22 -10.80
C THR B 242 -5.76 11.08 -9.66
N ASP B 243 -5.63 11.95 -8.66
CA ASP B 243 -6.65 12.02 -7.61
C ASP B 243 -7.63 13.25 -7.86
N ASP B 244 -7.33 14.14 -8.80
CA ASP B 244 -8.15 15.31 -9.08
C ASP B 244 -9.21 15.08 -10.23
N GLU B 245 -10.48 15.12 -9.85
CA GLU B 245 -11.60 14.77 -10.74
C GLU B 245 -11.65 15.69 -11.97
N ASP B 246 -11.31 16.94 -11.82
CA ASP B 246 -11.32 17.83 -12.95
C ASP B 246 -10.17 17.51 -13.93
N ILE B 247 -9.01 17.07 -13.41
CA ILE B 247 -7.92 16.71 -14.29
C ILE B 247 -8.29 15.37 -14.92
N ALA B 248 -8.91 14.47 -14.18
CA ALA B 248 -9.26 13.24 -14.76
C ALA B 248 -10.09 13.49 -16.02
N LYS B 249 -11.01 14.45 -15.95
CA LYS B 249 -11.92 14.68 -17.07
C LYS B 249 -11.12 15.19 -18.25
N LYS B 250 -10.19 16.12 -18.04
CA LYS B 250 -9.43 16.60 -19.10
C LYS B 250 -8.55 15.48 -19.66
N LEU B 251 -8.04 14.59 -18.82
CA LEU B 251 -7.14 13.54 -19.30
C LEU B 251 -7.93 12.63 -20.22
N ASN B 252 -9.12 12.26 -19.75
CA ASN B 252 -9.97 11.32 -20.51
C ASN B 252 -10.22 11.85 -21.94
N SER B 253 -10.53 13.14 -22.08
CA SER B 253 -10.78 13.79 -23.36
C SER B 253 -9.49 13.85 -24.19
N ALA B 254 -8.34 14.13 -23.53
CA ALA B 254 -7.06 14.15 -24.19
C ALA B 254 -6.69 12.79 -24.79
N VAL B 255 -6.89 11.68 -24.08
CA VAL B 255 -6.55 10.42 -24.63
C VAL B 255 -7.50 10.15 -25.81
N PHE B 256 -8.80 10.26 -25.60
CA PHE B 256 -9.78 10.02 -26.65
C PHE B 256 -10.93 11.02 -26.55
N PRO B 257 -11.26 11.76 -27.61
CA PRO B 257 -10.68 11.64 -28.95
C PRO B 257 -9.50 12.57 -29.27
N GLY B 258 -8.88 13.16 -28.26
CA GLY B 258 -7.73 14.06 -28.44
C GLY B 258 -6.58 13.41 -29.19
N LEU B 259 -6.16 12.18 -28.83
CA LEU B 259 -4.88 11.68 -29.33
C LEU B 259 -5.00 10.34 -30.00
N GLN B 260 -5.95 9.57 -29.59
CA GLN B 260 -6.15 8.26 -30.09
C GLN B 260 -7.61 8.11 -30.59
N GLY B 261 -7.82 6.99 -31.22
CA GLY B 261 -9.14 6.44 -31.55
C GLY B 261 -9.56 5.44 -30.49
N GLY B 262 -10.07 4.29 -30.90
CA GLY B 262 -10.46 3.32 -29.92
C GLY B 262 -9.24 2.64 -29.30
N PRO B 263 -9.42 1.97 -28.18
CA PRO B 263 -8.31 1.42 -27.43
C PRO B 263 -8.09 -0.03 -27.87
N LEU B 264 -6.93 -0.58 -27.52
CA LEU B 264 -6.67 -1.96 -27.77
C LEU B 264 -7.27 -2.80 -26.62
N GLU B 265 -8.49 -3.29 -26.75
CA GLU B 265 -9.13 -3.88 -25.58
C GLU B 265 -8.46 -5.21 -25.18
N HIS B 266 -7.87 -5.92 -26.09
CA HIS B 266 -7.20 -7.12 -25.76
C HIS B 266 -5.93 -6.78 -24.96
N VAL B 267 -5.31 -5.62 -25.24
CA VAL B 267 -4.16 -5.22 -24.41
C VAL B 267 -4.67 -4.72 -23.06
N ILE B 268 -5.83 -4.12 -23.02
CA ILE B 268 -6.41 -3.72 -21.78
C ILE B 268 -6.74 -4.96 -20.91
N ALA B 269 -7.20 -6.06 -21.47
CA ALA B 269 -7.42 -7.22 -20.67
C ALA B 269 -6.08 -7.71 -20.07
N ALA B 270 -5.04 -7.70 -20.86
CA ALA B 270 -3.70 -8.05 -20.44
C ALA B 270 -3.21 -7.06 -19.37
N LYS B 271 -3.62 -5.79 -19.36
CA LYS B 271 -3.30 -4.91 -18.30
C LYS B 271 -4.06 -5.36 -17.03
N ALA B 272 -5.31 -5.75 -17.16
CA ALA B 272 -6.04 -6.19 -16.02
C ALA B 272 -5.31 -7.40 -15.40
N VAL B 273 -4.82 -8.28 -16.24
CA VAL B 273 -4.17 -9.48 -15.75
C VAL B 273 -2.89 -9.11 -14.95
N ALA B 274 -2.05 -8.27 -15.55
CA ALA B 274 -0.76 -7.87 -14.99
C ALA B 274 -1.01 -7.09 -13.68
N LEU B 275 -2.05 -6.26 -13.59
CA LEU B 275 -2.31 -5.56 -12.38
C LEU B 275 -2.77 -6.50 -11.24
N LYS B 276 -3.50 -7.55 -11.53
CA LYS B 276 -3.86 -8.47 -10.51
C LYS B 276 -2.59 -9.22 -10.07
N GLU B 277 -1.75 -9.61 -10.99
CA GLU B 277 -0.46 -10.30 -10.63
C GLU B 277 0.30 -9.41 -9.63
N ALA B 278 0.26 -8.10 -9.85
CA ALA B 278 1.04 -7.21 -9.06
C ALA B 278 0.37 -6.92 -7.71
N LEU B 279 -0.93 -7.12 -7.58
CA LEU B 279 -1.64 -7.00 -6.32
C LEU B 279 -1.36 -8.20 -5.42
N ASP B 280 -0.82 -9.28 -5.96
CA ASP B 280 -0.56 -10.48 -5.21
C ASP B 280 0.73 -10.37 -4.36
N PRO B 281 0.70 -10.97 -3.14
CA PRO B 281 1.88 -10.96 -2.22
C PRO B 281 3.16 -11.43 -2.90
N ALA B 282 3.07 -12.36 -3.85
CA ALA B 282 4.29 -12.82 -4.53
C ALA B 282 5.01 -11.70 -5.29
N PHE B 283 4.30 -10.63 -5.63
CA PHE B 283 4.89 -9.54 -6.37
C PHE B 283 5.82 -8.78 -5.43
N LYS B 284 5.54 -8.75 -4.12
CA LYS B 284 6.42 -8.05 -3.17
C LYS B 284 7.77 -8.76 -3.08
N GLU B 285 7.70 -10.07 -3.14
CA GLU B 285 8.90 -10.91 -3.16
C GLU B 285 9.70 -10.68 -4.45
N TYR B 286 8.99 -10.57 -5.60
CA TYR B 286 9.65 -10.22 -6.85
C TYR B 286 10.41 -8.91 -6.70
N GLY B 287 9.71 -7.84 -6.23
CA GLY B 287 10.39 -6.56 -6.10
C GLY B 287 11.64 -6.63 -5.18
N GLU B 288 11.54 -7.35 -4.08
CA GLU B 288 12.72 -7.58 -3.18
C GLU B 288 13.92 -8.21 -3.92
N ASN B 289 13.62 -9.19 -4.76
CA ASN B 289 14.65 -9.84 -5.51
C ASN B 289 15.20 -8.89 -6.55
N VAL B 290 14.35 -8.04 -7.15
CA VAL B 290 14.85 -7.16 -8.13
C VAL B 290 15.89 -6.25 -7.49
N ILE B 291 15.57 -5.75 -6.32
CA ILE B 291 16.44 -4.77 -5.65
C ILE B 291 17.79 -5.45 -5.27
N LYS B 292 17.67 -6.63 -4.69
CA LYS B 292 18.94 -7.41 -4.23
C LYS B 292 19.85 -7.81 -5.38
N ASN B 293 19.18 -8.23 -6.48
CA ASN B 293 19.94 -8.63 -7.67
C ASN B 293 20.64 -7.42 -8.24
N ALA B 294 19.93 -6.31 -8.35
CA ALA B 294 20.65 -5.16 -8.90
C ALA B 294 21.83 -4.80 -8.02
N ALA B 295 21.58 -4.82 -6.72
CA ALA B 295 22.64 -4.32 -5.77
C ALA B 295 23.85 -5.27 -5.79
N ALA B 296 23.58 -6.57 -5.93
CA ALA B 296 24.72 -7.55 -6.09
C ALA B 296 25.55 -7.26 -7.35
N MET B 297 24.93 -6.90 -8.47
CA MET B 297 25.71 -6.64 -9.65
C MET B 297 26.44 -5.33 -9.51
N ALA B 298 25.82 -4.32 -8.87
CA ALA B 298 26.52 -3.05 -8.72
C ALA B 298 27.80 -3.22 -7.84
N ASP B 299 27.68 -4.09 -6.87
CA ASP B 299 28.72 -4.35 -5.86
C ASP B 299 30.01 -4.88 -6.53
N VAL B 300 29.86 -5.77 -7.54
CA VAL B 300 31.02 -6.23 -8.32
C VAL B 300 31.69 -5.01 -8.96
N PHE B 301 30.92 -4.06 -9.50
CA PHE B 301 31.63 -2.97 -10.18
C PHE B 301 32.21 -1.94 -9.20
N ASN B 302 31.49 -1.72 -8.10
CA ASN B 302 31.99 -0.89 -7.00
C ASN B 302 33.37 -1.39 -6.50
N GLN B 303 33.48 -2.68 -6.13
CA GLN B 303 34.75 -3.34 -5.62
C GLN B 303 35.91 -3.23 -6.63
N HIS B 304 35.64 -3.31 -7.91
CA HIS B 304 36.67 -3.30 -8.92
C HIS B 304 37.23 -1.88 -9.15
N PRO B 305 38.57 -1.77 -9.24
CA PRO B 305 39.20 -0.47 -9.27
C PRO B 305 39.06 0.25 -10.62
N ASP B 306 38.80 -0.47 -11.67
CA ASP B 306 38.78 0.19 -12.95
C ASP B 306 37.36 0.70 -13.43
N PHE B 307 36.36 0.51 -12.57
CA PHE B 307 34.98 0.81 -12.83
C PHE B 307 34.39 1.64 -11.68
N ARG B 308 33.49 2.57 -12.03
CA ARG B 308 32.83 3.43 -11.08
C ARG B 308 31.31 3.37 -11.33
N VAL B 309 30.53 3.11 -10.28
CA VAL B 309 29.07 3.12 -10.43
C VAL B 309 28.60 4.52 -10.16
N ILE B 310 27.72 4.99 -11.02
CA ILE B 310 27.20 6.33 -10.85
C ILE B 310 26.44 6.41 -9.50
N SER B 311 26.76 7.40 -8.68
CA SER B 311 26.10 7.63 -7.33
C SER B 311 26.62 6.58 -6.36
N GLY B 312 27.53 5.71 -6.80
CA GLY B 312 28.19 4.78 -5.81
C GLY B 312 27.37 3.54 -5.56
N GLY B 313 26.30 3.36 -6.28
CA GLY B 313 25.44 2.15 -6.05
C GLY B 313 23.98 2.42 -6.48
N THR B 314 23.06 1.61 -5.99
CA THR B 314 21.67 1.74 -6.41
C THR B 314 20.76 1.41 -5.25
N ASN B 315 19.53 1.97 -5.28
CA ASN B 315 18.45 1.53 -4.45
C ASN B 315 17.22 1.15 -5.32
N ASN B 316 17.38 0.98 -6.64
CA ASN B 316 16.26 0.45 -7.46
C ASN B 316 16.75 -0.73 -8.32
N HIS B 317 16.18 -0.87 -9.50
CA HIS B 317 16.37 -2.02 -10.40
C HIS B 317 17.60 -1.86 -11.29
N LEU B 318 18.24 -0.71 -11.29
CA LEU B 318 19.27 -0.43 -12.25
C LEU B 318 20.44 0.36 -11.63
N PHE B 319 21.44 0.49 -12.47
CA PHE B 319 22.63 1.36 -12.22
C PHE B 319 23.39 1.59 -13.50
N LEU B 320 24.22 2.63 -13.49
CA LEU B 320 25.10 2.95 -14.57
C LEU B 320 26.55 2.70 -14.11
N VAL B 321 27.42 2.35 -15.05
CA VAL B 321 28.89 2.20 -14.83
C VAL B 321 29.66 3.04 -15.85
N ASP B 322 30.59 3.85 -15.37
CA ASP B 322 31.50 4.57 -16.26
C ASP B 322 32.53 3.44 -16.68
N VAL B 323 32.64 3.12 -17.95
CA VAL B 323 33.54 1.99 -18.40
C VAL B 323 34.80 2.59 -19.01
N THR B 324 35.00 3.91 -18.98
CA THR B 324 35.94 4.47 -19.91
C THR B 324 37.41 4.20 -19.49
N LYS B 325 37.69 3.62 -18.35
CA LYS B 325 39.10 3.31 -18.08
C LYS B 325 39.43 1.95 -18.68
N VAL B 326 38.42 1.24 -19.17
CA VAL B 326 38.66 -0.13 -19.59
C VAL B 326 38.35 -0.25 -21.10
N VAL B 327 37.28 0.38 -21.62
CA VAL B 327 37.08 0.43 -23.06
C VAL B 327 36.85 1.89 -23.41
N GLU B 328 36.87 2.16 -24.69
CA GLU B 328 36.82 3.53 -25.22
C GLU B 328 35.50 4.21 -24.85
N ASN B 329 34.38 3.48 -24.89
CA ASN B 329 33.12 4.17 -24.66
C ASN B 329 32.06 3.10 -24.44
N GLY B 330 30.85 3.55 -24.10
CA GLY B 330 29.83 2.61 -23.73
C GLY B 330 29.29 1.90 -24.93
N LYS B 331 29.39 2.55 -26.08
CA LYS B 331 28.99 1.85 -27.35
C LYS B 331 29.84 0.58 -27.53
N VAL B 332 31.17 0.73 -27.38
CA VAL B 332 32.07 -0.44 -27.43
C VAL B 332 31.67 -1.47 -26.38
N ALA B 333 31.41 -1.00 -25.14
CA ALA B 333 31.10 -1.96 -24.08
C ALA B 333 29.84 -2.74 -24.48
N GLN B 334 28.80 -2.05 -24.98
CA GLN B 334 27.57 -2.76 -25.44
C GLN B 334 27.92 -3.85 -26.49
N ASN B 335 28.71 -3.49 -27.49
CA ASN B 335 29.05 -4.46 -28.63
C ASN B 335 29.86 -5.64 -28.08
N VAL B 336 30.77 -5.37 -27.15
CA VAL B 336 31.57 -6.48 -26.57
C VAL B 336 30.69 -7.48 -25.85
N LEU B 337 29.81 -6.98 -24.98
CA LEU B 337 29.01 -7.88 -24.19
C LEU B 337 28.01 -8.63 -25.07
N GLU B 338 27.53 -7.99 -26.12
CA GLU B 338 26.67 -8.81 -27.05
C GLU B 338 27.41 -10.05 -27.58
N GLU B 339 28.73 -9.97 -27.77
CA GLU B 339 29.52 -11.19 -28.20
C GLU B 339 29.36 -12.34 -27.22
N VAL B 340 29.07 -12.06 -25.94
CA VAL B 340 28.96 -13.11 -24.95
C VAL B 340 27.50 -13.34 -24.56
N ASN B 341 26.52 -12.85 -25.36
CA ASN B 341 25.08 -13.18 -25.09
C ASN B 341 24.52 -12.43 -23.86
N ILE B 342 25.09 -11.24 -23.59
CA ILE B 342 24.60 -10.34 -22.61
C ILE B 342 24.22 -9.03 -23.29
N THR B 343 22.90 -8.66 -23.19
CA THR B 343 22.47 -7.43 -23.84
C THR B 343 22.24 -6.40 -22.74
N LEU B 344 22.79 -5.21 -22.94
CA LEU B 344 22.48 -4.06 -22.16
C LEU B 344 22.61 -2.86 -23.09
N ASN B 345 22.60 -1.64 -22.60
CA ASN B 345 22.75 -0.54 -23.55
C ASN B 345 23.76 0.45 -23.04
N LYS B 346 24.48 1.03 -23.97
CA LYS B 346 25.34 2.16 -23.62
C LYS B 346 24.41 3.26 -23.10
N ASN B 347 24.97 4.21 -22.34
CA ASN B 347 24.15 5.19 -21.67
C ASN B 347 25.03 6.35 -21.30
N SER B 348 24.55 7.57 -21.60
CA SER B 348 25.18 8.75 -21.06
C SER B 348 25.19 8.68 -19.54
N ILE B 349 26.22 9.28 -18.94
CA ILE B 349 26.39 9.43 -17.48
C ILE B 349 26.22 10.91 -17.17
N PRO B 350 26.06 11.27 -15.90
CA PRO B 350 25.77 12.69 -15.68
C PRO B 350 26.96 13.52 -16.15
N TYR B 351 26.69 14.66 -16.79
CA TYR B 351 27.75 15.60 -17.25
C TYR B 351 28.61 14.89 -18.32
N GLU B 352 27.99 13.95 -19.04
CA GLU B 352 28.63 13.18 -20.10
C GLU B 352 29.57 14.08 -20.92
N GLN B 353 30.81 13.65 -21.14
CA GLN B 353 31.80 14.43 -21.96
C GLN B 353 31.82 13.91 -23.41
N LEU B 354 31.56 12.63 -23.63
CA LEU B 354 31.66 12.06 -25.00
C LEU B 354 30.35 12.34 -25.72
N SER B 355 30.31 12.02 -27.00
CA SER B 355 29.12 12.22 -27.77
C SER B 355 28.02 11.21 -27.39
N PRO B 356 26.77 11.59 -27.64
CA PRO B 356 25.63 10.78 -27.29
C PRO B 356 25.59 9.45 -28.06
N PHE B 357 26.27 9.36 -29.18
CA PHE B 357 26.35 8.08 -29.93
C PHE B 357 27.36 7.12 -29.28
N LYS B 358 28.23 7.65 -28.42
CA LYS B 358 29.27 6.78 -27.85
C LYS B 358 29.03 6.60 -26.34
N THR B 359 28.95 7.72 -25.61
CA THR B 359 28.67 7.77 -24.12
C THR B 359 29.83 7.16 -23.31
N SER B 360 29.88 7.47 -21.99
CA SER B 360 30.92 6.99 -21.15
C SER B 360 30.47 5.74 -20.43
N GLY B 361 29.25 5.28 -20.65
CA GLY B 361 28.63 4.33 -19.65
C GLY B 361 27.83 3.20 -20.27
N ILE B 362 27.50 2.28 -19.38
CA ILE B 362 26.50 1.23 -19.61
C ILE B 362 25.45 1.34 -18.51
N ARG B 363 24.20 0.97 -18.86
CA ARG B 363 23.15 0.81 -17.91
C ARG B 363 22.86 -0.69 -17.75
N VAL B 364 22.65 -1.16 -16.54
CA VAL B 364 22.39 -2.47 -16.27
C VAL B 364 21.16 -2.52 -15.41
N GLY B 365 20.28 -3.48 -15.66
CA GLY B 365 19.18 -3.69 -14.79
C GLY B 365 18.88 -5.15 -14.54
N SER B 366 18.18 -5.45 -13.45
CA SER B 366 17.89 -6.78 -12.95
C SER B 366 16.51 -7.32 -13.24
N PRO B 367 15.57 -6.53 -13.75
CA PRO B 367 14.18 -7.12 -13.70
C PRO B 367 14.03 -8.41 -14.49
N ALA B 368 14.63 -8.43 -15.67
CA ALA B 368 14.43 -9.61 -16.54
C ALA B 368 15.09 -10.88 -15.97
N ILE B 369 16.33 -10.77 -15.47
CA ILE B 369 16.99 -11.96 -15.01
C ILE B 369 16.27 -12.41 -13.74
N THR B 370 15.61 -11.47 -13.07
CA THR B 370 14.96 -11.76 -11.81
C THR B 370 13.69 -12.53 -12.09
N SER B 371 13.01 -12.12 -13.17
CA SER B 371 11.84 -12.80 -13.58
C SER B 371 12.16 -14.21 -14.07
N ARG B 372 13.34 -14.48 -14.57
CA ARG B 372 13.69 -15.91 -14.91
C ARG B 372 14.09 -16.74 -13.66
N GLY B 373 14.04 -16.19 -12.46
CA GLY B 373 14.39 -16.93 -11.21
C GLY B 373 15.85 -16.78 -10.76
N MET B 374 16.68 -15.98 -11.39
CA MET B 374 18.01 -15.82 -10.91
C MET B 374 18.04 -15.05 -9.59
N GLY B 375 19.11 -15.32 -8.79
CA GLY B 375 19.25 -14.80 -7.48
C GLY B 375 20.53 -14.01 -7.39
N GLU B 376 20.94 -13.73 -6.17
CA GLU B 376 22.14 -12.85 -5.95
C GLU B 376 23.42 -13.52 -6.43
N ALA B 377 23.49 -14.83 -6.26
CA ALA B 377 24.72 -15.55 -6.74
C ALA B 377 24.86 -15.46 -8.27
N GLU B 378 23.77 -15.72 -8.97
CA GLU B 378 23.81 -15.62 -10.45
C GLU B 378 24.08 -14.18 -10.91
N SER B 379 23.48 -13.20 -10.16
CA SER B 379 23.66 -11.80 -10.51
C SER B 379 25.13 -11.44 -10.40
N ARG B 380 25.75 -11.87 -9.30
CA ARG B 380 27.17 -11.49 -9.07
C ARG B 380 28.00 -12.15 -10.18
N GLN B 381 27.72 -13.42 -10.47
CA GLN B 381 28.43 -14.11 -11.57
C GLN B 381 28.31 -13.35 -12.91
N ILE B 382 27.08 -12.87 -13.25
CA ILE B 382 26.93 -12.21 -14.51
C ILE B 382 27.79 -10.97 -14.50
N ALA B 383 27.77 -10.20 -13.40
CA ALA B 383 28.59 -8.96 -13.40
C ALA B 383 30.10 -9.29 -13.51
N GLU B 384 30.52 -10.37 -12.84
CA GLU B 384 32.03 -10.77 -12.98
C GLU B 384 32.34 -11.08 -14.44
N TRP B 385 31.37 -11.72 -15.13
CA TRP B 385 31.56 -12.04 -16.56
C TRP B 385 31.65 -10.74 -17.37
N MET B 386 30.86 -9.71 -17.01
CA MET B 386 30.90 -8.54 -17.79
C MET B 386 32.27 -7.89 -17.59
N VAL B 387 32.66 -7.82 -16.32
CA VAL B 387 34.01 -7.25 -16.00
C VAL B 387 35.09 -8.01 -16.78
N GLU B 388 35.04 -9.37 -16.78
CA GLU B 388 36.07 -10.17 -17.54
C GLU B 388 35.98 -9.86 -19.04
N ALA B 389 34.75 -9.86 -19.60
CA ALA B 389 34.63 -9.67 -21.00
C ALA B 389 35.18 -8.30 -21.36
N LEU B 390 34.88 -7.28 -20.55
CA LEU B 390 35.29 -5.92 -20.94
C LEU B 390 36.82 -5.78 -20.79
N GLU B 391 37.40 -6.38 -19.75
CA GLU B 391 38.88 -6.25 -19.56
C GLU B 391 39.59 -6.95 -20.75
N ASN B 392 38.91 -7.92 -21.35
CA ASN B 392 39.49 -8.81 -22.41
C ASN B 392 38.76 -8.61 -23.75
N HIS B 393 38.46 -7.37 -24.09
CA HIS B 393 37.51 -7.13 -25.17
C HIS B 393 38.15 -7.48 -26.53
N ASP B 394 39.44 -7.24 -26.58
CA ASP B 394 40.44 -7.68 -27.55
C ASP B 394 40.67 -9.12 -27.79
N LYS B 395 40.12 -9.98 -26.94
CA LYS B 395 40.59 -11.35 -26.89
C LYS B 395 39.46 -12.33 -27.17
N PRO B 396 39.33 -12.69 -28.46
CA PRO B 396 38.16 -13.42 -28.88
C PRO B 396 38.05 -14.78 -28.18
N GLU B 397 39.17 -15.39 -27.82
CA GLU B 397 39.10 -16.69 -27.21
C GLU B 397 38.58 -16.57 -25.77
N VAL B 398 38.84 -15.45 -25.07
CA VAL B 398 38.23 -15.18 -23.73
C VAL B 398 36.70 -15.01 -23.89
N LEU B 399 36.29 -14.13 -24.78
CA LEU B 399 34.80 -13.91 -25.08
C LEU B 399 34.14 -15.26 -25.35
N GLU B 400 34.80 -16.10 -26.14
CA GLU B 400 34.29 -17.44 -26.47
C GLU B 400 34.06 -18.27 -25.22
N ARG B 401 35.05 -18.28 -24.34
CA ARG B 401 34.88 -19.02 -23.10
C ARG B 401 33.69 -18.47 -22.26
N ILE B 402 33.64 -17.14 -22.13
CA ILE B 402 32.52 -16.50 -21.33
C ILE B 402 31.19 -16.88 -21.97
N ARG B 403 31.16 -16.93 -23.30
CA ARG B 403 29.86 -17.19 -24.03
C ARG B 403 29.47 -18.62 -23.69
N GLY B 404 30.46 -19.53 -23.54
CA GLY B 404 30.12 -20.92 -23.15
C GLY B 404 29.59 -21.01 -21.72
N ASP B 405 30.16 -20.17 -20.86
CA ASP B 405 29.69 -20.16 -19.46
C ASP B 405 28.25 -19.58 -19.31
N VAL B 406 28.01 -18.56 -20.09
CA VAL B 406 26.65 -17.90 -20.11
C VAL B 406 25.60 -18.94 -20.52
N LYS B 407 25.91 -19.78 -21.52
CA LYS B 407 25.02 -20.89 -21.98
C LYS B 407 24.68 -21.89 -20.86
N VAL B 408 25.70 -22.23 -20.04
CA VAL B 408 25.49 -23.13 -18.88
C VAL B 408 24.45 -22.51 -17.94
N LEU B 409 24.63 -21.21 -17.70
CA LEU B 409 23.68 -20.50 -16.78
C LEU B 409 22.34 -20.33 -17.45
N THR B 410 22.30 -20.06 -18.76
CA THR B 410 20.92 -19.83 -19.33
C THR B 410 20.17 -21.17 -19.38
N ASP B 411 20.92 -22.21 -19.69
CA ASP B 411 20.31 -23.57 -19.69
C ASP B 411 19.70 -23.92 -18.38
N ALA B 412 20.33 -23.43 -17.30
CA ALA B 412 19.91 -23.77 -15.92
C ALA B 412 18.70 -22.95 -15.51
N PHE B 413 18.52 -21.75 -16.12
CA PHE B 413 17.34 -20.92 -15.78
C PHE B 413 16.40 -20.73 -17.00
N PRO B 414 15.69 -21.79 -17.44
CA PRO B 414 14.67 -21.73 -18.51
C PRO B 414 13.78 -20.47 -18.43
N LEU B 415 13.47 -19.90 -19.59
CA LEU B 415 12.78 -18.61 -19.66
C LEU B 415 11.28 -18.81 -19.37
N TYR B 416 10.67 -19.84 -19.94
CA TYR B 416 9.20 -20.14 -19.71
C TYR B 416 9.01 -21.62 -19.36
N ASP C 7 -25.26 6.51 37.49
CA ASP C 7 -25.54 5.94 38.84
C ASP C 7 -24.23 5.51 39.55
N TYR C 8 -23.39 4.68 38.91
CA TYR C 8 -22.03 4.40 39.49
C TYR C 8 -21.27 5.72 39.62
N LYS C 9 -21.69 6.72 38.84
CA LYS C 9 -21.08 8.06 38.89
C LYS C 9 -21.43 8.80 40.19
N ALA C 10 -22.57 8.47 40.80
CA ALA C 10 -22.92 9.09 42.10
C ALA C 10 -22.07 8.47 43.22
N PHE C 11 -21.71 7.21 43.09
CA PHE C 11 -20.87 6.57 44.08
C PHE C 11 -19.52 7.28 44.20
N ASP C 12 -19.04 7.98 43.14
CA ASP C 12 -17.62 8.44 43.07
C ASP C 12 -17.56 9.75 42.31
N PRO C 13 -18.20 10.77 42.88
CA PRO C 13 -18.27 12.07 42.24
C PRO C 13 -16.92 12.75 42.03
N GLU C 14 -15.98 12.49 42.93
CA GLU C 14 -14.66 13.14 42.83
C GLU C 14 -13.95 12.69 41.52
N LEU C 15 -13.96 11.39 41.22
CA LEU C 15 -13.27 10.80 40.05
C LEU C 15 -14.07 11.18 38.82
N TRP C 16 -15.40 10.98 38.83
CA TRP C 16 -16.21 11.30 37.63
C TRP C 16 -16.33 12.80 37.35
N ASN C 17 -16.27 13.67 38.34
CA ASN C 17 -16.21 15.09 38.01
C ASN C 17 -14.86 15.41 37.35
N ALA C 18 -13.78 14.72 37.74
CA ALA C 18 -12.47 15.08 37.16
C ALA C 18 -12.49 14.73 35.65
N ILE C 19 -13.11 13.62 35.33
CA ILE C 19 -13.24 13.17 33.98
C ILE C 19 -14.04 14.19 33.19
N ASP C 20 -15.20 14.64 33.67
CA ASP C 20 -15.92 15.68 32.91
C ASP C 20 -15.04 16.92 32.72
N ALA C 21 -14.29 17.28 33.74
CA ALA C 21 -13.42 18.45 33.63
C ALA C 21 -12.37 18.24 32.52
N GLU C 22 -11.88 17.01 32.31
CA GLU C 22 -10.81 16.74 31.28
C GLU C 22 -11.48 16.81 29.90
N ALA C 23 -12.68 16.24 29.79
CA ALA C 23 -13.50 16.33 28.60
C ALA C 23 -13.66 17.78 28.18
N GLU C 24 -13.94 18.62 29.15
CA GLU C 24 -14.16 19.99 28.85
C GLU C 24 -12.82 20.69 28.54
N ARG C 25 -11.79 20.38 29.31
CA ARG C 25 -10.46 20.98 28.99
C ARG C 25 -10.05 20.58 27.56
N GLN C 26 -10.27 19.33 27.13
CA GLN C 26 -9.85 18.91 25.78
C GLN C 26 -10.69 19.68 24.74
N GLN C 27 -11.96 19.94 25.02
CA GLN C 27 -12.80 20.72 24.17
C GLN C 27 -12.25 22.14 23.99
N ASN C 28 -11.84 22.82 25.05
CA ASN C 28 -11.48 24.27 24.96
C ASN C 28 -9.98 24.45 24.69
N ASN C 29 -9.24 23.36 24.44
CA ASN C 29 -7.80 23.52 24.20
C ASN C 29 -7.54 23.31 22.68
N ILE C 30 -6.59 24.06 22.12
CA ILE C 30 -6.02 23.74 20.79
C ILE C 30 -4.77 22.88 21.02
N GLU C 31 -4.87 21.58 20.78
CA GLU C 31 -3.75 20.62 21.03
C GLU C 31 -2.77 20.52 19.85
N LEU C 32 -1.61 21.14 19.94
CA LEU C 32 -0.58 21.09 18.90
C LEU C 32 0.58 20.17 19.34
N ILE C 33 0.45 19.46 20.46
CA ILE C 33 1.54 18.50 20.84
C ILE C 33 1.56 17.39 19.78
N ALA C 34 2.67 17.24 19.10
CA ALA C 34 2.69 16.47 17.79
C ALA C 34 2.39 14.99 17.96
N SER C 35 2.56 14.48 19.18
CA SER C 35 2.30 13.06 19.51
C SER C 35 0.82 12.80 19.84
N GLU C 36 -0.03 13.82 19.94
CA GLU C 36 -1.41 13.63 20.42
C GLU C 36 -2.37 13.45 19.26
N ASN C 37 -3.48 12.79 19.55
CA ASN C 37 -4.51 12.65 18.60
C ASN C 37 -5.88 12.60 19.31
N VAL C 38 -6.95 12.37 18.56
CA VAL C 38 -8.25 12.26 19.13
C VAL C 38 -8.89 10.95 18.70
N VAL C 39 -9.08 10.02 19.59
CA VAL C 39 -9.47 8.70 19.10
C VAL C 39 -10.97 8.70 18.86
N SER C 40 -11.45 7.73 18.11
CA SER C 40 -12.88 7.64 17.83
C SER C 40 -13.64 7.13 19.05
N LYS C 41 -14.95 7.30 19.01
CA LYS C 41 -15.78 6.81 20.11
C LYS C 41 -15.71 5.28 20.13
N ALA C 42 -15.56 4.66 18.97
CA ALA C 42 -15.48 3.19 18.85
C ALA C 42 -14.20 2.65 19.51
N VAL C 43 -13.14 3.40 19.43
CA VAL C 43 -11.89 2.96 19.99
C VAL C 43 -12.01 3.05 21.51
N MET C 44 -12.58 4.14 22.03
CA MET C 44 -12.78 4.23 23.51
C MET C 44 -13.76 3.16 24.02
N ALA C 45 -14.87 2.91 23.31
CA ALA C 45 -15.81 1.87 23.73
C ALA C 45 -15.12 0.52 23.75
N ALA C 46 -14.25 0.23 22.79
CA ALA C 46 -13.70 -1.12 22.78
C ALA C 46 -12.89 -1.38 24.07
N GLN C 47 -12.22 -0.37 24.58
CA GLN C 47 -11.32 -0.65 25.70
C GLN C 47 -12.12 -0.45 27.00
N GLY C 48 -13.35 0.05 26.90
CA GLY C 48 -14.31 -0.02 27.97
C GLY C 48 -15.12 -1.33 28.07
N THR C 49 -14.69 -2.45 27.50
CA THR C 49 -15.51 -3.65 27.52
C THR C 49 -15.00 -4.70 28.50
N LEU C 50 -15.73 -5.81 28.60
CA LEU C 50 -15.44 -6.80 29.65
C LEU C 50 -14.31 -7.74 29.24
N LEU C 51 -13.69 -7.46 28.08
CA LEU C 51 -12.55 -8.27 27.73
C LEU C 51 -11.43 -8.06 28.77
N THR C 52 -11.47 -6.97 29.55
CA THR C 52 -10.52 -6.77 30.64
C THR C 52 -10.55 -7.92 31.65
N ASN C 53 -11.63 -8.71 31.74
CA ASN C 53 -11.73 -9.81 32.73
C ASN C 53 -10.97 -11.05 32.28
N LYS C 54 -10.66 -11.23 30.98
CA LYS C 54 -10.13 -12.53 30.58
C LYS C 54 -8.60 -12.44 30.37
N SER C 55 -7.91 -13.33 31.08
CA SER C 55 -6.46 -13.47 31.01
C SER C 55 -6.06 -14.33 29.82
N ALA C 56 -5.35 -13.72 28.87
CA ALA C 56 -4.98 -14.42 27.62
C ALA C 56 -3.47 -14.72 27.51
N GLU C 57 -2.81 -15.02 28.61
CA GLU C 57 -1.41 -15.42 28.57
C GLU C 57 -1.20 -16.34 27.37
N GLY C 58 -0.18 -16.02 26.60
CA GLY C 58 0.22 -16.80 25.42
C GLY C 58 -0.29 -16.13 24.17
N TYR C 59 -0.48 -16.91 23.09
CA TYR C 59 -0.82 -16.37 21.76
C TYR C 59 -2.05 -17.10 21.19
N PRO C 60 -2.66 -16.57 20.14
CA PRO C 60 -3.83 -17.28 19.59
C PRO C 60 -3.58 -18.77 19.26
N GLY C 61 -4.47 -19.64 19.72
CA GLY C 61 -4.27 -21.08 19.49
C GLY C 61 -3.23 -21.70 20.40
N LYS C 62 -2.50 -20.90 21.20
CA LYS C 62 -1.41 -21.39 22.05
C LYS C 62 -1.49 -20.67 23.41
N ARG C 63 -2.65 -20.71 24.03
CA ARG C 63 -2.90 -19.98 25.26
C ARG C 63 -2.59 -20.83 26.48
N TYR C 64 -2.15 -20.21 27.59
CA TYR C 64 -2.04 -20.92 28.88
C TYR C 64 -3.43 -21.44 29.29
N TYR C 65 -4.48 -20.66 29.12
CA TYR C 65 -5.80 -20.93 29.75
C TYR C 65 -6.86 -21.28 28.69
N GLY C 66 -7.88 -22.03 29.12
CA GLY C 66 -9.04 -22.29 28.27
C GLY C 66 -10.01 -21.14 28.34
N GLY C 67 -11.12 -21.31 27.64
CA GLY C 67 -12.09 -20.23 27.50
C GLY C 67 -11.56 -19.07 26.67
N THR C 68 -10.56 -19.35 25.84
CA THR C 68 -9.95 -18.27 25.08
C THR C 68 -10.32 -18.30 23.61
N ALA C 69 -11.33 -19.05 23.13
CA ALA C 69 -11.53 -19.14 21.64
C ALA C 69 -11.97 -17.78 21.08
N VAL C 70 -12.72 -16.99 21.84
CA VAL C 70 -13.24 -15.75 21.31
C VAL C 70 -12.17 -14.65 21.43
N ILE C 71 -11.39 -14.66 22.52
CA ILE C 71 -10.25 -13.73 22.64
C ILE C 71 -9.34 -13.92 21.42
N ASP C 72 -9.09 -15.17 21.05
CA ASP C 72 -8.36 -15.51 19.86
C ASP C 72 -8.85 -14.80 18.58
N VAL C 73 -10.16 -14.78 18.42
CA VAL C 73 -10.77 -14.13 17.30
C VAL C 73 -10.44 -12.64 17.34
N VAL C 74 -10.61 -12.00 18.49
CA VAL C 74 -10.32 -10.57 18.57
C VAL C 74 -8.83 -10.31 18.29
N GLU C 75 -7.93 -11.09 18.90
CA GLU C 75 -6.51 -10.83 18.76
C GLU C 75 -6.10 -11.12 17.31
N THR C 76 -6.61 -12.20 16.73
CA THR C 76 -6.34 -12.53 15.31
C THR C 76 -6.82 -11.40 14.38
N LEU C 77 -7.95 -10.77 14.65
CA LEU C 77 -8.38 -9.60 13.87
C LEU C 77 -7.34 -8.48 13.94
N ALA C 78 -6.85 -8.22 15.14
CA ALA C 78 -5.90 -7.10 15.27
C ALA C 78 -4.63 -7.44 14.47
N ILE C 79 -4.14 -8.66 14.61
CA ILE C 79 -2.98 -9.13 13.93
C ILE C 79 -3.14 -9.06 12.39
N GLU C 80 -4.26 -9.60 11.86
CA GLU C 80 -4.47 -9.68 10.42
C GLU C 80 -4.62 -8.27 9.86
N ARG C 81 -5.25 -7.40 10.61
CA ARG C 81 -5.42 -6.05 10.13
C ARG C 81 -4.10 -5.28 10.14
N ALA C 82 -3.27 -5.52 11.17
CA ALA C 82 -1.94 -4.85 11.20
C ALA C 82 -1.17 -5.35 9.96
N LYS C 83 -1.23 -6.67 9.71
CA LYS C 83 -0.44 -7.20 8.61
C LYS C 83 -0.92 -6.62 7.27
N LYS C 84 -2.25 -6.44 7.12
CA LYS C 84 -2.81 -6.02 5.88
C LYS C 84 -2.47 -4.56 5.69
N LEU C 85 -2.69 -3.76 6.72
CA LEU C 85 -2.49 -2.33 6.59
C LEU C 85 -1.03 -2.03 6.25
N PHE C 86 -0.10 -2.69 6.93
CA PHE C 86 1.31 -2.27 6.80
C PHE C 86 2.05 -3.19 5.84
N GLY C 87 1.42 -4.28 5.42
CA GLY C 87 2.02 -5.20 4.42
C GLY C 87 3.11 -6.09 5.03
N ALA C 88 2.95 -6.55 6.26
CA ALA C 88 4.03 -7.33 6.91
C ALA C 88 3.54 -8.76 6.98
N LYS C 89 4.45 -9.71 6.96
CA LYS C 89 4.01 -11.08 7.14
C LYS C 89 3.72 -11.45 8.60
N PHE C 90 4.26 -10.73 9.60
CA PHE C 90 4.04 -11.13 11.04
C PHE C 90 3.77 -9.88 11.88
N ALA C 91 2.87 -9.99 12.81
CA ALA C 91 2.60 -8.87 13.70
C ALA C 91 2.33 -9.44 15.10
N ASN C 92 2.72 -8.63 16.08
CA ASN C 92 2.50 -8.90 17.48
C ASN C 92 1.84 -7.67 18.06
N VAL C 93 0.62 -7.84 18.57
CA VAL C 93 -0.19 -6.69 18.99
C VAL C 93 -0.25 -6.62 20.53
N GLN C 94 0.53 -7.44 21.21
CA GLN C 94 0.47 -7.52 22.73
C GLN C 94 1.30 -6.46 23.48
N PRO C 95 2.33 -5.86 22.89
CA PRO C 95 3.03 -4.88 23.73
C PRO C 95 2.17 -3.80 24.40
N HIS C 96 2.43 -3.48 25.66
CA HIS C 96 1.58 -2.53 26.40
C HIS C 96 1.84 -1.08 25.95
N SER C 97 2.99 -0.85 25.34
CA SER C 97 3.43 0.52 24.99
C SER C 97 4.55 0.41 23.93
N GLY C 98 4.91 1.55 23.40
CA GLY C 98 6.02 1.58 22.47
C GLY C 98 7.32 1.21 23.17
N SER C 99 7.45 1.51 24.45
CA SER C 99 8.69 1.18 25.19
C SER C 99 8.83 -0.34 25.30
N GLN C 100 7.71 -1.02 25.55
CA GLN C 100 7.78 -2.52 25.70
C GLN C 100 8.08 -3.15 24.34
N ALA C 101 7.46 -2.58 23.29
CA ALA C 101 7.73 -3.04 21.90
C ALA C 101 9.22 -2.94 21.53
N ASN C 102 9.79 -1.80 21.82
CA ASN C 102 11.21 -1.55 21.55
C ASN C 102 12.07 -2.49 22.39
N ALA C 103 11.72 -2.66 23.69
CA ALA C 103 12.55 -3.55 24.58
C ALA C 103 12.51 -4.96 24.04
N ALA C 104 11.33 -5.37 23.52
CA ALA C 104 11.20 -6.75 23.01
C ALA C 104 12.08 -6.97 21.78
N VAL C 105 12.15 -5.92 20.95
CA VAL C 105 13.05 -6.06 19.77
C VAL C 105 14.53 -6.17 20.19
N TYR C 106 14.97 -5.34 21.15
CA TYR C 106 16.39 -5.40 21.56
C TYR C 106 16.68 -6.79 22.14
N MET C 107 15.78 -7.25 22.99
CA MET C 107 15.88 -8.61 23.59
C MET C 107 15.86 -9.70 22.52
N SER C 108 15.19 -9.51 21.37
CA SER C 108 15.21 -10.58 20.33
C SER C 108 16.44 -10.54 19.43
N LEU C 109 17.04 -9.38 19.20
CA LEU C 109 18.04 -9.29 18.15
C LEU C 109 19.48 -9.15 18.70
N ILE C 110 19.67 -8.54 19.85
CA ILE C 110 21.09 -8.23 20.35
C ILE C 110 21.26 -8.72 21.81
N GLN C 111 22.46 -8.61 22.35
N GLN C 111 22.52 -8.69 22.30
CA GLN C 111 22.74 -9.06 23.72
CA GLN C 111 22.86 -9.02 23.72
C GLN C 111 23.10 -7.84 24.56
C GLN C 111 22.87 -7.74 24.56
N PRO C 112 22.80 -7.86 25.89
CA PRO C 112 23.20 -6.76 26.80
C PRO C 112 24.64 -6.33 26.54
N GLY C 113 24.84 -5.03 26.54
CA GLY C 113 26.18 -4.50 26.16
C GLY C 113 26.43 -4.35 24.66
N ASP C 114 25.61 -4.87 23.74
CA ASP C 114 25.95 -4.74 22.26
C ASP C 114 25.78 -3.31 21.87
N THR C 115 26.51 -2.81 20.88
CA THR C 115 26.33 -1.49 20.40
C THR C 115 25.09 -1.28 19.48
N VAL C 116 24.38 -0.19 19.74
CA VAL C 116 23.20 0.21 18.96
C VAL C 116 23.40 1.67 18.56
N MET C 117 23.16 2.00 17.31
CA MET C 117 23.17 3.36 16.90
C MET C 117 21.73 3.89 16.75
N GLY C 118 21.40 5.00 17.36
CA GLY C 118 20.05 5.59 17.22
C GLY C 118 20.15 7.08 17.06
N MET C 119 19.03 7.72 16.74
CA MET C 119 19.09 9.15 16.40
C MET C 119 19.21 9.96 17.70
N ASP C 120 20.04 10.99 17.65
CA ASP C 120 20.41 11.80 18.82
C ASP C 120 19.12 12.42 19.30
N LEU C 121 18.93 12.31 20.60
CA LEU C 121 17.82 12.81 21.44
C LEU C 121 17.55 14.31 21.13
N SER C 122 18.56 15.12 20.79
CA SER C 122 18.40 16.54 20.37
C SER C 122 17.87 16.70 18.95
N ALA C 123 17.95 15.69 18.08
CA ALA C 123 17.45 15.88 16.69
C ALA C 123 16.20 15.00 16.47
N GLY C 124 15.70 14.38 17.52
CA GLY C 124 14.46 13.62 17.31
C GLY C 124 14.47 12.22 17.90
N GLY C 125 15.59 11.71 18.40
CA GLY C 125 15.64 10.31 18.92
C GLY C 125 14.78 10.16 20.17
N HIS C 126 14.08 9.02 20.32
CA HIS C 126 13.12 8.78 21.45
C HIS C 126 13.93 8.39 22.71
N LEU C 127 13.33 8.52 23.91
CA LEU C 127 13.96 8.07 25.16
C LEU C 127 14.45 6.62 25.05
N THR C 128 13.61 5.78 24.42
CA THR C 128 13.86 4.34 24.35
C THR C 128 14.92 4.03 23.27
N HIS C 129 15.49 5.11 22.66
CA HIS C 129 16.57 4.99 21.65
C HIS C 129 17.90 5.34 22.29
N GLY C 130 18.02 5.03 23.61
CA GLY C 130 19.32 5.02 24.33
C GLY C 130 19.56 6.16 25.31
N ALA C 131 18.53 6.89 25.70
CA ALA C 131 18.71 7.87 26.78
C ALA C 131 19.36 7.15 28.00
N PRO C 132 20.32 7.80 28.69
CA PRO C 132 21.00 7.17 29.89
C PRO C 132 19.99 6.89 31.04
N VAL C 133 18.89 7.65 31.12
CA VAL C 133 17.88 7.48 32.16
C VAL C 133 16.91 6.33 31.78
N SER C 134 17.09 5.74 30.60
CA SER C 134 16.16 4.69 30.07
C SER C 134 16.82 3.33 30.22
N PHE C 135 16.00 2.28 30.43
CA PHE C 135 16.52 0.87 30.34
C PHE C 135 17.36 0.67 29.06
N SER C 136 17.04 1.43 28.01
CA SER C 136 17.70 1.21 26.67
C SER C 136 19.22 1.48 26.83
N GLY C 137 19.52 2.69 27.25
CA GLY C 137 20.88 3.23 27.52
C GLY C 137 21.62 2.49 28.63
N LYS C 138 20.91 1.94 29.61
CA LYS C 138 21.58 1.26 30.74
C LYS C 138 21.98 -0.14 30.32
N THR C 139 21.24 -0.78 29.43
CA THR C 139 21.49 -2.21 29.15
C THR C 139 22.39 -2.40 27.94
N TYR C 140 22.22 -1.52 26.95
CA TYR C 140 22.99 -1.60 25.70
C TYR C 140 23.89 -0.38 25.59
N ASN C 141 24.83 -0.50 24.67
CA ASN C 141 25.79 0.59 24.38
C ASN C 141 25.25 1.44 23.21
N PHE C 142 24.55 2.56 23.52
CA PHE C 142 23.90 3.33 22.51
C PHE C 142 24.85 4.40 22.02
N VAL C 143 24.96 4.59 20.73
CA VAL C 143 25.83 5.67 20.19
C VAL C 143 24.94 6.49 19.25
N SER C 144 24.86 7.79 19.35
CA SER C 144 23.84 8.48 18.59
C SER C 144 24.40 9.04 17.28
N TYR C 145 23.54 9.09 16.25
CA TYR C 145 23.91 9.92 15.06
C TYR C 145 23.01 11.17 15.07
N ASN C 146 23.44 12.15 14.34
CA ASN C 146 22.84 13.43 14.31
C ASN C 146 22.35 13.75 12.89
N VAL C 147 21.73 14.90 12.72
CA VAL C 147 21.60 15.49 11.41
C VAL C 147 22.82 16.36 11.12
N ASP C 148 23.00 16.70 9.86
CA ASP C 148 23.99 17.64 9.43
C ASP C 148 23.72 19.05 9.99
N LYS C 149 24.79 19.74 10.44
CA LYS C 149 24.68 21.00 11.17
C LYS C 149 24.12 22.13 10.28
N GLU C 150 24.54 22.14 9.02
CA GLU C 150 24.20 23.21 8.08
C GLU C 150 22.80 22.99 7.52
N SER C 151 22.45 21.77 7.09
CA SER C 151 21.13 21.51 6.41
C SER C 151 20.06 21.05 7.39
N GLU C 152 20.44 20.52 8.55
CA GLU C 152 19.50 19.94 9.48
C GLU C 152 18.83 18.70 8.86
N LEU C 153 19.46 18.08 7.88
CA LEU C 153 18.89 16.85 7.31
C LEU C 153 19.78 15.66 7.69
N LEU C 154 19.24 14.46 7.67
CA LEU C 154 20.02 13.26 7.75
C LEU C 154 21.03 13.21 6.60
N ASP C 155 22.31 12.95 6.92
CA ASP C 155 23.36 12.79 5.91
C ASP C 155 23.76 11.36 5.94
N TYR C 156 23.30 10.58 4.94
CA TYR C 156 23.43 9.12 4.91
C TYR C 156 24.92 8.71 4.70
N ASP C 157 25.74 9.54 4.08
CA ASP C 157 27.17 9.30 3.97
C ASP C 157 27.86 9.42 5.36
N ALA C 158 27.57 10.48 6.11
CA ALA C 158 28.12 10.67 7.47
C ALA C 158 27.62 9.55 8.37
N ILE C 159 26.38 9.09 8.17
CA ILE C 159 25.89 8.04 9.08
C ILE C 159 26.66 6.77 8.76
N LEU C 160 26.91 6.48 7.47
CA LEU C 160 27.62 5.30 7.08
C LEU C 160 29.05 5.39 7.66
N ALA C 161 29.71 6.52 7.59
CA ALA C 161 31.10 6.65 8.04
C ALA C 161 31.18 6.34 9.54
N GLN C 162 30.16 6.76 10.33
CA GLN C 162 30.12 6.54 11.73
C GLN C 162 29.80 5.09 12.02
N ALA C 163 28.92 4.49 11.22
CA ALA C 163 28.62 3.09 11.48
C ALA C 163 29.84 2.18 11.18
N LYS C 164 30.68 2.56 10.24
CA LYS C 164 31.87 1.76 9.96
C LYS C 164 32.90 1.87 11.12
N GLU C 165 32.95 2.99 11.79
CA GLU C 165 33.76 3.16 13.06
C GLU C 165 33.19 2.41 14.26
N VAL C 166 31.87 2.43 14.44
CA VAL C 166 31.25 1.97 15.65
C VAL C 166 30.77 0.56 15.50
N ARG C 167 30.56 0.10 14.26
CA ARG C 167 30.20 -1.31 14.03
C ARG C 167 29.05 -1.71 14.94
N PRO C 168 27.88 -1.06 14.76
CA PRO C 168 26.79 -1.47 15.62
C PRO C 168 26.28 -2.86 15.30
N LYS C 169 25.69 -3.49 16.28
CA LYS C 169 24.94 -4.68 15.99
C LYS C 169 23.51 -4.33 15.50
N LEU C 170 23.01 -3.15 15.85
CA LEU C 170 21.60 -2.76 15.51
C LEU C 170 21.65 -1.28 15.22
N ILE C 171 21.09 -0.85 14.07
CA ILE C 171 20.79 0.55 13.86
C ILE C 171 19.28 0.78 14.02
N VAL C 172 18.95 1.81 14.78
CA VAL C 172 17.56 2.24 15.02
C VAL C 172 17.32 3.51 14.23
N ALA C 173 16.28 3.49 13.39
CA ALA C 173 15.89 4.74 12.74
C ALA C 173 14.50 5.17 13.21
N GLY C 174 14.23 6.45 13.08
CA GLY C 174 12.94 6.99 13.54
C GLY C 174 13.14 8.10 14.56
N ALA C 175 12.18 9.03 14.65
CA ALA C 175 12.38 10.29 15.34
C ALA C 175 11.05 10.90 15.74
N SER C 176 11.11 11.80 16.71
CA SER C 176 9.92 12.42 17.27
C SER C 176 9.86 13.93 16.97
N ALA C 177 10.91 14.45 16.35
CA ALA C 177 11.01 15.86 15.98
C ALA C 177 11.68 16.02 14.61
N TYR C 178 11.68 15.03 13.71
CA TYR C 178 12.31 15.25 12.39
C TYR C 178 11.18 15.39 11.38
N SER C 179 11.22 16.46 10.64
CA SER C 179 10.14 16.90 9.74
C SER C 179 10.28 16.36 8.32
N ARG C 180 11.38 15.67 7.98
CA ARG C 180 11.62 15.34 6.54
C ARG C 180 11.40 13.83 6.29
N ILE C 181 11.29 13.45 5.00
CA ILE C 181 11.07 12.08 4.60
C ILE C 181 12.37 11.33 4.89
N ILE C 182 12.25 10.26 5.62
CA ILE C 182 13.38 9.34 5.91
C ILE C 182 13.49 8.34 4.79
N ASP C 183 14.73 8.16 4.33
CA ASP C 183 15.04 7.21 3.24
C ASP C 183 15.35 5.93 3.92
N PHE C 184 14.37 5.09 4.04
CA PHE C 184 14.65 3.83 4.74
C PHE C 184 15.48 2.85 3.91
N ALA C 185 15.47 2.99 2.58
CA ALA C 185 16.29 2.15 1.74
C ALA C 185 17.76 2.40 2.07
N LYS C 186 18.08 3.67 2.19
CA LYS C 186 19.41 4.01 2.56
C LYS C 186 19.77 3.50 3.94
N PHE C 187 18.86 3.59 4.95
CA PHE C 187 19.18 3.04 6.24
C PHE C 187 19.50 1.55 6.11
N ARG C 188 18.72 0.79 5.39
CA ARG C 188 18.98 -0.63 5.25
C ARG C 188 20.29 -0.88 4.44
N GLU C 189 20.64 -0.04 3.46
CA GLU C 189 21.97 -0.14 2.76
C GLU C 189 23.10 0.05 3.82
N ILE C 190 23.01 1.03 4.68
CA ILE C 190 24.03 1.29 5.77
C ILE C 190 24.10 0.09 6.70
N ALA C 191 22.98 -0.42 7.13
CA ALA C 191 22.99 -1.54 7.99
C ALA C 191 23.64 -2.71 7.31
N ASP C 192 23.21 -2.96 6.07
CA ASP C 192 23.79 -4.08 5.34
C ASP C 192 25.33 -3.89 5.16
N ALA C 193 25.78 -2.68 4.91
CA ALA C 193 27.16 -2.50 4.68
C ALA C 193 28.01 -2.88 5.94
N VAL C 194 27.48 -2.83 7.19
CA VAL C 194 28.27 -3.15 8.40
C VAL C 194 27.74 -4.40 9.07
N GLY C 195 26.87 -5.10 8.43
CA GLY C 195 26.32 -6.35 8.98
C GLY C 195 25.44 -6.13 10.22
N ALA C 196 24.73 -5.01 10.32
CA ALA C 196 23.82 -4.74 11.40
C ALA C 196 22.38 -5.06 11.02
N TYR C 197 21.57 -5.33 12.03
CA TYR C 197 20.14 -5.33 11.86
C TYR C 197 19.66 -3.88 11.76
N LEU C 198 18.50 -3.67 11.17
CA LEU C 198 17.86 -2.36 11.11
C LEU C 198 16.48 -2.51 11.78
N MET C 199 16.29 -1.71 12.79
CA MET C 199 15.00 -1.54 13.44
C MET C 199 14.48 -0.15 13.09
N VAL C 200 13.22 -0.07 12.71
CA VAL C 200 12.62 1.30 12.55
C VAL C 200 11.51 1.42 13.57
N ASP C 201 11.55 2.52 14.29
CA ASP C 201 10.49 2.89 15.19
C ASP C 201 9.71 3.99 14.53
N MET C 202 8.56 3.60 13.99
CA MET C 202 7.78 4.53 13.18
C MET C 202 6.60 5.14 13.97
N ALA C 203 6.69 5.16 15.30
CA ALA C 203 5.58 5.54 16.17
C ALA C 203 5.02 6.89 15.74
N HIS C 204 5.89 7.84 15.49
CA HIS C 204 5.39 9.17 15.22
C HIS C 204 4.70 9.28 13.86
N ILE C 205 5.15 8.50 12.88
CA ILE C 205 4.70 8.70 11.49
C ILE C 205 3.80 7.56 11.05
N ALA C 206 3.48 6.67 11.95
CA ALA C 206 2.83 5.43 11.52
C ALA C 206 1.53 5.73 10.76
N GLY C 207 0.80 6.74 11.16
CA GLY C 207 -0.45 7.05 10.42
C GLY C 207 -0.17 7.57 9.03
N LEU C 208 0.93 8.31 8.86
CA LEU C 208 1.30 8.77 7.51
C LEU C 208 1.81 7.59 6.66
N VAL C 209 2.42 6.59 7.29
CA VAL C 209 2.77 5.39 6.53
C VAL C 209 1.49 4.67 6.08
N ALA C 210 0.53 4.49 7.00
CA ALA C 210 -0.72 3.88 6.66
C ALA C 210 -1.51 4.70 5.62
N SER C 211 -1.46 6.00 5.71
CA SER C 211 -2.17 6.87 4.81
C SER C 211 -1.51 6.90 3.42
N GLY C 212 -0.29 6.40 3.28
CA GLY C 212 0.45 6.48 1.99
C GLY C 212 1.30 7.74 1.84
N HIS C 213 1.29 8.64 2.84
CA HIS C 213 1.99 9.90 2.69
C HIS C 213 3.45 9.83 3.15
N HIS C 214 3.85 8.77 3.82
CA HIS C 214 5.30 8.65 4.17
C HIS C 214 5.70 7.26 3.71
N PRO C 215 6.77 7.14 2.97
CA PRO C 215 7.25 5.81 2.60
C PRO C 215 7.32 4.85 3.79
N SER C 216 7.08 3.58 3.53
CA SER C 216 6.99 2.59 4.57
C SER C 216 8.38 2.01 4.88
N PRO C 217 8.67 1.78 6.14
CA PRO C 217 9.90 1.11 6.52
C PRO C 217 9.80 -0.40 6.44
N VAL C 218 8.56 -0.92 6.36
CA VAL C 218 8.34 -2.32 6.56
C VAL C 218 9.17 -3.16 5.57
N PRO C 219 9.28 -2.76 4.30
CA PRO C 219 10.07 -3.66 3.44
C PRO C 219 11.58 -3.64 3.73
N TYR C 220 12.05 -2.63 4.45
CA TYR C 220 13.47 -2.36 4.61
C TYR C 220 13.99 -2.73 6.01
N ALA C 221 13.17 -2.63 7.05
CA ALA C 221 13.67 -2.88 8.40
C ALA C 221 13.56 -4.36 8.71
N HIS C 222 14.55 -4.93 9.41
CA HIS C 222 14.33 -6.31 9.86
C HIS C 222 13.06 -6.36 10.72
N VAL C 223 12.91 -5.33 11.57
CA VAL C 223 11.80 -5.26 12.49
C VAL C 223 11.32 -3.83 12.55
N THR C 224 10.00 -3.67 12.45
CA THR C 224 9.39 -2.31 12.59
C THR C 224 8.57 -2.27 13.86
N THR C 225 8.74 -1.23 14.66
CA THR C 225 7.85 -1.07 15.83
C THR C 225 7.03 0.20 15.69
N THR C 226 5.93 0.30 16.43
CA THR C 226 5.22 1.54 16.47
C THR C 226 4.36 1.59 17.75
N THR C 227 3.89 2.76 18.12
CA THR C 227 2.76 2.82 19.00
C THR C 227 1.48 2.76 18.15
N THR C 228 0.36 2.28 18.74
CA THR C 228 -0.91 2.38 18.07
C THR C 228 -1.57 3.73 18.29
N HIS C 229 -1.13 4.52 19.24
CA HIS C 229 -1.60 5.93 19.30
C HIS C 229 -0.63 6.80 18.49
N LYS C 230 -0.88 8.11 18.50
CA LYS C 230 -0.21 9.17 17.73
C LYS C 230 -0.89 9.30 16.34
N THR C 231 -0.13 9.43 15.24
CA THR C 231 -0.74 9.66 13.90
C THR C 231 -1.62 8.51 13.48
N LEU C 232 -1.38 7.31 13.99
CA LEU C 232 -2.27 6.18 13.65
C LEU C 232 -3.62 6.26 14.37
N ARG C 233 -3.72 7.07 15.42
CA ARG C 233 -5.05 7.47 15.99
C ARG C 233 -5.77 6.27 16.63
N GLY C 234 -4.97 5.39 17.18
CA GLY C 234 -5.43 4.27 17.92
C GLY C 234 -5.30 4.49 19.42
N PRO C 235 -5.64 3.44 20.16
CA PRO C 235 -5.48 3.46 21.60
C PRO C 235 -3.99 3.34 21.99
N ARG C 236 -3.68 3.69 23.21
CA ARG C 236 -2.35 3.58 23.71
C ARG C 236 -1.90 2.12 23.86
N GLY C 237 -0.75 1.84 23.26
CA GLY C 237 -0.24 0.49 23.16
C GLY C 237 0.84 0.41 22.08
N GLY C 238 1.42 -0.75 21.90
CA GLY C 238 2.50 -0.91 20.94
C GLY C 238 2.22 -2.02 19.96
N LEU C 239 3.05 -2.10 18.91
CA LEU C 239 2.83 -3.09 17.86
C LEU C 239 4.21 -3.39 17.25
N ILE C 240 4.47 -4.64 16.90
CA ILE C 240 5.70 -5.02 16.28
C ILE C 240 5.40 -5.73 14.95
N LEU C 241 6.16 -5.39 13.89
CA LEU C 241 6.00 -6.01 12.53
C LEU C 241 7.34 -6.56 12.06
N THR C 242 7.29 -7.71 11.37
CA THR C 242 8.50 -8.23 10.71
C THR C 242 8.08 -9.12 9.53
N ASP C 243 8.99 -9.32 8.58
CA ASP C 243 8.77 -10.27 7.50
C ASP C 243 9.48 -11.58 7.69
N ASP C 244 10.33 -11.69 8.69
CA ASP C 244 11.19 -12.85 8.93
C ASP C 244 10.59 -13.75 10.04
N GLU C 245 10.33 -14.99 9.68
CA GLU C 245 9.62 -15.84 10.56
C GLU C 245 10.47 -16.26 11.76
N ASP C 246 11.76 -16.39 11.58
CA ASP C 246 12.63 -16.73 12.74
C ASP C 246 12.68 -15.53 13.70
N ILE C 247 12.74 -14.31 13.18
CA ILE C 247 12.70 -13.16 14.10
C ILE C 247 11.33 -13.09 14.77
N ALA C 248 10.26 -13.34 14.02
CA ALA C 248 8.90 -13.30 14.59
C ALA C 248 8.77 -14.21 15.81
N LYS C 249 9.31 -15.42 15.75
CA LYS C 249 9.21 -16.35 16.90
C LYS C 249 10.00 -15.81 18.11
N LYS C 250 11.15 -15.21 17.89
CA LYS C 250 11.90 -14.56 18.95
C LYS C 250 11.11 -13.41 19.53
N LEU C 251 10.55 -12.52 18.68
CA LEU C 251 9.74 -11.36 19.18
C LEU C 251 8.62 -11.85 20.07
N ASN C 252 7.92 -12.94 19.67
CA ASN C 252 6.77 -13.40 20.42
C ASN C 252 7.24 -13.88 21.80
N SER C 253 8.33 -14.65 21.84
CA SER C 253 8.95 -15.11 23.10
C SER C 253 9.35 -13.93 23.98
N ALA C 254 9.89 -12.88 23.36
CA ALA C 254 10.46 -11.74 24.11
C ALA C 254 9.31 -10.94 24.71
N VAL C 255 8.22 -10.82 24.01
CA VAL C 255 7.11 -10.04 24.56
C VAL C 255 6.46 -10.84 25.70
N PHE C 256 6.22 -12.12 25.46
CA PHE C 256 5.61 -12.98 26.50
C PHE C 256 6.21 -14.38 26.33
N PRO C 257 6.84 -14.94 27.36
CA PRO C 257 6.91 -14.45 28.74
C PRO C 257 8.14 -13.58 29.07
N GLY C 258 8.87 -13.09 28.07
CA GLY C 258 10.09 -12.35 28.31
C GLY C 258 9.88 -11.08 29.12
N LEU C 259 8.90 -10.26 28.77
CA LEU C 259 8.79 -8.89 29.33
C LEU C 259 7.45 -8.59 29.97
N GLN C 260 6.41 -9.29 29.52
CA GLN C 260 5.05 -8.99 29.95
C GLN C 260 4.48 -10.28 30.51
N GLY C 261 3.36 -10.17 31.21
CA GLY C 261 2.49 -11.33 31.41
C GLY C 261 1.38 -11.33 30.35
N GLY C 262 0.14 -11.36 30.77
CA GLY C 262 -0.90 -11.44 29.79
C GLY C 262 -1.17 -10.08 29.18
N PRO C 263 -1.75 -10.06 28.01
CA PRO C 263 -1.99 -8.78 27.35
C PRO C 263 -3.30 -8.11 27.77
N LEU C 264 -3.43 -6.86 27.42
CA LEU C 264 -4.67 -6.16 27.67
C LEU C 264 -5.61 -6.46 26.49
N GLU C 265 -6.45 -7.48 26.57
CA GLU C 265 -7.24 -7.86 25.37
C GLU C 265 -8.28 -6.78 25.00
N HIS C 266 -8.75 -6.01 25.96
CA HIS C 266 -9.64 -4.90 25.69
C HIS C 266 -8.92 -3.83 24.89
N VAL C 267 -7.61 -3.66 25.13
CA VAL C 267 -6.90 -2.64 24.37
C VAL C 267 -6.64 -3.22 22.98
N ILE C 268 -6.29 -4.50 22.89
CA ILE C 268 -6.10 -5.17 21.62
C ILE C 268 -7.39 -5.07 20.78
N ALA C 269 -8.56 -5.18 21.41
CA ALA C 269 -9.81 -5.01 20.66
C ALA C 269 -9.84 -3.59 20.10
N ALA C 270 -9.44 -2.62 20.89
CA ALA C 270 -9.42 -1.24 20.37
C ALA C 270 -8.36 -1.06 19.26
N LYS C 271 -7.27 -1.83 19.28
CA LYS C 271 -6.28 -1.77 18.21
C LYS C 271 -6.93 -2.31 16.92
N ALA C 272 -7.65 -3.42 16.99
CA ALA C 272 -8.38 -3.98 15.86
C ALA C 272 -9.33 -2.93 15.26
N VAL C 273 -9.94 -2.12 16.11
CA VAL C 273 -10.91 -1.10 15.67
C VAL C 273 -10.14 -0.01 14.93
N ALA C 274 -9.04 0.46 15.54
CA ALA C 274 -8.30 1.58 14.97
C ALA C 274 -7.68 1.19 13.62
N LEU C 275 -7.21 -0.03 13.54
CA LEU C 275 -6.56 -0.51 12.36
C LEU C 275 -7.58 -0.57 11.19
N LYS C 276 -8.80 -0.99 11.44
CA LYS C 276 -9.84 -1.01 10.39
C LYS C 276 -10.22 0.41 9.98
N GLU C 277 -10.27 1.33 10.93
CA GLU C 277 -10.46 2.73 10.55
C GLU C 277 -9.33 3.16 9.61
N ALA C 278 -8.10 2.76 9.90
CA ALA C 278 -6.95 3.21 9.11
C ALA C 278 -6.91 2.52 7.73
N LEU C 279 -7.55 1.35 7.57
CA LEU C 279 -7.67 0.71 6.26
C LEU C 279 -8.73 1.36 5.38
N ASP C 280 -9.54 2.25 5.91
CA ASP C 280 -10.65 2.86 5.16
C ASP C 280 -10.12 4.01 4.32
N PRO C 281 -10.70 4.26 3.13
CA PRO C 281 -10.26 5.39 2.30
C PRO C 281 -10.35 6.77 2.96
N ALA C 282 -11.24 7.00 3.93
CA ALA C 282 -11.27 8.28 4.69
C ALA C 282 -9.93 8.55 5.39
N PHE C 283 -9.19 7.48 5.73
CA PHE C 283 -7.90 7.64 6.50
C PHE C 283 -6.88 8.29 5.58
N LYS C 284 -6.95 7.95 4.31
CA LYS C 284 -6.07 8.58 3.34
C LYS C 284 -6.26 10.09 3.26
N GLU C 285 -7.51 10.47 3.23
CA GLU C 285 -7.80 11.87 3.23
C GLU C 285 -7.39 12.54 4.56
N TYR C 286 -7.59 11.89 5.69
CA TYR C 286 -7.03 12.44 6.97
C TYR C 286 -5.52 12.70 6.86
N GLY C 287 -4.82 11.70 6.33
CA GLY C 287 -3.33 11.91 6.18
C GLY C 287 -3.01 13.10 5.30
N GLU C 288 -3.77 13.28 4.23
CA GLU C 288 -3.43 14.38 3.34
C GLU C 288 -3.65 15.69 4.07
N ASN C 289 -4.71 15.73 4.86
CA ASN C 289 -5.02 17.01 5.63
C ASN C 289 -3.98 17.26 6.72
N VAL C 290 -3.52 16.17 7.34
CA VAL C 290 -2.39 16.29 8.35
C VAL C 290 -1.21 16.98 7.70
N ILE C 291 -0.85 16.50 6.51
CA ILE C 291 0.30 17.07 5.81
C ILE C 291 0.06 18.57 5.53
N LYS C 292 -1.11 18.85 4.96
CA LYS C 292 -1.40 20.18 4.45
C LYS C 292 -1.51 21.14 5.64
N ASN C 293 -2.16 20.68 6.72
CA ASN C 293 -2.32 21.51 7.94
C ASN C 293 -0.94 21.85 8.49
N ALA C 294 -0.03 20.85 8.55
CA ALA C 294 1.24 21.15 9.21
C ALA C 294 1.97 22.13 8.32
N ALA C 295 1.89 21.92 6.99
CA ALA C 295 2.67 22.82 6.07
C ALA C 295 2.10 24.24 6.11
N ALA C 296 0.80 24.34 6.32
CA ALA C 296 0.22 25.76 6.37
C ALA C 296 0.69 26.46 7.65
N MET C 297 0.75 25.74 8.78
CA MET C 297 1.29 26.40 9.99
C MET C 297 2.75 26.72 9.81
N ALA C 298 3.48 25.79 9.18
CA ALA C 298 4.90 26.02 9.05
C ALA C 298 5.13 27.27 8.19
N ASP C 299 4.34 27.42 7.13
CA ASP C 299 4.54 28.54 6.21
C ASP C 299 4.41 29.94 6.94
N VAL C 300 3.58 30.03 7.98
CA VAL C 300 3.46 31.32 8.74
C VAL C 300 4.78 31.64 9.39
N PHE C 301 5.42 30.61 9.96
CA PHE C 301 6.69 30.82 10.63
C PHE C 301 7.81 31.07 9.64
N ASN C 302 7.78 30.31 8.54
CA ASN C 302 8.80 30.55 7.48
C ASN C 302 8.75 32.03 7.03
N GLN C 303 7.55 32.51 6.72
CA GLN C 303 7.45 33.91 6.16
C GLN C 303 7.83 34.93 7.22
N HIS C 304 7.55 34.65 8.49
CA HIS C 304 7.87 35.59 9.52
C HIS C 304 9.38 35.72 9.69
N PRO C 305 9.84 36.99 9.69
CA PRO C 305 11.22 37.28 9.74
C PRO C 305 11.85 36.96 11.10
N ASP C 306 11.05 36.92 12.16
CA ASP C 306 11.62 36.65 13.49
C ASP C 306 11.67 35.15 13.93
N PHE C 307 11.15 34.24 13.11
CA PHE C 307 11.12 32.79 13.44
C PHE C 307 11.77 31.95 12.32
N ARG C 308 12.43 30.85 12.69
CA ARG C 308 13.07 29.96 11.72
C ARG C 308 12.55 28.54 11.94
N VAL C 309 12.13 27.89 10.85
CA VAL C 309 11.61 26.55 10.92
C VAL C 309 12.80 25.63 10.67
N ILE C 310 13.02 24.68 11.57
CA ILE C 310 14.20 23.75 11.43
C ILE C 310 14.05 22.98 10.09
N SER C 311 15.11 23.01 9.27
CA SER C 311 15.19 22.32 7.90
C SER C 311 14.39 23.14 6.91
N GLY C 312 13.84 24.28 7.35
CA GLY C 312 13.16 25.20 6.40
C GLY C 312 11.72 24.83 6.14
N GLY C 313 11.20 23.82 6.82
CA GLY C 313 9.87 23.36 6.46
C GLY C 313 9.66 21.92 6.89
N THR C 314 8.59 21.32 6.39
CA THR C 314 8.22 19.97 6.80
C THR C 314 7.59 19.17 5.66
N ASN C 315 7.68 17.83 5.67
CA ASN C 315 6.94 16.92 4.75
C ASN C 315 6.18 15.93 5.60
N ASN C 316 6.01 16.22 6.90
CA ASN C 316 5.20 15.29 7.67
C ASN C 316 4.22 16.08 8.55
N HIS C 317 3.87 15.57 9.72
CA HIS C 317 2.84 16.15 10.56
C HIS C 317 3.40 17.19 11.51
N LEU C 318 4.70 17.45 11.50
CA LEU C 318 5.30 18.29 12.55
C LEU C 318 6.42 19.16 11.98
N PHE C 319 6.78 20.14 12.80
CA PHE C 319 7.94 20.97 12.58
C PHE C 319 8.42 21.59 13.90
N LEU C 320 9.68 22.04 13.92
CA LEU C 320 10.27 22.76 15.03
C LEU C 320 10.46 24.21 14.60
N VAL C 321 10.21 25.16 15.51
CA VAL C 321 10.53 26.58 15.26
C VAL C 321 11.57 27.07 16.28
N ASP C 322 12.60 27.77 15.85
CA ASP C 322 13.52 28.41 16.81
C ASP C 322 12.81 29.72 17.18
N VAL C 323 12.56 29.92 18.48
CA VAL C 323 11.75 31.06 18.98
C VAL C 323 12.60 32.14 19.65
N THR C 324 13.92 32.01 19.65
CA THR C 324 14.75 32.72 20.56
C THR C 324 15.05 34.13 20.04
N LYS C 325 14.47 34.55 18.93
CA LYS C 325 14.56 35.95 18.66
C LYS C 325 13.37 36.66 19.28
N VAL C 326 12.39 35.98 19.79
CA VAL C 326 11.21 36.67 20.18
C VAL C 326 10.97 36.49 21.68
N VAL C 327 11.15 35.29 22.18
CA VAL C 327 11.08 35.06 23.63
C VAL C 327 12.34 34.31 23.99
N GLU C 328 12.62 34.20 25.26
CA GLU C 328 14.00 33.81 25.63
C GLU C 328 14.30 32.33 25.31
N ASN C 329 13.31 31.48 25.44
CA ASN C 329 13.59 30.06 25.20
C ASN C 329 12.27 29.37 24.91
N GLY C 330 12.35 28.08 24.53
CA GLY C 330 11.16 27.25 24.23
C GLY C 330 10.17 27.09 25.38
N LYS C 331 10.73 26.91 26.57
CA LYS C 331 9.87 26.80 27.81
C LYS C 331 9.02 28.07 28.00
N VAL C 332 9.62 29.24 27.84
CA VAL C 332 8.85 30.47 27.92
C VAL C 332 7.74 30.38 26.85
N ALA C 333 8.11 29.97 25.62
CA ALA C 333 7.11 29.92 24.54
C ALA C 333 5.97 28.96 24.88
N GLN C 334 6.32 27.80 25.41
CA GLN C 334 5.26 26.85 25.80
C GLN C 334 4.30 27.52 26.81
N ASN C 335 4.87 28.17 27.83
CA ASN C 335 4.02 28.77 28.90
C ASN C 335 3.11 29.86 28.33
N VAL C 336 3.67 30.74 27.50
CA VAL C 336 2.85 31.86 26.95
C VAL C 336 1.67 31.31 26.18
N LEU C 337 1.91 30.26 25.37
CA LEU C 337 0.84 29.74 24.52
C LEU C 337 -0.23 29.01 25.33
N GLU C 338 0.18 28.34 26.42
CA GLU C 338 -0.83 27.73 27.28
C GLU C 338 -1.78 28.81 27.80
N GLU C 339 -1.33 30.05 27.89
CA GLU C 339 -2.19 31.11 28.44
C GLU C 339 -3.24 31.50 27.42
N VAL C 340 -3.10 31.05 26.18
CA VAL C 340 -4.11 31.33 25.21
C VAL C 340 -4.77 30.02 24.79
N ASN C 341 -4.63 29.01 25.61
CA ASN C 341 -5.33 27.73 25.37
C ASN C 341 -4.80 26.98 24.12
N ILE C 342 -3.54 27.21 23.81
CA ILE C 342 -2.81 26.42 22.78
C ILE C 342 -1.71 25.64 23.48
N THR C 343 -1.79 24.30 23.43
CA THR C 343 -0.75 23.46 24.07
C THR C 343 0.19 22.84 23.03
N LEU C 344 1.47 23.09 23.22
CA LEU C 344 2.55 22.46 22.44
C LEU C 344 3.66 22.14 23.43
N ASN C 345 4.85 21.72 22.97
CA ASN C 345 5.95 21.47 23.89
C ASN C 345 7.21 22.16 23.38
N LYS C 346 7.94 22.68 24.34
CA LYS C 346 9.28 23.13 24.11
C LYS C 346 10.07 21.92 23.55
N ASN C 347 11.12 22.15 22.82
CA ASN C 347 11.79 21.09 22.19
C ASN C 347 13.19 21.57 21.83
N SER C 348 14.18 20.75 22.09
CA SER C 348 15.53 21.01 21.57
C SER C 348 15.47 21.02 20.04
N ILE C 349 16.37 21.78 19.48
CA ILE C 349 16.59 21.88 18.07
C ILE C 349 17.96 21.30 17.84
N PRO C 350 18.32 21.02 16.58
CA PRO C 350 19.59 20.34 16.31
C PRO C 350 20.74 21.19 16.85
N TYR C 351 21.69 20.57 17.53
CA TYR C 351 22.87 21.26 18.06
C TYR C 351 22.44 22.34 19.07
N GLU C 352 21.35 22.05 19.79
CA GLU C 352 20.77 22.82 20.89
C GLU C 352 21.91 23.39 21.75
N GLN C 353 21.96 24.70 21.94
CA GLN C 353 22.98 25.38 22.76
C GLN C 353 22.45 25.69 24.17
N LEU C 354 21.16 25.78 24.38
CA LEU C 354 20.65 26.11 25.69
C LEU C 354 20.42 24.80 26.43
N SER C 355 19.92 24.93 27.65
CA SER C 355 19.75 23.78 28.54
C SER C 355 18.53 22.99 28.09
N PRO C 356 18.59 21.67 28.29
CA PRO C 356 17.53 20.74 27.98
C PRO C 356 16.20 21.16 28.58
N PHE C 357 16.23 21.84 29.73
CA PHE C 357 14.99 22.21 30.42
C PHE C 357 14.42 23.51 29.83
N LYS C 358 15.21 24.24 29.06
CA LYS C 358 14.73 25.50 28.43
C LYS C 358 14.47 25.33 26.92
N THR C 359 15.52 24.98 26.19
CA THR C 359 15.55 24.69 24.75
C THR C 359 15.37 25.96 23.95
N SER C 360 15.78 25.92 22.68
CA SER C 360 15.62 27.05 21.78
C SER C 360 14.32 26.98 20.98
N GLY C 361 13.53 25.90 21.13
CA GLY C 361 12.48 25.68 20.13
C GLY C 361 11.18 25.24 20.72
N ILE C 362 10.19 25.26 19.82
CA ILE C 362 8.92 24.61 20.02
C ILE C 362 8.69 23.57 18.91
N ARG C 363 7.95 22.52 19.22
CA ARG C 363 7.55 21.56 18.26
C ARG C 363 6.03 21.65 18.11
N VAL C 364 5.56 21.75 16.86
CA VAL C 364 4.17 21.89 16.54
C VAL C 364 3.73 20.72 15.70
N GLY C 365 2.54 20.19 15.94
CA GLY C 365 1.98 19.15 15.16
C GLY C 365 0.51 19.38 14.84
N SER C 366 0.08 18.83 13.72
CA SER C 366 -1.22 19.01 13.14
C SER C 366 -2.16 17.84 13.37
N PRO C 367 -1.67 16.69 13.86
CA PRO C 367 -2.72 15.67 13.83
C PRO C 367 -4.01 15.88 14.64
N ALA C 368 -3.88 16.41 15.85
CA ALA C 368 -5.11 16.48 16.72
C ALA C 368 -6.14 17.48 16.15
N ILE C 369 -5.64 18.63 15.66
CA ILE C 369 -6.51 19.64 15.11
C ILE C 369 -7.09 19.14 13.81
N THR C 370 -6.34 18.31 13.09
CA THR C 370 -6.88 17.76 11.88
C THR C 370 -8.02 16.82 12.23
N SER C 371 -7.86 16.03 13.28
CA SER C 371 -8.87 15.06 13.68
C SER C 371 -10.14 15.80 14.18
N ARG C 372 -10.04 17.02 14.64
CA ARG C 372 -11.27 17.77 15.01
C ARG C 372 -11.95 18.40 13.78
N GLY C 373 -11.40 18.25 12.58
CA GLY C 373 -12.01 18.73 11.36
C GLY C 373 -11.39 20.03 10.89
N MET C 374 -10.36 20.52 11.51
CA MET C 374 -9.85 21.77 11.03
C MET C 374 -9.04 21.58 9.72
N GLY C 375 -8.82 22.70 9.02
CA GLY C 375 -8.31 22.69 7.69
C GLY C 375 -7.24 23.72 7.57
N GLU C 376 -6.84 24.08 6.37
CA GLU C 376 -5.64 24.92 6.30
C GLU C 376 -5.91 26.33 6.79
N ALA C 377 -7.12 26.87 6.52
CA ALA C 377 -7.33 28.30 6.95
C ALA C 377 -7.35 28.39 8.49
N GLU C 378 -7.99 27.43 9.13
CA GLU C 378 -7.89 27.30 10.62
C GLU C 378 -6.42 27.15 11.10
N SER C 379 -5.68 26.24 10.43
CA SER C 379 -4.31 25.95 10.81
C SER C 379 -3.49 27.23 10.76
N ARG C 380 -3.68 27.96 9.67
CA ARG C 380 -2.91 29.18 9.49
C ARG C 380 -3.35 30.22 10.54
N GLN C 381 -4.65 30.28 10.81
CA GLN C 381 -5.13 31.23 11.86
C GLN C 381 -4.44 30.90 13.20
N ILE C 382 -4.39 29.61 13.55
CA ILE C 382 -3.82 29.19 14.83
C ILE C 382 -2.37 29.66 14.88
N ALA C 383 -1.65 29.56 13.78
CA ALA C 383 -0.21 29.90 13.85
C ALA C 383 0.02 31.41 13.87
N GLU C 384 -0.83 32.13 13.11
CA GLU C 384 -0.89 33.64 13.20
C GLU C 384 -1.16 34.04 14.67
N TRP C 385 -2.06 33.36 15.39
CA TRP C 385 -2.25 33.65 16.87
C TRP C 385 -1.00 33.31 17.70
N MET C 386 -0.24 32.26 17.34
CA MET C 386 0.92 31.88 18.15
C MET C 386 1.98 32.96 17.96
N VAL C 387 2.14 33.40 16.73
CA VAL C 387 3.09 34.48 16.47
C VAL C 387 2.68 35.73 17.27
N GLU C 388 1.41 36.09 17.22
CA GLU C 388 0.89 37.31 17.90
C GLU C 388 1.11 37.16 19.43
N ALA C 389 0.68 36.04 19.98
CA ALA C 389 0.89 35.76 21.43
C ALA C 389 2.38 35.86 21.78
N LEU C 390 3.29 35.32 21.00
CA LEU C 390 4.67 35.32 21.44
C LEU C 390 5.21 36.74 21.27
N GLU C 391 4.77 37.45 20.26
CA GLU C 391 5.30 38.80 20.04
C GLU C 391 4.74 39.75 21.10
N ASN C 392 3.64 39.39 21.75
CA ASN C 392 2.98 40.22 22.77
C ASN C 392 2.95 39.49 24.12
N HIS C 393 4.03 38.79 24.49
CA HIS C 393 3.95 37.85 25.63
C HIS C 393 3.71 38.61 26.94
N ASP C 394 4.30 39.80 27.03
CA ASP C 394 4.13 40.65 28.20
C ASP C 394 2.90 41.60 28.14
N LYS C 395 1.88 41.32 27.34
CA LYS C 395 0.77 42.25 27.22
C LYS C 395 -0.52 41.48 27.46
N PRO C 396 -0.97 41.41 28.73
CA PRO C 396 -2.11 40.56 29.12
C PRO C 396 -3.45 40.77 28.37
N GLU C 397 -3.70 41.97 27.88
CA GLU C 397 -4.95 42.25 27.15
C GLU C 397 -4.90 41.60 25.76
N VAL C 398 -3.70 41.42 25.20
CA VAL C 398 -3.60 40.75 23.88
C VAL C 398 -3.87 39.25 24.07
N LEU C 399 -3.09 38.63 24.96
CA LEU C 399 -3.31 37.21 25.30
C LEU C 399 -4.79 36.96 25.57
N GLU C 400 -5.44 37.86 26.31
CA GLU C 400 -6.86 37.67 26.66
C GLU C 400 -7.72 37.77 25.41
N ARG C 401 -7.40 38.71 24.53
CA ARG C 401 -8.12 38.77 23.21
C ARG C 401 -7.86 37.47 22.40
N ILE C 402 -6.58 37.07 22.33
CA ILE C 402 -6.29 35.79 21.56
C ILE C 402 -7.06 34.63 22.19
N ARG C 403 -6.99 34.51 23.51
CA ARG C 403 -7.73 33.46 24.22
C ARG C 403 -9.21 33.51 23.84
N GLY C 404 -9.76 34.71 23.75
CA GLY C 404 -11.18 34.84 23.38
C GLY C 404 -11.43 34.37 21.95
N ASP C 405 -10.56 34.84 21.05
CA ASP C 405 -10.60 34.36 19.63
C ASP C 405 -10.51 32.82 19.46
N VAL C 406 -9.68 32.19 20.30
CA VAL C 406 -9.48 30.71 20.29
C VAL C 406 -10.80 30.00 20.64
N LYS C 407 -11.49 30.50 21.69
CA LYS C 407 -12.79 29.91 22.15
C LYS C 407 -13.80 29.85 20.99
N VAL C 408 -13.81 30.89 20.15
CA VAL C 408 -14.73 30.87 19.00
C VAL C 408 -14.32 29.71 18.07
N LEU C 409 -13.01 29.56 17.87
CA LEU C 409 -12.54 28.46 16.98
C LEU C 409 -12.86 27.12 17.61
N THR C 410 -12.60 26.93 18.92
CA THR C 410 -12.84 25.60 19.50
C THR C 410 -14.34 25.28 19.54
N ASP C 411 -15.16 26.32 19.74
CA ASP C 411 -16.63 26.16 19.74
C ASP C 411 -17.08 25.71 18.38
N ALA C 412 -16.45 26.28 17.36
CA ALA C 412 -16.83 25.91 15.99
C ALA C 412 -16.43 24.46 15.64
N PHE C 413 -15.38 23.87 16.25
CA PHE C 413 -14.97 22.48 15.86
C PHE C 413 -15.01 21.56 17.08
N PRO C 414 -16.20 21.11 17.43
CA PRO C 414 -16.35 20.36 18.65
C PRO C 414 -15.49 19.09 18.59
N LEU C 415 -14.97 18.67 19.76
CA LEU C 415 -14.05 17.54 19.84
C LEU C 415 -14.81 16.28 19.48
N TYR C 416 -15.94 16.08 20.13
CA TYR C 416 -16.73 14.90 19.87
C TYR C 416 -18.13 15.34 19.45
N ASP D 7 -23.89 5.71 15.47
CA ASP D 7 -23.60 4.32 15.86
C ASP D 7 -22.42 3.70 15.11
N TYR D 8 -21.34 3.57 15.87
CA TYR D 8 -20.00 3.12 15.41
C TYR D 8 -19.95 1.61 15.11
N LYS D 9 -20.81 0.81 15.72
CA LYS D 9 -20.64 -0.64 15.68
C LYS D 9 -20.94 -1.18 14.30
N ALA D 10 -21.70 -0.43 13.52
CA ALA D 10 -22.10 -0.87 12.19
C ALA D 10 -20.88 -0.91 11.28
N PHE D 11 -20.00 0.07 11.42
CA PHE D 11 -18.77 0.11 10.67
C PHE D 11 -17.99 -1.20 10.86
N ASP D 12 -18.04 -1.86 12.02
CA ASP D 12 -17.10 -2.97 12.26
C ASP D 12 -17.77 -4.11 12.99
N PRO D 13 -18.64 -4.83 12.29
CA PRO D 13 -19.42 -5.90 12.86
C PRO D 13 -18.58 -7.11 13.27
N GLU D 14 -17.55 -7.39 12.52
CA GLU D 14 -16.71 -8.55 12.87
C GLU D 14 -16.13 -8.36 14.30
N LEU D 15 -15.77 -7.13 14.69
CA LEU D 15 -15.11 -6.90 15.99
C LEU D 15 -16.22 -6.87 17.05
N TRP D 16 -17.29 -6.11 16.79
CA TRP D 16 -18.33 -5.93 17.80
C TRP D 16 -19.14 -7.24 18.02
N ASN D 17 -19.35 -8.03 16.97
CA ASN D 17 -19.94 -9.34 17.19
C ASN D 17 -19.04 -10.18 18.08
N ALA D 18 -17.72 -10.09 17.90
CA ALA D 18 -16.82 -11.00 18.66
C ALA D 18 -16.87 -10.67 20.17
N ILE D 19 -17.08 -9.40 20.46
CA ILE D 19 -17.20 -8.87 21.79
C ILE D 19 -18.52 -9.33 22.40
N ASP D 20 -19.64 -9.30 21.64
CA ASP D 20 -20.94 -9.83 22.15
C ASP D 20 -20.72 -11.30 22.46
N ALA D 21 -19.98 -12.00 21.61
CA ALA D 21 -19.71 -13.42 21.86
C ALA D 21 -18.90 -13.63 23.14
N GLU D 22 -18.01 -12.70 23.50
CA GLU D 22 -17.15 -12.96 24.67
C GLU D 22 -17.97 -12.68 25.94
N ALA D 23 -18.82 -11.64 25.90
CA ALA D 23 -19.81 -11.33 27.00
C ALA D 23 -20.72 -12.55 27.27
N GLU D 24 -21.20 -13.18 26.22
CA GLU D 24 -22.06 -14.36 26.34
C GLU D 24 -21.24 -15.53 26.87
N ARG D 25 -20.00 -15.71 26.38
CA ARG D 25 -19.17 -16.82 26.85
C ARG D 25 -18.85 -16.65 28.36
N GLN D 26 -18.68 -15.40 28.79
CA GLN D 26 -18.35 -15.12 30.20
C GLN D 26 -19.63 -15.38 31.02
N GLN D 27 -20.79 -14.97 30.53
CA GLN D 27 -22.06 -15.23 31.19
C GLN D 27 -22.25 -16.75 31.37
N ASN D 28 -21.86 -17.59 30.41
CA ASN D 28 -22.19 -19.05 30.46
C ASN D 28 -21.01 -19.89 30.93
N ASN D 29 -19.99 -19.25 31.47
CA ASN D 29 -18.85 -19.99 32.00
C ASN D 29 -18.83 -19.87 33.54
C ASN D 29 -18.83 -19.87 33.54
N ILE D 30 -18.37 -20.91 34.19
CA ILE D 30 -18.07 -20.85 35.60
C ILE D 30 -16.54 -20.65 35.65
N GLU D 31 -16.14 -19.43 36.01
CA GLU D 31 -14.70 -19.10 36.01
C GLU D 31 -14.03 -19.41 37.36
N LEU D 32 -13.20 -20.45 37.46
CA LEU D 32 -12.45 -20.78 38.69
C LEU D 32 -10.93 -20.53 38.54
N ILE D 33 -10.51 -19.84 37.48
CA ILE D 33 -9.07 -19.53 37.36
C ILE D 33 -8.75 -18.50 38.44
N ALA D 34 -7.80 -18.82 39.31
CA ALA D 34 -7.71 -18.07 40.61
C ALA D 34 -7.39 -16.59 40.39
N SER D 35 -6.67 -16.29 39.29
CA SER D 35 -6.29 -14.92 38.93
C SER D 35 -7.49 -14.15 38.41
N GLU D 36 -8.68 -14.75 38.15
CA GLU D 36 -9.68 -13.93 37.43
C GLU D 36 -10.65 -13.26 38.38
N ASN D 37 -11.26 -12.22 37.85
CA ASN D 37 -12.27 -11.52 38.53
C ASN D 37 -13.25 -10.92 37.52
N VAL D 38 -14.26 -10.28 38.05
CA VAL D 38 -15.28 -9.64 37.29
C VAL D 38 -15.29 -8.19 37.75
N VAL D 39 -14.89 -7.25 36.90
CA VAL D 39 -14.77 -5.84 37.33
C VAL D 39 -16.12 -5.17 37.19
N SER D 40 -16.28 -4.04 37.86
CA SER D 40 -17.53 -3.31 37.87
C SER D 40 -17.69 -2.54 36.57
N LYS D 41 -18.94 -2.16 36.35
CA LYS D 41 -19.29 -1.33 35.25
C LYS D 41 -18.48 -0.04 35.30
N ALA D 42 -18.24 0.50 36.47
CA ALA D 42 -17.57 1.82 36.59
C ALA D 42 -16.07 1.74 36.18
N VAL D 43 -15.43 0.64 36.54
CA VAL D 43 -14.02 0.39 36.19
C VAL D 43 -13.93 0.37 34.66
N MET D 44 -14.74 -0.44 34.00
CA MET D 44 -14.79 -0.54 32.55
C MET D 44 -15.05 0.83 31.95
N ALA D 45 -16.05 1.51 32.45
CA ALA D 45 -16.39 2.82 31.94
C ALA D 45 -15.20 3.78 32.01
N ALA D 46 -14.51 3.81 33.13
CA ALA D 46 -13.33 4.69 33.31
C ALA D 46 -12.28 4.44 32.21
N GLN D 47 -12.00 3.19 31.88
CA GLN D 47 -10.96 2.79 30.89
C GLN D 47 -11.39 3.18 29.47
N GLY D 48 -12.69 3.47 29.29
CA GLY D 48 -13.25 3.83 28.02
C GLY D 48 -13.45 5.33 27.86
N THR D 49 -12.68 6.16 28.54
CA THR D 49 -12.88 7.62 28.47
C THR D 49 -11.81 8.27 27.59
N LEU D 50 -12.02 9.55 27.28
CA LEU D 50 -11.08 10.31 26.47
C LEU D 50 -9.79 10.62 27.23
N LEU D 51 -9.59 10.13 28.45
CA LEU D 51 -8.26 10.33 29.06
C LEU D 51 -7.13 9.65 28.23
N THR D 52 -7.47 8.64 27.41
CA THR D 52 -6.52 7.96 26.46
C THR D 52 -5.86 8.99 25.51
N ASN D 53 -6.49 10.14 25.28
CA ASN D 53 -6.00 11.13 24.36
C ASN D 53 -4.83 11.90 24.99
N LYS D 54 -4.69 11.94 26.32
CA LYS D 54 -3.77 12.91 26.90
C LYS D 54 -2.51 12.18 27.35
N SER D 55 -1.38 12.62 26.83
CA SER D 55 -0.10 12.11 27.22
C SER D 55 0.31 12.77 28.55
N ALA D 56 0.80 11.98 29.49
CA ALA D 56 1.02 12.49 30.85
C ALA D 56 2.40 12.08 31.35
N GLU D 57 3.35 12.01 30.45
CA GLU D 57 4.75 11.72 30.81
C GLU D 57 5.15 12.54 32.04
N GLY D 58 5.81 11.84 32.96
CA GLY D 58 6.29 12.35 34.27
C GLY D 58 5.27 12.04 35.37
N TYR D 59 5.17 12.92 36.37
CA TYR D 59 4.35 12.67 37.61
C TYR D 59 3.57 13.94 37.97
N PRO D 60 2.52 13.81 38.81
CA PRO D 60 1.70 14.98 39.22
C PRO D 60 2.57 16.19 39.61
N GLY D 61 2.17 17.36 39.09
CA GLY D 61 2.94 18.62 39.17
C GLY D 61 4.35 18.55 38.59
N LYS D 62 4.76 17.46 37.96
CA LYS D 62 6.14 17.36 37.39
C LYS D 62 6.10 16.66 36.02
N ARG D 63 5.22 17.18 35.18
CA ARG D 63 4.85 16.60 33.88
C ARG D 63 5.71 17.19 32.76
N TYR D 64 6.08 16.42 31.71
CA TYR D 64 6.83 17.00 30.54
C TYR D 64 5.95 18.06 29.87
N TYR D 65 4.66 17.84 29.81
CA TYR D 65 3.81 18.69 29.04
C TYR D 65 2.80 19.47 29.90
N GLY D 66 2.30 20.58 29.35
CA GLY D 66 1.18 21.28 29.95
C GLY D 66 -0.17 20.66 29.60
N GLY D 67 -1.24 21.33 30.01
CA GLY D 67 -2.60 20.84 29.87
C GLY D 67 -2.89 19.64 30.76
N THR D 68 -2.07 19.45 31.79
CA THR D 68 -2.15 18.25 32.59
C THR D 68 -2.71 18.51 34.02
N ALA D 69 -3.38 19.63 34.25
CA ALA D 69 -3.87 19.93 35.64
C ALA D 69 -4.95 18.92 36.04
N VAL D 70 -5.82 18.55 35.10
CA VAL D 70 -6.93 17.66 35.42
C VAL D 70 -6.45 16.21 35.54
N ILE D 71 -5.65 15.77 34.59
CA ILE D 71 -4.97 14.49 34.68
C ILE D 71 -4.27 14.41 36.05
N ASP D 72 -3.63 15.46 36.54
CA ASP D 72 -2.93 15.35 37.84
C ASP D 72 -3.94 15.05 39.03
N VAL D 73 -5.14 15.61 38.95
CA VAL D 73 -6.18 15.32 39.93
C VAL D 73 -6.47 13.82 39.89
N VAL D 74 -6.65 13.25 38.70
CA VAL D 74 -7.09 11.88 38.58
C VAL D 74 -5.99 10.96 39.09
N GLU D 75 -4.74 11.25 38.74
CA GLU D 75 -3.68 10.32 39.14
C GLU D 75 -3.45 10.47 40.66
N THR D 76 -3.58 11.70 41.15
CA THR D 76 -3.46 11.94 42.64
C THR D 76 -4.56 11.16 43.40
N LEU D 77 -5.79 11.22 42.94
CA LEU D 77 -6.82 10.40 43.57
C LEU D 77 -6.33 8.97 43.66
N ALA D 78 -5.87 8.39 42.56
CA ALA D 78 -5.45 6.98 42.56
C ALA D 78 -4.33 6.76 43.57
N ILE D 79 -3.40 7.70 43.63
CA ILE D 79 -2.21 7.52 44.47
C ILE D 79 -2.66 7.57 45.94
N GLU D 80 -3.52 8.53 46.25
CA GLU D 80 -3.94 8.84 47.66
C GLU D 80 -4.79 7.67 48.17
N ARG D 81 -5.66 7.15 47.31
CA ARG D 81 -6.49 6.02 47.62
C ARG D 81 -5.66 4.75 47.79
N ALA D 82 -4.62 4.56 47.00
CA ALA D 82 -3.77 3.39 47.24
C ALA D 82 -3.12 3.50 48.62
N LYS D 83 -2.64 4.71 48.98
CA LYS D 83 -1.90 4.88 50.22
C LYS D 83 -2.83 4.62 51.42
N LYS D 84 -4.06 5.12 51.30
CA LYS D 84 -5.06 4.99 52.32
C LYS D 84 -5.52 3.53 52.44
N LEU D 85 -5.91 2.93 51.34
CA LEU D 85 -6.32 1.57 51.38
C LEU D 85 -5.20 0.68 51.92
N PHE D 86 -3.94 0.89 51.58
CA PHE D 86 -3.02 -0.14 52.01
C PHE D 86 -2.12 0.37 53.11
N GLY D 87 -2.30 1.63 53.52
CA GLY D 87 -1.54 2.21 54.66
C GLY D 87 -0.07 2.37 54.30
N ALA D 88 0.21 2.82 53.07
CA ALA D 88 1.61 3.04 52.64
C ALA D 88 1.88 4.55 52.57
N LYS D 89 3.11 4.96 52.78
CA LYS D 89 3.33 6.43 52.65
C LYS D 89 3.60 6.84 51.19
N PHE D 90 4.04 5.89 50.32
CA PHE D 90 4.17 6.23 48.87
C PHE D 90 3.59 5.11 48.02
N ALA D 91 2.91 5.58 46.96
CA ALA D 91 2.41 4.74 45.93
C ALA D 91 2.81 5.28 44.54
N ASN D 92 3.06 4.34 43.64
CA ASN D 92 3.19 4.63 42.20
C ASN D 92 2.16 3.80 41.44
N VAL D 93 1.23 4.47 40.76
CA VAL D 93 0.13 3.84 40.04
C VAL D 93 0.41 3.75 38.52
N GLN D 94 1.63 4.04 38.04
CA GLN D 94 1.81 4.11 36.57
C GLN D 94 2.23 2.78 35.91
N PRO D 95 2.71 1.77 36.67
CA PRO D 95 3.15 0.56 35.95
C PRO D 95 2.03 -0.10 35.12
N HIS D 96 2.37 -0.54 33.91
CA HIS D 96 1.36 -0.98 32.98
C HIS D 96 0.89 -2.36 33.37
N SER D 97 1.70 -3.04 34.15
CA SER D 97 1.37 -4.40 34.48
C SER D 97 2.08 -4.77 35.78
N GLY D 98 1.78 -5.95 36.28
CA GLY D 98 2.51 -6.48 37.39
C GLY D 98 3.95 -6.74 37.00
N SER D 99 4.21 -7.09 35.74
CA SER D 99 5.54 -7.48 35.32
C SER D 99 6.44 -6.26 35.34
N GLN D 100 5.91 -5.14 34.87
CA GLN D 100 6.64 -3.85 34.89
C GLN D 100 6.86 -3.35 36.34
N ALA D 101 5.82 -3.47 37.22
CA ALA D 101 6.01 -3.12 38.66
C ALA D 101 7.22 -3.88 39.22
N ASN D 102 7.28 -5.17 38.99
CA ASN D 102 8.34 -5.95 39.57
C ASN D 102 9.68 -5.55 38.95
N ALA D 103 9.67 -5.31 37.64
CA ALA D 103 10.92 -4.93 36.94
C ALA D 103 11.41 -3.61 37.51
N ALA D 104 10.49 -2.69 37.81
CA ALA D 104 10.91 -1.37 38.40
C ALA D 104 11.58 -1.56 39.75
N VAL D 105 11.07 -2.51 40.55
CA VAL D 105 11.63 -2.70 41.86
C VAL D 105 13.02 -3.32 41.75
N TYR D 106 13.21 -4.30 40.89
CA TYR D 106 14.52 -4.90 40.81
C TYR D 106 15.52 -3.84 40.35
N MET D 107 15.09 -3.03 39.37
CA MET D 107 15.91 -1.97 38.80
C MET D 107 16.24 -0.93 39.90
N SER D 108 15.30 -0.70 40.81
CA SER D 108 15.49 0.30 41.88
C SER D 108 16.36 -0.25 43.03
N LEU D 109 16.52 -1.55 43.26
CA LEU D 109 17.11 -2.01 44.53
C LEU D 109 18.36 -2.88 44.34
N ILE D 110 18.53 -3.52 43.18
CA ILE D 110 19.68 -4.43 42.97
C ILE D 110 20.25 -4.14 41.57
N GLN D 111 21.29 -4.83 41.19
CA GLN D 111 21.96 -4.62 39.93
C GLN D 111 21.92 -5.93 39.15
N PRO D 112 22.18 -5.84 37.85
CA PRO D 112 22.23 -7.03 37.04
C PRO D 112 23.24 -8.04 37.59
N GLY D 113 22.88 -9.32 37.53
CA GLY D 113 23.66 -10.42 38.08
C GLY D 113 23.55 -10.59 39.61
N ASP D 114 23.00 -9.65 40.36
CA ASP D 114 22.82 -9.86 41.80
C ASP D 114 21.95 -11.11 42.14
N THR D 115 22.26 -11.77 43.26
CA THR D 115 21.56 -12.98 43.75
C THR D 115 20.21 -12.64 44.41
N VAL D 116 19.15 -13.33 43.97
CA VAL D 116 17.79 -13.02 44.46
C VAL D 116 17.16 -14.32 44.91
N MET D 117 16.37 -14.26 45.96
CA MET D 117 15.66 -15.50 46.40
C MET D 117 14.17 -15.27 46.22
N GLY D 118 13.56 -16.25 45.57
CA GLY D 118 12.15 -16.28 45.35
C GLY D 118 11.57 -17.69 45.50
N MET D 119 10.26 -17.72 45.58
CA MET D 119 9.58 -18.98 45.85
C MET D 119 9.63 -19.80 44.57
N ASP D 120 9.97 -21.08 44.72
CA ASP D 120 10.03 -22.08 43.64
C ASP D 120 8.79 -22.02 42.80
N LEU D 121 8.98 -22.14 41.50
CA LEU D 121 7.93 -21.83 40.54
C LEU D 121 6.89 -22.96 40.59
N SER D 122 7.31 -24.17 41.00
CA SER D 122 6.47 -25.34 41.23
C SER D 122 5.60 -25.21 42.48
N ALA D 123 6.04 -24.40 43.46
CA ALA D 123 5.29 -24.18 44.70
C ALA D 123 4.56 -22.83 44.67
N GLY D 124 4.61 -22.05 43.58
CA GLY D 124 3.78 -20.84 43.56
C GLY D 124 4.51 -19.57 43.16
N GLY D 125 5.84 -19.61 43.00
CA GLY D 125 6.53 -18.36 42.58
C GLY D 125 6.01 -17.91 41.22
N HIS D 126 5.97 -16.62 40.95
CA HIS D 126 5.52 -16.06 39.65
C HIS D 126 6.66 -16.19 38.62
N LEU D 127 6.31 -16.06 37.33
CA LEU D 127 7.31 -16.03 36.23
C LEU D 127 8.33 -14.92 36.48
N THR D 128 7.84 -13.79 36.96
CA THR D 128 8.68 -12.59 37.18
C THR D 128 9.49 -12.72 38.48
N HIS D 129 9.47 -13.90 39.12
CA HIS D 129 10.35 -14.20 40.29
C HIS D 129 11.44 -15.18 39.84
N GLY D 130 11.90 -15.04 38.58
CA GLY D 130 13.17 -15.65 38.16
C GLY D 130 13.03 -16.80 37.18
N ALA D 131 11.85 -17.06 36.56
CA ALA D 131 11.85 -18.10 35.52
C ALA D 131 12.94 -17.76 34.47
N PRO D 132 13.61 -18.77 33.92
CA PRO D 132 14.63 -18.54 32.84
C PRO D 132 14.06 -17.87 31.55
N VAL D 133 12.75 -17.96 31.33
CA VAL D 133 12.16 -17.42 30.12
C VAL D 133 11.69 -15.97 30.37
N SER D 134 11.79 -15.50 31.61
CA SER D 134 11.47 -14.13 31.99
C SER D 134 12.74 -13.28 31.98
N PHE D 135 12.58 -11.96 31.77
CA PHE D 135 13.64 -10.96 31.98
C PHE D 135 14.21 -11.12 33.40
N SER D 136 13.36 -11.58 34.32
CA SER D 136 13.76 -11.63 35.71
C SER D 136 14.91 -12.63 35.83
N GLY D 137 14.68 -13.81 35.29
CA GLY D 137 15.61 -14.90 35.37
C GLY D 137 16.83 -14.66 34.50
N LYS D 138 16.70 -13.86 33.42
CA LYS D 138 17.83 -13.63 32.53
C LYS D 138 18.77 -12.58 33.13
N THR D 139 18.21 -11.61 33.87
CA THR D 139 18.94 -10.44 34.28
C THR D 139 19.62 -10.66 35.65
N TYR D 140 19.00 -11.48 36.53
CA TYR D 140 19.49 -11.65 37.92
C TYR D 140 19.66 -13.14 38.21
N ASN D 141 20.41 -13.45 39.25
CA ASN D 141 20.70 -14.83 39.57
C ASN D 141 19.68 -15.32 40.62
N PHE D 142 18.55 -15.88 40.19
CA PHE D 142 17.45 -16.22 41.15
C PHE D 142 17.81 -17.57 41.77
N VAL D 143 17.75 -17.67 43.07
CA VAL D 143 17.81 -18.97 43.74
C VAL D 143 16.45 -19.21 44.43
N SER D 144 15.84 -20.36 44.28
CA SER D 144 14.48 -20.49 44.78
C SER D 144 14.47 -21.18 46.17
N TYR D 145 13.59 -20.72 47.04
CA TYR D 145 13.24 -21.51 48.24
C TYR D 145 11.90 -22.23 48.00
N ASN D 146 11.77 -23.40 48.62
CA ASN D 146 10.61 -24.24 48.43
C ASN D 146 9.72 -24.24 49.71
N VAL D 147 8.68 -25.08 49.69
CA VAL D 147 7.87 -25.42 50.87
C VAL D 147 8.36 -26.76 51.40
N ASP D 148 7.99 -27.10 52.63
CA ASP D 148 8.50 -28.33 53.26
C ASP D 148 7.79 -29.46 52.51
N LYS D 149 8.52 -30.50 52.17
CA LYS D 149 8.01 -31.63 51.40
C LYS D 149 6.84 -32.33 52.12
N GLU D 150 6.91 -32.57 53.44
CA GLU D 150 5.85 -33.31 54.17
C GLU D 150 4.61 -32.41 54.37
N SER D 151 4.78 -31.20 54.90
CA SER D 151 3.63 -30.31 55.19
C SER D 151 3.16 -29.50 54.00
N GLU D 152 4.01 -29.30 52.99
CA GLU D 152 3.73 -28.34 51.91
C GLU D 152 3.51 -26.92 52.46
N LEU D 153 4.10 -26.59 53.60
CA LEU D 153 4.03 -25.21 54.12
C LEU D 153 5.43 -24.59 54.06
N LEU D 154 5.47 -23.27 54.02
CA LEU D 154 6.71 -22.53 54.23
C LEU D 154 7.24 -22.84 55.64
N ASP D 155 8.53 -23.23 55.70
CA ASP D 155 9.30 -23.51 56.93
C ASP D 155 10.28 -22.36 57.02
N TYR D 156 9.99 -21.40 57.86
CA TYR D 156 10.79 -20.23 57.87
C TYR D 156 12.17 -20.50 58.49
N ASP D 157 12.35 -21.55 59.29
CA ASP D 157 13.70 -21.87 59.77
C ASP D 157 14.55 -22.37 58.59
N ALA D 158 13.98 -23.22 57.73
CA ALA D 158 14.72 -23.77 56.57
C ALA D 158 15.10 -22.62 55.62
N ILE D 159 14.21 -21.64 55.45
CA ILE D 159 14.46 -20.52 54.56
C ILE D 159 15.58 -19.66 55.15
N LEU D 160 15.58 -19.44 56.47
CA LEU D 160 16.64 -18.68 57.10
C LEU D 160 17.99 -19.36 56.83
N ALA D 161 18.05 -20.67 57.03
CA ALA D 161 19.31 -21.39 56.92
C ALA D 161 19.83 -21.30 55.47
N GLN D 162 18.90 -21.35 54.50
CA GLN D 162 19.26 -21.17 53.10
C GLN D 162 19.73 -19.72 52.83
N ALA D 163 19.03 -18.73 53.35
CA ALA D 163 19.40 -17.36 53.07
C ALA D 163 20.82 -17.05 53.59
N LYS D 164 21.16 -17.57 54.75
CA LYS D 164 22.50 -17.38 55.30
C LYS D 164 23.55 -18.05 54.40
N GLU D 165 23.29 -19.21 53.77
CA GLU D 165 24.24 -19.80 52.85
C GLU D 165 24.34 -18.96 51.56
N VAL D 166 23.22 -18.41 51.08
CA VAL D 166 23.13 -17.97 49.67
C VAL D 166 23.52 -16.50 49.60
N ARG D 167 23.12 -15.74 50.62
CA ARG D 167 23.40 -14.32 50.79
C ARG D 167 22.76 -13.50 49.66
N PRO D 168 21.46 -13.66 49.45
CA PRO D 168 20.84 -12.86 48.43
C PRO D 168 20.87 -11.37 48.74
N LYS D 169 20.92 -10.49 47.73
CA LYS D 169 20.67 -9.04 47.96
C LYS D 169 19.17 -8.76 48.16
N LEU D 170 18.34 -9.61 47.59
CA LEU D 170 16.93 -9.35 47.63
C LEU D 170 16.21 -10.67 47.84
N ILE D 171 15.16 -10.61 48.68
CA ILE D 171 14.26 -11.75 48.89
C ILE D 171 12.86 -11.31 48.41
N VAL D 172 12.31 -12.19 47.58
CA VAL D 172 10.97 -11.92 47.06
C VAL D 172 10.01 -12.92 47.69
N ALA D 173 8.96 -12.42 48.29
CA ALA D 173 7.92 -13.32 48.82
C ALA D 173 6.59 -13.02 48.13
N GLY D 174 5.73 -14.03 48.08
CA GLY D 174 4.46 -13.92 47.40
C GLY D 174 4.32 -15.08 46.43
N ALA D 175 3.06 -15.40 46.07
CA ALA D 175 2.80 -16.65 45.37
C ALA D 175 1.46 -16.60 44.64
N SER D 176 1.42 -17.52 43.68
CA SER D 176 0.30 -17.65 42.77
C SER D 176 -0.43 -18.98 43.02
N ALA D 177 0.13 -19.83 43.86
CA ALA D 177 -0.38 -21.20 44.04
C ALA D 177 -0.27 -21.65 45.50
N TYR D 178 -0.17 -20.74 46.45
CA TYR D 178 0.01 -21.11 47.85
C TYR D 178 -1.25 -20.67 48.58
N SER D 179 -1.79 -21.65 49.33
CA SER D 179 -3.17 -21.56 49.89
C SER D 179 -3.18 -20.96 51.30
N ARG D 180 -2.01 -20.91 51.93
CA ARG D 180 -1.90 -20.52 53.35
C ARG D 180 -1.36 -19.11 53.55
N ILE D 181 -1.46 -18.64 54.80
CA ILE D 181 -1.04 -17.29 55.19
C ILE D 181 0.49 -17.22 55.18
N ILE D 182 1.01 -16.27 54.44
CA ILE D 182 2.43 -16.02 54.41
C ILE D 182 2.75 -15.05 55.54
N ASP D 183 3.76 -15.41 56.32
CA ASP D 183 4.19 -14.57 57.46
C ASP D 183 5.24 -13.57 56.98
N PHE D 184 4.80 -12.37 56.70
CA PHE D 184 5.63 -11.33 56.16
C PHE D 184 6.65 -10.85 57.20
N ALA D 185 6.23 -10.77 58.47
CA ALA D 185 7.17 -10.44 59.57
C ALA D 185 8.36 -11.40 59.59
N LYS D 186 8.12 -12.69 59.46
CA LYS D 186 9.22 -13.64 59.46
C LYS D 186 10.11 -13.50 58.21
N PHE D 187 9.52 -13.18 57.03
CA PHE D 187 10.36 -12.92 55.79
C PHE D 187 11.26 -11.70 56.04
N ARG D 188 10.72 -10.66 56.69
CA ARG D 188 11.48 -9.49 57.00
C ARG D 188 12.60 -9.79 58.00
N GLU D 189 12.27 -10.56 59.02
CA GLU D 189 13.24 -10.99 59.97
C GLU D 189 14.31 -11.78 59.22
N ILE D 190 13.93 -12.61 58.24
CA ILE D 190 14.95 -13.38 57.51
C ILE D 190 15.84 -12.44 56.66
N ALA D 191 15.21 -11.39 56.12
CA ALA D 191 15.89 -10.47 55.21
C ALA D 191 16.89 -9.65 56.02
N ASP D 192 16.43 -9.13 57.16
CA ASP D 192 17.31 -8.48 58.13
C ASP D 192 18.50 -9.31 58.61
N ALA D 193 18.35 -10.61 58.77
CA ALA D 193 19.45 -11.40 59.29
C ALA D 193 20.55 -11.55 58.23
N VAL D 194 20.26 -11.30 56.95
CA VAL D 194 21.31 -11.53 55.97
C VAL D 194 21.58 -10.23 55.22
N GLY D 195 20.98 -9.14 55.67
CA GLY D 195 21.17 -7.83 55.06
C GLY D 195 20.50 -7.71 53.69
N ALA D 196 19.49 -8.54 53.38
CA ALA D 196 18.77 -8.45 52.08
C ALA D 196 17.61 -7.46 52.18
N TYR D 197 17.23 -6.91 51.04
CA TYR D 197 15.93 -6.25 50.92
C TYR D 197 14.84 -7.31 50.90
N LEU D 198 13.63 -6.89 51.32
CA LEU D 198 12.44 -7.73 51.16
C LEU D 198 11.46 -7.04 50.21
N MET D 199 11.20 -7.74 49.13
CA MET D 199 10.09 -7.32 48.23
C MET D 199 8.91 -8.30 48.40
N VAL D 200 7.72 -7.78 48.56
CA VAL D 200 6.57 -8.70 48.50
C VAL D 200 5.74 -8.40 47.27
N ASP D 201 5.53 -9.45 46.46
CA ASP D 201 4.57 -9.36 45.37
C ASP D 201 3.21 -9.92 45.91
N MET D 202 2.26 -9.05 46.17
CA MET D 202 1.02 -9.51 46.78
C MET D 202 -0.10 -9.56 45.73
N ALA D 203 0.25 -9.68 44.44
CA ALA D 203 -0.76 -9.51 43.39
C ALA D 203 -1.95 -10.49 43.64
N HIS D 204 -1.68 -11.76 43.94
CA HIS D 204 -2.75 -12.76 44.06
C HIS D 204 -3.70 -12.48 45.25
N ILE D 205 -3.14 -12.01 46.38
CA ILE D 205 -3.88 -11.83 47.64
C ILE D 205 -4.21 -10.38 47.94
N ALA D 206 -4.02 -9.47 47.00
CA ALA D 206 -4.05 -8.05 47.35
C ALA D 206 -5.45 -7.62 47.73
N GLY D 207 -6.47 -8.21 47.10
CA GLY D 207 -7.81 -7.81 47.54
C GLY D 207 -8.13 -8.35 48.95
N LEU D 208 -7.67 -9.53 49.31
CA LEU D 208 -7.76 -10.06 50.71
C LEU D 208 -7.01 -9.11 51.66
N VAL D 209 -5.80 -8.65 51.27
CA VAL D 209 -5.12 -7.71 52.13
C VAL D 209 -6.01 -6.51 52.29
N ALA D 210 -6.54 -6.08 51.22
CA ALA D 210 -7.33 -4.83 51.27
C ALA D 210 -8.63 -4.99 52.09
N SER D 211 -9.25 -6.16 51.98
CA SER D 211 -10.55 -6.47 52.61
C SER D 211 -10.39 -6.76 54.11
N GLY D 212 -9.15 -6.96 54.58
CA GLY D 212 -8.84 -7.21 55.99
C GLY D 212 -8.68 -8.69 56.30
N HIS D 213 -8.55 -9.57 55.29
CA HIS D 213 -8.64 -11.03 55.54
C HIS D 213 -7.33 -11.72 55.24
N HIS D 214 -6.30 -10.94 54.89
CA HIS D 214 -4.89 -11.45 54.91
C HIS D 214 -4.06 -10.35 55.57
N PRO D 215 -3.20 -10.70 56.54
CA PRO D 215 -2.30 -9.69 57.17
C PRO D 215 -1.43 -9.04 56.07
N SER D 216 -1.26 -7.74 56.15
CA SER D 216 -0.64 -6.90 55.12
C SER D 216 0.88 -7.10 55.11
N PRO D 217 1.50 -7.18 53.93
CA PRO D 217 2.95 -7.19 53.87
C PRO D 217 3.50 -5.77 53.99
N VAL D 218 2.67 -4.75 53.86
CA VAL D 218 3.16 -3.41 53.57
C VAL D 218 4.05 -2.87 54.71
N PRO D 219 3.69 -3.14 55.99
CA PRO D 219 4.58 -2.72 57.07
C PRO D 219 5.87 -3.52 57.10
N TYR D 220 5.98 -4.69 56.49
CA TYR D 220 7.21 -5.49 56.69
C TYR D 220 8.15 -5.45 55.46
N ALA D 221 7.60 -5.15 54.28
CA ALA D 221 8.38 -5.21 53.07
C ALA D 221 9.00 -3.82 52.82
N HIS D 222 10.21 -3.83 52.26
CA HIS D 222 10.83 -2.56 51.80
C HIS D 222 9.93 -1.99 50.70
N VAL D 223 9.48 -2.94 49.87
CA VAL D 223 8.62 -2.57 48.76
C VAL D 223 7.57 -3.66 48.57
N THR D 224 6.36 -3.19 48.30
CA THR D 224 5.28 -4.10 47.97
C THR D 224 4.84 -3.84 46.54
N THR D 225 4.74 -4.89 45.75
CA THR D 225 4.11 -4.74 44.41
C THR D 225 2.78 -5.52 44.34
N THR D 226 1.92 -5.05 43.44
CA THR D 226 0.74 -5.79 43.11
C THR D 226 0.24 -5.44 41.70
N THR D 227 -0.64 -6.31 41.20
CA THR D 227 -1.53 -5.94 40.13
C THR D 227 -2.76 -5.28 40.73
N THR D 228 -3.46 -4.54 39.91
CA THR D 228 -4.68 -3.90 40.33
C THR D 228 -5.86 -4.81 39.98
N HIS D 229 -5.61 -5.82 39.13
CA HIS D 229 -6.60 -6.81 38.76
C HIS D 229 -6.35 -8.00 39.68
N LYS D 230 -7.19 -9.02 39.57
CA LYS D 230 -7.19 -10.23 40.38
C LYS D 230 -8.03 -9.96 41.64
N THR D 231 -7.61 -10.39 42.85
CA THR D 231 -8.49 -10.26 44.00
C THR D 231 -8.89 -8.80 44.24
N LEU D 232 -8.07 -7.85 43.84
CA LEU D 232 -8.42 -6.43 44.11
C LEU D 232 -9.53 -5.95 43.18
N ARG D 233 -9.77 -6.68 42.10
CA ARG D 233 -10.98 -6.49 41.26
C ARG D 233 -10.93 -5.17 40.49
N GLY D 234 -9.73 -4.75 40.14
CA GLY D 234 -9.61 -3.51 39.39
C GLY D 234 -9.23 -3.76 37.92
N PRO D 235 -8.86 -2.68 37.24
CA PRO D 235 -8.38 -2.82 35.83
C PRO D 235 -7.01 -3.48 35.79
N ARG D 236 -6.66 -4.05 34.63
CA ARG D 236 -5.34 -4.64 34.43
C ARG D 236 -4.27 -3.55 34.46
N GLY D 237 -3.29 -3.76 35.32
CA GLY D 237 -2.26 -2.76 35.56
C GLY D 237 -1.46 -3.13 36.80
N GLY D 238 -0.54 -2.26 37.15
CA GLY D 238 0.35 -2.53 38.26
C GLY D 238 0.33 -1.39 39.24
N LEU D 239 1.00 -1.62 40.37
CA LEU D 239 0.99 -0.71 41.52
C LEU D 239 2.17 -1.05 42.42
N ILE D 240 2.81 0.00 42.92
CA ILE D 240 3.97 -0.20 43.77
C ILE D 240 3.81 0.63 45.05
N LEU D 241 4.19 0.09 46.20
CA LEU D 241 4.01 0.81 47.50
C LEU D 241 5.31 0.73 48.30
N THR D 242 5.60 1.78 49.05
CA THR D 242 6.73 1.74 49.98
C THR D 242 6.48 2.78 51.06
N ASP D 243 7.11 2.58 52.24
CA ASP D 243 7.13 3.63 53.25
C ASP D 243 8.41 4.47 53.21
N ASP D 244 9.41 3.99 52.48
CA ASP D 244 10.73 4.65 52.49
C ASP D 244 10.89 5.66 51.32
N GLU D 245 11.16 6.90 51.65
CA GLU D 245 11.06 8.01 50.68
C GLU D 245 12.21 7.98 49.64
N ASP D 246 13.34 7.44 50.05
CA ASP D 246 14.46 7.24 49.22
C ASP D 246 14.15 6.13 48.22
N ILE D 247 13.58 5.01 48.68
CA ILE D 247 13.19 3.99 47.74
C ILE D 247 12.09 4.55 46.82
N ALA D 248 11.23 5.39 47.32
CA ALA D 248 10.18 5.88 46.50
C ALA D 248 10.73 6.71 45.32
N LYS D 249 11.84 7.42 45.54
CA LYS D 249 12.39 8.30 44.52
C LYS D 249 13.00 7.45 43.40
N LYS D 250 13.72 6.37 43.74
CA LYS D 250 14.26 5.47 42.79
C LYS D 250 13.14 4.74 42.01
N LEU D 251 12.09 4.28 42.69
CA LEU D 251 11.00 3.50 42.05
C LEU D 251 10.35 4.39 41.01
N ASN D 252 10.15 5.63 41.36
CA ASN D 252 9.45 6.52 40.49
C ASN D 252 10.27 6.71 39.19
N SER D 253 11.61 6.82 39.35
CA SER D 253 12.56 6.98 38.21
C SER D 253 12.65 5.72 37.38
N ALA D 254 12.58 4.57 38.04
CA ALA D 254 12.68 3.31 37.38
C ALA D 254 11.46 3.09 36.48
N VAL D 255 10.28 3.48 36.97
CA VAL D 255 9.09 3.28 36.20
C VAL D 255 9.12 4.16 34.94
N PHE D 256 9.36 5.45 35.17
CA PHE D 256 9.47 6.43 34.13
C PHE D 256 10.57 7.45 34.47
N PRO D 257 11.55 7.66 33.59
CA PRO D 257 11.68 7.09 32.25
C PRO D 257 12.45 5.78 32.18
N GLY D 258 12.64 5.12 33.30
CA GLY D 258 13.46 3.92 33.29
C GLY D 258 12.88 2.81 32.42
N LEU D 259 11.55 2.54 32.43
CA LEU D 259 11.00 1.26 31.86
C LEU D 259 9.86 1.53 30.91
N GLN D 260 9.19 2.66 31.13
CA GLN D 260 7.99 2.99 30.43
C GLN D 260 8.14 4.42 29.93
N GLY D 261 7.21 4.81 29.09
CA GLY D 261 7.00 6.15 28.66
C GLY D 261 5.81 6.71 29.40
N GLY D 262 4.90 7.33 28.70
CA GLY D 262 3.74 7.90 29.32
C GLY D 262 2.80 6.82 29.84
N PRO D 263 2.07 7.14 30.89
CA PRO D 263 1.17 6.14 31.50
C PRO D 263 -0.19 6.14 30.83
N LEU D 264 -0.93 5.07 31.10
CA LEU D 264 -2.28 4.92 30.59
C LEU D 264 -3.25 5.65 31.55
N GLU D 265 -3.50 6.92 31.33
CA GLU D 265 -4.21 7.69 32.35
C GLU D 265 -5.68 7.27 32.45
N HIS D 266 -6.26 6.69 31.42
CA HIS D 266 -7.62 6.16 31.46
C HIS D 266 -7.66 4.91 32.33
N VAL D 267 -6.62 4.09 32.27
CA VAL D 267 -6.52 2.96 33.17
C VAL D 267 -6.27 3.46 34.60
N ILE D 268 -5.47 4.48 34.79
CA ILE D 268 -5.25 5.00 36.12
C ILE D 268 -6.57 5.54 36.71
N ALA D 269 -7.41 6.22 35.93
CA ALA D 269 -8.74 6.57 36.37
C ALA D 269 -9.48 5.30 36.84
N ALA D 270 -9.41 4.23 36.07
CA ALA D 270 -10.03 3.01 36.49
C ALA D 270 -9.40 2.47 37.77
N LYS D 271 -8.10 2.67 37.98
CA LYS D 271 -7.51 2.20 39.24
C LYS D 271 -8.11 3.00 40.40
N ALA D 272 -8.28 4.30 40.21
CA ALA D 272 -8.85 5.14 41.22
C ALA D 272 -10.25 4.65 41.59
N VAL D 273 -11.04 4.30 40.58
CA VAL D 273 -12.39 3.77 40.76
C VAL D 273 -12.32 2.50 41.58
N ALA D 274 -11.46 1.56 41.22
CA ALA D 274 -11.43 0.29 41.87
C ALA D 274 -10.97 0.41 43.32
N LEU D 275 -10.08 1.36 43.62
CA LEU D 275 -9.56 1.46 44.96
C LEU D 275 -10.62 2.07 45.92
N LYS D 276 -11.45 2.98 45.43
CA LYS D 276 -12.59 3.52 46.17
C LYS D 276 -13.57 2.38 46.45
N GLU D 277 -13.80 1.52 45.46
CA GLU D 277 -14.65 0.35 45.66
C GLU D 277 -14.03 -0.51 46.75
N ALA D 278 -12.70 -0.56 46.85
CA ALA D 278 -12.14 -1.48 47.82
C ALA D 278 -12.14 -0.86 49.24
N LEU D 279 -12.18 0.47 49.30
CA LEU D 279 -12.32 1.24 50.54
C LEU D 279 -13.74 1.12 51.10
N ASP D 280 -14.75 0.70 50.33
CA ASP D 280 -16.12 0.55 50.81
C ASP D 280 -16.30 -0.68 51.71
N PRO D 281 -17.23 -0.58 52.71
CA PRO D 281 -17.55 -1.73 53.62
C PRO D 281 -18.01 -2.98 52.85
N ALA D 282 -18.67 -2.82 51.71
CA ALA D 282 -19.07 -3.96 50.89
C ALA D 282 -17.86 -4.83 50.51
N PHE D 283 -16.69 -4.21 50.39
CA PHE D 283 -15.51 -4.94 49.89
C PHE D 283 -15.08 -5.93 50.96
N LYS D 284 -15.25 -5.55 52.22
CA LYS D 284 -14.93 -6.44 53.37
C LYS D 284 -15.77 -7.72 53.32
N GLU D 285 -17.04 -7.53 53.01
CA GLU D 285 -17.96 -8.64 52.83
C GLU D 285 -17.46 -9.48 51.66
N TYR D 286 -17.06 -8.82 50.57
CA TYR D 286 -16.62 -9.63 49.37
C TYR D 286 -15.47 -10.56 49.80
N GLY D 287 -14.48 -9.97 50.43
CA GLY D 287 -13.28 -10.73 50.82
C GLY D 287 -13.56 -11.90 51.77
N GLU D 288 -14.43 -11.68 52.75
CA GLU D 288 -14.95 -12.79 53.67
C GLU D 288 -15.55 -13.93 52.83
N ASN D 289 -16.37 -13.50 51.86
CA ASN D 289 -17.03 -14.50 51.00
C ASN D 289 -16.02 -15.26 50.13
N VAL D 290 -14.99 -14.56 49.66
CA VAL D 290 -13.99 -15.20 48.85
C VAL D 290 -13.37 -16.32 49.66
N ILE D 291 -13.07 -16.01 50.92
CA ILE D 291 -12.37 -16.91 51.83
C ILE D 291 -13.23 -18.17 52.08
N LYS D 292 -14.48 -17.93 52.38
CA LYS D 292 -15.48 -19.01 52.73
C LYS D 292 -15.77 -19.92 51.54
N ASN D 293 -16.00 -19.30 50.35
CA ASN D 293 -16.28 -20.04 49.10
C ASN D 293 -15.10 -20.97 48.81
N ALA D 294 -13.87 -20.45 48.96
CA ALA D 294 -12.76 -21.30 48.63
C ALA D 294 -12.65 -22.43 49.62
N ALA D 295 -12.76 -22.11 50.93
CA ALA D 295 -12.73 -23.19 52.02
C ALA D 295 -13.78 -24.30 51.75
N ALA D 296 -14.96 -23.88 51.32
CA ALA D 296 -16.05 -24.84 51.05
C ALA D 296 -15.66 -25.82 49.92
N MET D 297 -15.19 -25.26 48.81
CA MET D 297 -14.79 -26.11 47.68
C MET D 297 -13.65 -27.00 48.13
N ALA D 298 -12.70 -26.46 48.85
CA ALA D 298 -11.57 -27.31 49.26
C ALA D 298 -12.10 -28.48 50.14
N ASP D 299 -13.09 -28.16 50.98
CA ASP D 299 -13.59 -29.19 51.93
C ASP D 299 -14.19 -30.43 51.14
N VAL D 300 -14.91 -30.16 50.04
CA VAL D 300 -15.41 -31.23 49.17
C VAL D 300 -14.26 -32.13 48.72
N PHE D 301 -13.11 -31.58 48.29
CA PHE D 301 -12.01 -32.45 47.80
C PHE D 301 -11.29 -33.13 48.98
N ASN D 302 -11.29 -32.45 50.11
CA ASN D 302 -10.67 -33.05 51.30
C ASN D 302 -11.44 -34.33 51.67
N GLN D 303 -12.77 -34.23 51.62
CA GLN D 303 -13.70 -35.32 52.06
C GLN D 303 -13.55 -36.51 51.11
N HIS D 304 -13.30 -36.22 49.85
CA HIS D 304 -13.25 -37.27 48.88
C HIS D 304 -11.88 -37.98 48.95
N PRO D 305 -11.92 -39.34 49.03
CA PRO D 305 -10.75 -40.22 49.22
C PRO D 305 -9.80 -40.25 48.01
N ASP D 306 -10.34 -39.92 46.84
CA ASP D 306 -9.62 -39.94 45.57
C ASP D 306 -8.76 -38.67 45.26
N PHE D 307 -8.98 -37.58 46.00
CA PHE D 307 -8.38 -36.27 45.77
C PHE D 307 -7.64 -35.83 47.04
N ARG D 308 -6.42 -35.32 46.86
CA ARG D 308 -5.65 -34.66 47.95
C ARG D 308 -5.55 -33.14 47.74
N VAL D 309 -5.99 -32.33 48.70
CA VAL D 309 -5.79 -30.86 48.62
C VAL D 309 -4.39 -30.54 49.14
N ILE D 310 -3.60 -29.77 48.33
CA ILE D 310 -2.19 -29.46 48.72
C ILE D 310 -2.22 -28.63 50.02
N SER D 311 -1.39 -29.01 51.00
CA SER D 311 -1.35 -28.37 52.37
C SER D 311 -2.59 -28.75 53.19
N GLY D 312 -3.42 -29.63 52.68
CA GLY D 312 -4.63 -30.10 53.36
C GLY D 312 -5.74 -29.06 53.36
N GLY D 313 -5.62 -27.97 52.61
CA GLY D 313 -6.67 -26.93 52.77
C GLY D 313 -6.22 -25.55 52.30
N THR D 314 -6.98 -24.54 52.65
CA THR D 314 -6.70 -23.20 52.27
C THR D 314 -7.08 -22.22 53.37
N ASN D 315 -6.40 -21.08 53.46
CA ASN D 315 -6.85 -19.94 54.26
C ASN D 315 -7.02 -18.70 53.36
N ASN D 316 -6.88 -18.80 52.03
CA ASN D 316 -7.07 -17.63 51.15
C ASN D 316 -8.09 -17.99 50.07
N HIS D 317 -7.86 -17.51 48.82
CA HIS D 317 -8.85 -17.53 47.73
C HIS D 317 -8.63 -18.77 46.85
N LEU D 318 -7.68 -19.62 47.15
CA LEU D 318 -7.42 -20.67 46.19
C LEU D 318 -6.93 -21.92 46.88
N PHE D 319 -6.85 -22.99 46.09
CA PHE D 319 -6.15 -24.21 46.48
C PHE D 319 -5.79 -25.05 45.25
N LEU D 320 -4.90 -26.00 45.48
CA LEU D 320 -4.53 -26.98 44.51
C LEU D 320 -5.06 -28.35 44.94
N VAL D 321 -5.46 -29.12 43.91
CA VAL D 321 -5.85 -30.54 44.05
C VAL D 321 -4.93 -31.44 43.21
N ASP D 322 -4.21 -32.37 43.83
CA ASP D 322 -3.69 -33.50 43.11
C ASP D 322 -4.81 -34.45 42.57
N VAL D 323 -4.86 -34.60 41.25
CA VAL D 323 -5.95 -35.26 40.56
C VAL D 323 -5.44 -36.58 39.99
N THR D 324 -4.22 -36.99 40.29
CA THR D 324 -3.60 -38.04 39.53
C THR D 324 -4.19 -39.40 39.91
N LYS D 325 -4.92 -39.50 41.01
CA LYS D 325 -5.63 -40.75 41.28
C LYS D 325 -6.81 -40.93 40.33
N VAL D 326 -7.40 -39.84 39.83
CA VAL D 326 -8.69 -39.91 39.14
C VAL D 326 -8.50 -39.77 37.63
N VAL D 327 -7.65 -38.85 37.16
CA VAL D 327 -7.29 -38.77 35.72
C VAL D 327 -5.78 -38.71 35.62
N GLU D 328 -5.25 -38.69 34.41
CA GLU D 328 -3.84 -39.00 34.22
C GLU D 328 -2.98 -37.83 34.76
N ASN D 329 -3.49 -36.60 34.63
CA ASN D 329 -2.71 -35.39 34.93
C ASN D 329 -3.63 -34.17 34.88
N GLY D 330 -3.06 -33.02 35.28
CA GLY D 330 -3.83 -31.77 35.40
C GLY D 330 -4.36 -31.23 34.08
N LYS D 331 -3.65 -31.49 32.98
CA LYS D 331 -4.13 -31.03 31.64
C LYS D 331 -5.45 -31.74 31.29
N VAL D 332 -5.49 -33.06 31.48
CA VAL D 332 -6.74 -33.81 31.22
C VAL D 332 -7.86 -33.18 32.02
N ALA D 333 -7.56 -32.94 33.30
CA ALA D 333 -8.55 -32.44 34.23
C ALA D 333 -9.13 -31.11 33.77
N GLN D 334 -8.23 -30.23 33.29
CA GLN D 334 -8.62 -28.89 32.77
C GLN D 334 -9.54 -29.06 31.55
N ASN D 335 -9.14 -29.99 30.67
CA ASN D 335 -9.86 -30.31 29.40
C ASN D 335 -11.26 -30.82 29.71
N VAL D 336 -11.31 -31.86 30.56
CA VAL D 336 -12.58 -32.44 31.01
C VAL D 336 -13.50 -31.35 31.56
N LEU D 337 -12.99 -30.45 32.42
CA LEU D 337 -13.90 -29.50 33.07
C LEU D 337 -14.36 -28.45 32.06
N GLU D 338 -13.52 -28.19 31.07
CA GLU D 338 -13.92 -27.25 30.04
C GLU D 338 -15.19 -27.73 29.30
N GLU D 339 -15.47 -29.06 29.19
CA GLU D 339 -16.73 -29.54 28.50
C GLU D 339 -17.99 -29.20 29.33
N VAL D 340 -17.82 -29.05 30.64
CA VAL D 340 -18.97 -28.77 31.49
C VAL D 340 -19.02 -27.28 31.83
N ASN D 341 -18.32 -26.44 31.06
CA ASN D 341 -18.30 -24.98 31.18
C ASN D 341 -17.66 -24.52 32.52
N ILE D 342 -16.65 -25.24 32.96
CA ILE D 342 -15.87 -24.85 34.14
C ILE D 342 -14.40 -24.66 33.72
N THR D 343 -13.92 -23.42 33.77
CA THR D 343 -12.49 -23.15 33.46
C THR D 343 -11.69 -22.99 34.74
N LEU D 344 -10.66 -23.80 34.83
CA LEU D 344 -9.65 -23.58 35.79
C LEU D 344 -8.31 -23.88 35.10
N ASN D 345 -7.21 -24.04 35.82
CA ASN D 345 -5.99 -24.31 35.08
C ASN D 345 -5.25 -25.44 35.76
N LYS D 346 -4.64 -26.27 34.95
CA LYS D 346 -3.73 -27.28 35.40
C LYS D 346 -2.64 -26.56 36.19
N ASN D 347 -1.84 -27.25 36.95
CA ASN D 347 -0.95 -26.53 37.82
C ASN D 347 0.00 -27.49 38.52
N SER D 348 1.28 -27.16 38.47
CA SER D 348 2.27 -27.95 39.19
C SER D 348 1.90 -27.99 40.69
N ILE D 349 2.29 -29.07 41.35
CA ILE D 349 2.17 -29.16 42.79
C ILE D 349 3.57 -29.14 43.35
N PRO D 350 3.68 -28.94 44.67
CA PRO D 350 5.01 -28.93 45.21
C PRO D 350 5.73 -30.22 44.85
N TYR D 351 7.01 -30.11 44.50
CA TYR D 351 7.85 -31.27 44.20
C TYR D 351 7.26 -32.08 43.03
N GLU D 352 6.55 -31.39 42.13
CA GLU D 352 5.96 -31.97 40.90
C GLU D 352 6.88 -33.03 40.28
N GLN D 353 6.26 -34.09 39.81
CA GLN D 353 7.02 -35.21 39.26
C GLN D 353 6.76 -35.31 37.76
N LEU D 354 5.65 -34.80 37.23
CA LEU D 354 5.36 -34.95 35.80
C LEU D 354 5.85 -33.69 35.06
N SER D 355 5.67 -33.67 33.74
CA SER D 355 6.17 -32.54 32.96
C SER D 355 5.34 -31.28 33.29
N PRO D 356 5.95 -30.09 33.15
CA PRO D 356 5.24 -28.82 33.33
C PRO D 356 4.07 -28.65 32.35
N PHE D 357 4.08 -29.38 31.24
CA PHE D 357 2.98 -29.23 30.28
C PHE D 357 1.80 -30.09 30.75
N LYS D 358 2.01 -31.02 31.67
CA LYS D 358 0.93 -31.92 32.13
C LYS D 358 0.54 -31.65 33.59
N THR D 359 1.48 -31.83 34.53
CA THR D 359 1.31 -31.48 35.99
C THR D 359 0.42 -32.52 36.70
N SER D 360 0.50 -32.54 38.02
CA SER D 360 -0.37 -33.41 38.83
C SER D 360 -1.62 -32.66 39.28
N GLY D 361 -1.78 -31.38 39.02
CA GLY D 361 -2.70 -30.61 39.83
C GLY D 361 -3.67 -29.79 39.04
N ILE D 362 -4.69 -29.33 39.72
CA ILE D 362 -5.48 -28.25 39.21
C ILE D 362 -5.45 -27.19 40.29
N ARG D 363 -5.69 -25.95 39.89
CA ARG D 363 -5.71 -24.87 40.82
C ARG D 363 -7.10 -24.27 40.75
N VAL D 364 -7.73 -24.04 41.90
CA VAL D 364 -9.09 -23.54 41.93
C VAL D 364 -9.11 -22.24 42.72
N GLY D 365 -9.92 -21.31 42.31
CA GLY D 365 -10.12 -20.12 43.10
C GLY D 365 -11.54 -19.59 43.02
N SER D 366 -11.90 -18.81 44.03
CA SER D 366 -13.24 -18.39 44.32
C SER D 366 -13.58 -16.95 43.94
N PRO D 367 -12.59 -16.13 43.56
CA PRO D 367 -12.97 -14.73 43.40
C PRO D 367 -14.05 -14.38 42.37
N ALA D 368 -13.99 -15.03 41.22
CA ALA D 368 -14.91 -14.65 40.15
C ALA D 368 -16.33 -15.14 40.49
N ILE D 369 -16.45 -16.39 40.96
CA ILE D 369 -17.82 -16.84 41.32
C ILE D 369 -18.35 -15.98 42.48
N THR D 370 -17.46 -15.59 43.41
CA THR D 370 -17.88 -14.76 44.52
C THR D 370 -18.36 -13.40 44.01
N SER D 371 -17.73 -12.83 42.99
CA SER D 371 -18.13 -11.51 42.54
C SER D 371 -19.47 -11.61 41.80
N ARG D 372 -19.85 -12.81 41.33
CA ARG D 372 -21.21 -13.02 40.76
C ARG D 372 -22.32 -13.23 41.84
N GLY D 373 -21.98 -13.30 43.12
CA GLY D 373 -22.98 -13.37 44.16
C GLY D 373 -23.07 -14.76 44.75
N MET D 374 -22.27 -15.72 44.30
CA MET D 374 -22.40 -17.05 44.83
C MET D 374 -21.83 -17.19 46.26
N GLY D 375 -22.46 -18.11 47.01
CA GLY D 375 -22.20 -18.39 48.40
C GLY D 375 -21.60 -19.77 48.58
N GLU D 376 -21.52 -20.22 49.84
CA GLU D 376 -20.90 -21.54 50.13
C GLU D 376 -21.70 -22.71 49.52
N ALA D 377 -23.02 -22.53 49.37
CA ALA D 377 -23.88 -23.63 48.85
C ALA D 377 -23.49 -23.93 47.40
N GLU D 378 -23.57 -22.88 46.57
CA GLU D 378 -23.13 -22.90 45.14
C GLU D 378 -21.68 -23.40 45.00
N SER D 379 -20.78 -22.87 45.84
CA SER D 379 -19.38 -23.23 45.78
C SER D 379 -19.22 -24.72 46.02
N ARG D 380 -19.93 -25.20 47.04
CA ARG D 380 -19.90 -26.64 47.35
C ARG D 380 -20.46 -27.41 46.14
N GLN D 381 -21.56 -26.92 45.58
CA GLN D 381 -22.19 -27.58 44.42
C GLN D 381 -21.19 -27.65 43.25
N ILE D 382 -20.47 -26.56 43.00
CA ILE D 382 -19.54 -26.53 41.85
C ILE D 382 -18.46 -27.58 42.04
N ALA D 383 -17.97 -27.74 43.27
CA ALA D 383 -16.93 -28.75 43.52
C ALA D 383 -17.50 -30.17 43.44
N GLU D 384 -18.79 -30.33 43.75
CA GLU D 384 -19.46 -31.65 43.55
C GLU D 384 -19.43 -31.98 42.03
N TRP D 385 -19.93 -31.07 41.18
CA TRP D 385 -19.82 -31.21 39.70
C TRP D 385 -18.38 -31.46 39.26
N MET D 386 -17.38 -30.87 39.92
CA MET D 386 -16.02 -31.11 39.44
C MET D 386 -15.60 -32.55 39.75
N VAL D 387 -15.92 -33.01 40.96
CA VAL D 387 -15.57 -34.39 41.33
C VAL D 387 -16.30 -35.35 40.37
N GLU D 388 -17.57 -35.07 40.12
CA GLU D 388 -18.41 -35.95 39.33
C GLU D 388 -17.89 -36.03 37.88
N ALA D 389 -17.53 -34.87 37.32
CA ALA D 389 -17.08 -34.79 35.91
C ALA D 389 -15.74 -35.53 35.73
N LEU D 390 -14.86 -35.46 36.71
CA LEU D 390 -13.59 -36.11 36.57
C LEU D 390 -13.72 -37.61 36.81
N GLU D 391 -14.68 -37.98 37.66
CA GLU D 391 -15.02 -39.39 37.95
C GLU D 391 -15.59 -40.01 36.68
N ASN D 392 -16.40 -39.24 35.97
CA ASN D 392 -17.06 -39.64 34.75
C ASN D 392 -16.48 -38.92 33.52
N HIS D 393 -15.15 -38.88 33.39
CA HIS D 393 -14.55 -38.14 32.25
C HIS D 393 -14.88 -38.78 30.91
N ASP D 394 -15.00 -40.11 30.89
CA ASP D 394 -15.27 -40.83 29.67
C ASP D 394 -16.74 -41.26 29.57
N LYS D 395 -17.68 -40.46 30.07
CA LYS D 395 -19.08 -40.84 30.03
C LYS D 395 -19.93 -39.66 29.54
N PRO D 396 -19.83 -39.34 28.24
CA PRO D 396 -20.39 -38.16 27.57
C PRO D 396 -21.79 -37.72 27.99
N GLU D 397 -22.64 -38.68 28.28
CA GLU D 397 -24.01 -38.33 28.65
C GLU D 397 -24.02 -37.72 30.07
N VAL D 398 -23.08 -38.11 30.97
CA VAL D 398 -22.97 -37.50 32.37
C VAL D 398 -22.56 -36.02 32.28
N LEU D 399 -21.46 -35.76 31.55
CA LEU D 399 -20.90 -34.40 31.31
C LEU D 399 -21.97 -33.50 30.71
N GLU D 400 -22.73 -34.10 29.80
CA GLU D 400 -23.85 -33.43 29.14
C GLU D 400 -24.82 -32.89 30.22
N ARG D 401 -25.13 -33.76 31.19
CA ARG D 401 -26.10 -33.46 32.29
C ARG D 401 -25.45 -32.38 33.17
N ILE D 402 -24.16 -32.58 33.47
CA ILE D 402 -23.47 -31.59 34.33
C ILE D 402 -23.56 -30.22 33.66
N ARG D 403 -23.28 -30.15 32.35
CA ARG D 403 -23.31 -28.88 31.59
C ARG D 403 -24.69 -28.23 31.71
N GLY D 404 -25.77 -29.02 31.67
CA GLY D 404 -27.14 -28.43 31.78
C GLY D 404 -27.39 -27.87 33.17
N ASP D 405 -26.92 -28.61 34.17
CA ASP D 405 -26.98 -28.15 35.57
C ASP D 405 -26.16 -26.85 35.82
N VAL D 406 -24.95 -26.84 35.28
CA VAL D 406 -24.10 -25.64 35.30
C VAL D 406 -24.85 -24.51 34.64
N LYS D 407 -25.50 -24.76 33.51
CA LYS D 407 -26.22 -23.66 32.87
C LYS D 407 -27.32 -23.11 33.80
N VAL D 408 -27.99 -23.98 34.59
CA VAL D 408 -29.04 -23.47 35.47
C VAL D 408 -28.41 -22.47 36.44
N LEU D 409 -27.29 -22.89 37.04
CA LEU D 409 -26.57 -22.01 38.01
C LEU D 409 -26.13 -20.70 37.31
N THR D 410 -25.58 -20.75 36.10
CA THR D 410 -25.05 -19.48 35.52
C THR D 410 -26.20 -18.50 35.27
N ASP D 411 -27.34 -18.97 34.74
CA ASP D 411 -28.55 -18.13 34.60
C ASP D 411 -28.99 -17.52 35.94
N ALA D 412 -28.91 -18.32 36.99
CA ALA D 412 -29.33 -17.92 38.33
C ALA D 412 -28.37 -16.88 38.94
N PHE D 413 -27.15 -16.68 38.41
CA PHE D 413 -26.22 -15.62 38.92
C PHE D 413 -25.63 -14.82 37.74
N PRO D 414 -26.43 -13.94 37.13
CA PRO D 414 -25.98 -13.21 35.95
C PRO D 414 -24.65 -12.47 36.22
N LEU D 415 -23.88 -12.23 35.16
CA LEU D 415 -22.58 -11.58 35.24
C LEU D 415 -22.75 -10.08 35.48
N TYR D 416 -23.63 -9.35 34.78
CA TYR D 416 -23.65 -7.86 34.92
C TYR D 416 -25.09 -7.36 35.13
#